data_7QHH
#
_entry.id   7QHH
#
_cell.length_a   1.00
_cell.length_b   1.00
_cell.length_c   1.00
_cell.angle_alpha   90.00
_cell.angle_beta   90.00
_cell.angle_gamma   90.00
#
_symmetry.space_group_name_H-M   'P 1'
#
loop_
_entity.id
_entity.type
_entity.pdbx_description
1 polymer 'Isoform Flip of Glutamate receptor 1'
2 polymer 'Isoform Flip of Glutamate receptor 2'
3 polymer 'Voltage-dependent calcium channel gamma-8 subunit'
4 non-polymer 'GLUTAMIC ACID'
5 non-polymer 'PALMITOLEIC ACID'
6 non-polymer '(2R)-2,3-dihydroxypropyl (9Z)-octadec-9-enoate'
7 non-polymer '(2S)-2,3-dihydroxypropyl (7Z)-hexadec-7-enoate'
#
loop_
_entity_poly.entity_id
_entity_poly.type
_entity_poly.pdbx_seq_one_letter_code
_entity_poly.pdbx_strand_id
1 'polypeptide(L)'
;MPYIFAFFCTGFLGAVVGADYKDDDDKNFPNNIQIGGLFPNQQSQEHAAFRFALSQLTEPPKLLPQIDIVNISDSFEMTY
RFCSQFSKGVYAIFGFYERRTVNMLTSFCGALHVCFITPSFPVDTSNQFVLQLRPELQEALISIIDHYKWQTFVYIYDAD
RGLSVLQRVLDTAAEKNWQVTAVNILTTTEEGYRMLFQDLEKKKERLVVVDCESERLNAILGQIVKLEKNGIGYHYILAN
LGFMDIDLNKFKESGANVTGFQLVNYTDTIPARIMQQWRTSDSRDHTRVDWKRPKYTSALTYDGVKVMAEAFQSLRRQRI
DISRRGNAGDCLANPAVPWGQGIDIQRALQQVRFEGLTGNVQFNEKGRRTNYTLHVIEMKHDGIRKIGYWNEDDKFVPAA
TDAQAGGDNSSVQNRTYIVTTILEDPYVMLKKNANQFEGNDRYEGYCVELAAEIAKHVGYSYRLEIVSDGKYGARDPDTK
AWNGMVGELVYGRADVAVAPLTITLVREEVIDFSKPFMSLGISIMIKKPQKSKPGVFSFLDPLAYEIWMCIVFAYIGVSV
VLFLVSRFSPYEWHSEEFEEGRDQTTSDQSNEFGIFNSLWFSLGAFMQQGCDISPRSLSGRIVGGVWWFFTLIIISSYTA
NLAAFLTVERMVSPIESAEDLAKQTEIAYGTLEAGSTKEFFRRSKIAVFEKMWTYMKSAEPSVFVRTTEEGMIRVRKSKG
KYAYLLESTMNEYIEQRKPCDTMKVGGNLDSKGYGIATPKGSALRGPVNLAVLKLSEQGVLDKLKSKWWYDKGECGSKDS
GSKDKTSALSLSNVAGVFYILIGGLGLAMLVALIEFCYKSRSESKRMKGFCLIPQQSINEAIRTSTLPRNSGAGASGGGG
SGENGRVVSQDFPKSMQSIPCMSHSSGMPLGATGL
;
A,C
2 'polypeptide(L)'
;MQKIMHISVLLSPVLWGLIFGVSSNSIQIGGLFPRGADQEYSAFRVGMVQFSTSEFRLTPHIDNLEVANSFAVTNAFCSQ
FSRGVYAIFGFYDKKSVNTITSFCGTLHVSFITPSFPTDGTHPFVIQMRPDLKGALLSLIEYYQWDKFAYLYDSDRGLST
LQAVLDSAAEKKWQVTAINVGNINNDKKDETYRSLFQDLELKKERRVILDCERDKVNDIVDQVITIGKHVKGYHYIIANL
GFTDGDLLKIQFGGANVSGFQIVDYDDSLVSKFIERWSTLEEKEYPGAHTATIKYTSALTYDAVQVMTEAFRNLRKQRIE
ISRRGNAGDCLANPAVPWGQGVEIERALKQVQVEGLSGNIKFDQNGKRINYTINIMELKTNGPRKIGYWSEVDKMVVTLT
ELPSGNDTSGLENKTVVVTTILESPYVMMKKNHEMLEGNERYEGYCVDLAAEIAKHCGFKYKLTIVGDGKYGARDADTKI
WNGMVGELVYGKADIAIAPLTITLVREEVIDFSKPFMSLGISIMIKKPQKSKPGVFSFLDPLAYEIWMCIVFAYIGVSVV
LFLVSRFSPYEWHTEEFEDGRETQSSESTNEFGIFNSLWFSLGAFMRQGCDISPRSLSGRIVGGVWWFFTLIIISSYTAN
LAAFLTVERMVSPIESAEDLSKQTEIAYGTLDSGSTKEFFRRSKIAVFDKMWTYMRSAEPSVFVRTTAEGVARVRKSKGK
YAYLLESTMNEYIEQRKPCDTMKVGGNLDSKGYGIATPKGSSLGTPVNLAVLKLSEQGVLDKLKNKWWYDKGECGAKDSG
SKEKTSALSLSNVAGVFYILVGGLGLAMLVALIEFCYKSRAEAKRMKVAKNPQNINPSSS
;
B,D
3 'polypeptide(L)'
;GESLKRWNEERGLWCEKGVQVLLTTIGAFAAFGLMTIAISTDYWLYTRALICNTTNLTAGDDGPPHRGGSGSSEKKDPGG
LTHSGLWRICCLEGLKRGVCVKINHFPEDTDYDHDSAEYLLRVVRASSIFPILSAILLLLGGVCVAASRVYKSKRNIILG
AGILFVAAGLSNIIGVIVYISANAGEPGPKRDEEKKNHYSYGWSFYFGGLSFILAEVIGVLAVNIYIERSREAHCQSRSD
LLKAGGGAGGSGGSGPSAILRLPSYRFRYRRRSRSSSRGSSEASPSRDASPGGPGGPGFASTDISMYTLSRDPSKGSVAA
GLASAGGGGGGAGVGAYGGAAGAAGGGGTGSERDRGSSAGFLTLHNAFPKEAASGVTVTVTGPPAAPAPAPPAPAAPAPG
TLSKEAAASNTNTLNRKLEVLFQ
;
J,I
#
# COMPACT_ATOMS: atom_id res chain seq x y z
N THR A 416 -49.82 -23.97 35.02
CA THR A 416 -49.29 -23.06 33.96
C THR A 416 -48.04 -22.34 34.50
N TYR A 417 -46.95 -22.37 33.74
CA TYR A 417 -45.69 -21.63 34.03
C TYR A 417 -45.58 -20.50 33.00
N ILE A 418 -45.58 -19.24 33.47
CA ILE A 418 -45.29 -18.05 32.61
C ILE A 418 -43.83 -18.16 32.15
N VAL A 419 -43.62 -18.16 30.82
CA VAL A 419 -42.27 -18.27 30.21
C VAL A 419 -41.92 -16.90 29.61
N THR A 420 -40.85 -16.27 30.05
CA THR A 420 -40.33 -15.02 29.42
C THR A 420 -39.46 -15.39 28.22
N THR A 421 -39.74 -14.81 27.06
CA THR A 421 -38.96 -15.06 25.83
C THR A 421 -38.89 -13.77 25.02
N ILE A 422 -37.69 -13.40 24.57
CA ILE A 422 -37.47 -12.27 23.63
C ILE A 422 -38.03 -12.68 22.26
N LEU A 423 -38.63 -11.71 21.55
CA LEU A 423 -39.15 -11.90 20.17
C LEU A 423 -38.01 -11.54 19.20
N GLU A 424 -37.21 -12.54 18.82
CA GLU A 424 -36.09 -12.40 17.86
C GLU A 424 -36.02 -13.66 17.00
N ASP A 425 -36.30 -13.54 15.70
CA ASP A 425 -36.32 -14.66 14.73
C ASP A 425 -34.92 -15.26 14.63
N PRO A 426 -34.75 -16.58 14.40
CA PRO A 426 -35.86 -17.51 14.17
C PRO A 426 -36.42 -18.14 15.45
N TYR A 427 -35.81 -17.87 16.61
CA TYR A 427 -36.21 -18.53 17.90
C TYR A 427 -37.68 -18.16 18.16
N VAL A 428 -38.03 -16.88 18.01
CA VAL A 428 -39.44 -16.41 18.13
C VAL A 428 -39.73 -15.46 16.98
N MET A 429 -40.70 -15.77 16.11
CA MET A 429 -41.16 -14.86 15.03
C MET A 429 -42.68 -14.65 15.18
N LEU A 430 -43.17 -13.45 14.89
CA LEU A 430 -44.63 -13.13 14.93
C LEU A 430 -45.32 -13.89 13.80
N LYS A 431 -46.41 -14.59 14.11
CA LYS A 431 -47.26 -15.32 13.14
C LYS A 431 -47.87 -14.36 12.11
N LYS A 432 -48.37 -14.91 11.00
CA LYS A 432 -48.86 -14.17 9.81
C LYS A 432 -49.75 -13.00 10.25
N ASN A 433 -50.78 -13.28 11.06
CA ASN A 433 -51.78 -12.28 11.52
C ASN A 433 -51.62 -12.11 13.04
N ALA A 434 -51.03 -11.02 13.55
CA ALA A 434 -50.81 -10.82 15.00
C ALA A 434 -52.15 -10.67 15.71
N ASN A 435 -53.13 -10.00 15.09
CA ASN A 435 -54.51 -9.82 15.63
C ASN A 435 -55.17 -11.19 15.77
N GLN A 436 -55.12 -11.99 14.69
CA GLN A 436 -55.89 -13.26 14.55
C GLN A 436 -55.34 -14.30 15.52
N PHE A 437 -54.01 -14.35 15.71
CA PHE A 437 -53.38 -15.37 16.60
C PHE A 437 -53.23 -14.78 18.00
N GLU A 438 -53.54 -15.59 19.02
CA GLU A 438 -53.58 -15.18 20.45
C GLU A 438 -52.88 -16.24 21.30
N GLY A 439 -52.35 -15.83 22.46
CA GLY A 439 -51.58 -16.68 23.38
C GLY A 439 -50.32 -17.22 22.73
N ASN A 440 -50.16 -18.55 22.70
CA ASN A 440 -48.95 -19.21 22.15
C ASN A 440 -49.04 -19.23 20.62
N ASP A 441 -50.26 -19.30 20.08
CA ASP A 441 -50.48 -19.37 18.60
C ASP A 441 -50.03 -18.07 17.92
N ARG A 442 -49.97 -16.98 18.67
CA ARG A 442 -49.47 -15.65 18.24
C ARG A 442 -48.03 -15.78 17.73
N TYR A 443 -47.19 -16.56 18.40
CA TYR A 443 -45.74 -16.64 18.09
C TYR A 443 -45.41 -17.99 17.44
N GLU A 444 -44.74 -17.97 16.28
CA GLU A 444 -44.23 -19.21 15.64
C GLU A 444 -42.71 -19.11 15.52
N GLY A 445 -41.97 -19.97 16.23
CA GLY A 445 -40.49 -19.96 16.20
C GLY A 445 -39.91 -21.29 16.63
N TYR A 446 -38.60 -21.46 16.45
CA TYR A 446 -37.87 -22.68 16.91
C TYR A 446 -38.04 -22.80 18.43
N CYS A 447 -37.86 -21.70 19.17
CA CYS A 447 -37.99 -21.64 20.65
C CYS A 447 -39.44 -21.93 21.06
N VAL A 448 -40.41 -21.53 20.24
CA VAL A 448 -41.86 -21.81 20.51
C VAL A 448 -42.04 -23.32 20.37
N GLU A 449 -41.52 -23.91 19.27
CA GLU A 449 -41.57 -25.37 19.02
C GLU A 449 -40.86 -26.09 20.17
N LEU A 450 -39.69 -25.58 20.59
CA LEU A 450 -38.85 -26.19 21.65
C LEU A 450 -39.60 -26.15 22.99
N ALA A 451 -40.27 -25.03 23.29
CA ALA A 451 -41.08 -24.82 24.51
C ALA A 451 -42.22 -25.84 24.55
N ALA A 452 -42.87 -26.06 23.40
CA ALA A 452 -43.97 -27.03 23.27
C ALA A 452 -43.45 -28.43 23.59
N GLU A 453 -42.24 -28.76 23.08
CA GLU A 453 -41.60 -30.09 23.29
C GLU A 453 -41.28 -30.26 24.78
N ILE A 454 -40.74 -29.22 25.42
CA ILE A 454 -40.41 -29.21 26.88
C ILE A 454 -41.70 -29.42 27.65
N ALA A 455 -42.77 -28.72 27.24
CA ALA A 455 -44.10 -28.78 27.89
C ALA A 455 -44.62 -30.23 27.85
N LYS A 456 -44.43 -30.92 26.73
CA LYS A 456 -44.94 -32.30 26.50
C LYS A 456 -44.13 -33.27 27.37
N HIS A 457 -42.80 -33.16 27.34
CA HIS A 457 -41.85 -34.07 28.04
C HIS A 457 -42.02 -33.90 29.55
N VAL A 458 -42.08 -32.67 30.05
CA VAL A 458 -42.17 -32.40 31.51
C VAL A 458 -43.63 -32.45 31.95
N GLY A 459 -44.59 -32.54 31.01
CA GLY A 459 -46.04 -32.55 31.31
C GLY A 459 -46.48 -31.26 31.99
N TYR A 460 -45.76 -30.16 31.76
CA TYR A 460 -45.99 -28.87 32.48
C TYR A 460 -46.55 -27.85 31.50
N SER A 461 -47.74 -27.30 31.80
CA SER A 461 -48.40 -26.24 31.00
C SER A 461 -47.47 -25.02 30.95
N TYR A 462 -47.33 -24.38 29.79
CA TYR A 462 -46.48 -23.17 29.61
C TYR A 462 -47.34 -22.07 28.97
N ARG A 463 -47.09 -20.82 29.39
CA ARG A 463 -47.70 -19.61 28.78
C ARG A 463 -46.57 -18.77 28.20
N LEU A 464 -46.57 -18.57 26.88
CA LEU A 464 -45.54 -17.74 26.18
C LEU A 464 -45.91 -16.26 26.35
N GLU A 465 -44.97 -15.45 26.82
CA GLU A 465 -45.10 -13.97 26.89
C GLU A 465 -43.77 -13.35 26.43
N ILE A 466 -43.78 -12.05 26.14
CA ILE A 466 -42.54 -11.25 25.89
C ILE A 466 -42.33 -10.28 27.06
N VAL A 467 -41.13 -10.32 27.63
CA VAL A 467 -40.74 -9.48 28.81
C VAL A 467 -40.83 -8.01 28.41
N SER A 468 -41.37 -7.20 29.32
CA SER A 468 -41.47 -5.72 29.22
C SER A 468 -40.12 -5.08 28.85
N ASP A 469 -39.04 -5.45 29.56
CA ASP A 469 -37.66 -4.93 29.38
C ASP A 469 -37.16 -5.27 27.96
N GLY A 470 -37.43 -6.49 27.48
CA GLY A 470 -37.03 -6.97 26.13
C GLY A 470 -35.52 -7.00 25.91
N LYS A 471 -34.76 -7.19 27.00
CA LYS A 471 -33.28 -7.27 27.01
C LYS A 471 -32.89 -8.70 27.38
N TYR A 472 -31.79 -9.21 26.81
CA TYR A 472 -31.21 -10.52 27.17
C TYR A 472 -30.86 -10.53 28.67
N GLY A 473 -30.20 -9.48 29.15
CA GLY A 473 -29.86 -9.30 30.56
C GLY A 473 -28.95 -8.10 30.76
N ALA A 474 -28.92 -7.58 31.99
CA ALA A 474 -28.02 -6.47 32.40
C ALA A 474 -27.46 -6.73 33.80
N ARG A 475 -26.33 -6.11 34.11
CA ARG A 475 -25.77 -6.08 35.49
C ARG A 475 -25.63 -4.63 35.94
N ASP A 476 -26.36 -4.25 37.01
CA ASP A 476 -26.16 -2.94 37.70
C ASP A 476 -25.23 -3.18 38.89
N PRO A 477 -23.99 -2.63 38.90
CA PRO A 477 -23.01 -2.91 39.95
C PRO A 477 -23.49 -2.35 41.29
N ASP A 478 -24.12 -1.17 41.29
CA ASP A 478 -24.61 -0.46 42.49
C ASP A 478 -25.68 -1.30 43.20
N THR A 479 -26.71 -1.74 42.45
CA THR A 479 -27.92 -2.42 42.98
C THR A 479 -27.75 -3.94 42.96
N LYS A 480 -26.81 -4.49 42.19
CA LYS A 480 -26.61 -5.98 42.03
C LYS A 480 -27.91 -6.58 41.46
N ALA A 481 -28.56 -5.87 40.54
CA ALA A 481 -29.86 -6.23 39.94
C ALA A 481 -29.72 -6.51 38.44
N TRP A 482 -30.39 -7.56 38.00
CA TRP A 482 -30.49 -7.98 36.59
C TRP A 482 -31.74 -7.39 35.93
N ASN A 483 -31.79 -7.40 34.60
CA ASN A 483 -32.96 -6.90 33.83
C ASN A 483 -33.38 -7.89 32.73
N GLY A 484 -34.57 -7.68 32.17
CA GLY A 484 -35.17 -8.52 31.11
C GLY A 484 -35.47 -9.92 31.61
N MET A 485 -35.18 -10.95 30.82
CA MET A 485 -35.50 -12.36 31.15
C MET A 485 -34.83 -12.72 32.48
N VAL A 486 -33.56 -12.35 32.64
CA VAL A 486 -32.77 -12.69 33.86
C VAL A 486 -33.48 -12.03 35.05
N GLY A 487 -33.84 -10.75 34.88
CA GLY A 487 -34.52 -9.94 35.92
C GLY A 487 -35.83 -10.55 36.37
N GLU A 488 -36.60 -11.10 35.44
CA GLU A 488 -37.95 -11.70 35.71
C GLU A 488 -37.79 -13.01 36.49
N LEU A 489 -36.70 -13.75 36.23
CA LEU A 489 -36.37 -14.99 36.98
C LEU A 489 -35.83 -14.65 38.37
N VAL A 490 -34.93 -13.65 38.47
CA VAL A 490 -34.37 -13.14 39.76
C VAL A 490 -35.51 -12.69 40.69
N TYR A 491 -36.50 -11.95 40.17
CA TYR A 491 -37.66 -11.42 40.95
C TYR A 491 -38.67 -12.53 41.19
N GLY A 492 -38.67 -13.55 40.33
CA GLY A 492 -39.53 -14.74 40.42
C GLY A 492 -40.89 -14.54 39.76
N ARG A 493 -41.10 -13.40 39.09
CA ARG A 493 -42.38 -13.03 38.44
C ARG A 493 -42.65 -13.96 37.25
N ALA A 494 -41.60 -14.31 36.50
CA ALA A 494 -41.63 -15.29 35.38
C ALA A 494 -41.04 -16.63 35.85
N ASP A 495 -41.82 -17.70 35.73
CA ASP A 495 -41.54 -19.01 36.38
C ASP A 495 -40.42 -19.75 35.64
N VAL A 496 -40.25 -19.51 34.33
CA VAL A 496 -39.21 -20.18 33.50
C VAL A 496 -38.72 -19.23 32.40
N ALA A 497 -37.48 -19.42 31.95
CA ALA A 497 -36.94 -18.78 30.72
C ALA A 497 -36.49 -19.85 29.72
N VAL A 498 -37.29 -20.05 28.66
CA VAL A 498 -36.97 -20.89 27.48
C VAL A 498 -36.63 -19.88 26.37
N ALA A 499 -35.35 -19.64 26.17
CA ALA A 499 -34.83 -18.50 25.37
C ALA A 499 -33.37 -18.77 24.99
N PRO A 500 -32.83 -18.14 23.93
CA PRO A 500 -31.40 -18.17 23.66
C PRO A 500 -30.59 -17.30 24.64
N LEU A 501 -30.57 -17.65 25.93
CA LEU A 501 -29.81 -16.90 26.96
C LEU A 501 -28.54 -17.69 27.25
N THR A 502 -27.40 -17.08 26.95
CA THR A 502 -26.06 -17.68 27.15
C THR A 502 -25.87 -17.95 28.65
N ILE A 503 -25.32 -19.11 28.99
CA ILE A 503 -25.00 -19.47 30.40
C ILE A 503 -23.69 -18.76 30.76
N THR A 504 -23.76 -17.72 31.58
CA THR A 504 -22.57 -16.96 32.05
C THR A 504 -22.32 -17.27 33.51
N LEU A 505 -21.07 -17.12 33.98
CA LEU A 505 -20.70 -17.25 35.41
C LEU A 505 -21.56 -16.30 36.25
N VAL A 506 -21.71 -15.05 35.80
CA VAL A 506 -22.50 -13.99 36.50
C VAL A 506 -23.96 -14.44 36.59
N ARG A 507 -24.51 -14.99 35.51
CA ARG A 507 -25.92 -15.46 35.48
C ARG A 507 -26.07 -16.72 36.37
N GLU A 508 -25.08 -17.61 36.34
CA GLU A 508 -25.12 -18.93 37.05
C GLU A 508 -25.28 -18.70 38.55
N GLU A 509 -24.67 -17.63 39.08
CA GLU A 509 -24.68 -17.31 40.53
C GLU A 509 -26.09 -16.84 40.92
N VAL A 510 -26.77 -16.05 40.06
CA VAL A 510 -28.09 -15.44 40.41
C VAL A 510 -29.19 -16.46 40.10
N ILE A 511 -29.23 -17.02 38.90
CA ILE A 511 -30.26 -18.02 38.47
C ILE A 511 -29.53 -19.21 37.82
N ASP A 512 -29.86 -20.44 38.25
CA ASP A 512 -29.21 -21.68 37.77
C ASP A 512 -29.68 -21.92 36.32
N PHE A 513 -28.88 -22.63 35.53
CA PHE A 513 -29.14 -22.96 34.11
C PHE A 513 -29.09 -24.47 33.90
N SER A 514 -30.00 -24.98 33.06
CA SER A 514 -30.03 -26.39 32.61
C SER A 514 -28.95 -26.59 31.54
N LYS A 515 -28.65 -27.85 31.19
CA LYS A 515 -27.65 -28.20 30.15
C LYS A 515 -28.05 -27.54 28.83
N PRO A 516 -27.11 -26.91 28.09
CA PRO A 516 -27.46 -26.15 26.89
C PRO A 516 -28.10 -26.97 25.76
N PHE A 517 -29.22 -26.50 25.21
CA PHE A 517 -29.91 -27.17 24.07
C PHE A 517 -29.04 -27.06 22.81
N MET A 518 -28.41 -25.91 22.59
CA MET A 518 -27.60 -25.63 21.36
C MET A 518 -26.31 -24.90 21.73
N SER A 519 -25.22 -25.18 21.03
CA SER A 519 -23.92 -24.49 21.14
C SER A 519 -24.04 -23.08 20.56
N LEU A 520 -23.21 -22.14 21.02
CA LEU A 520 -23.19 -20.73 20.58
C LEU A 520 -21.76 -20.21 20.55
N GLY A 521 -21.52 -19.14 19.80
CA GLY A 521 -20.24 -18.39 19.81
C GLY A 521 -20.46 -16.93 19.52
N ILE A 522 -19.63 -16.03 20.05
CA ILE A 522 -19.60 -14.60 19.67
C ILE A 522 -19.03 -14.51 18.24
N SER A 523 -19.82 -14.03 17.30
CA SER A 523 -19.40 -13.89 15.87
C SER A 523 -19.50 -12.44 15.43
N ILE A 524 -19.10 -12.16 14.18
CA ILE A 524 -19.09 -10.78 13.60
C ILE A 524 -19.94 -10.78 12.33
N MET A 525 -20.95 -9.91 12.29
CA MET A 525 -21.90 -9.77 11.15
C MET A 525 -21.59 -8.48 10.42
N ILE A 526 -21.18 -8.56 9.16
CA ILE A 526 -20.96 -7.35 8.31
C ILE A 526 -21.63 -7.61 6.96
N LYS A 527 -22.02 -6.56 6.24
CA LYS A 527 -22.59 -6.69 4.88
C LYS A 527 -21.46 -7.01 3.90
N LYS A 528 -20.65 -8.05 4.10
CA LYS A 528 -19.47 -8.29 3.23
C LYS A 528 -19.91 -8.65 1.81
N PRO A 529 -20.89 -9.56 1.58
CA PRO A 529 -21.28 -9.92 0.21
C PRO A 529 -22.22 -8.85 -0.40
N GLN A 530 -21.71 -7.66 -0.70
CA GLN A 530 -22.48 -6.62 -1.42
C GLN A 530 -22.55 -7.03 -2.89
N LYS A 531 -21.44 -7.57 -3.44
CA LYS A 531 -21.40 -8.20 -4.79
C LYS A 531 -21.86 -7.17 -5.85
N SER A 532 -21.39 -5.94 -5.66
CA SER A 532 -21.80 -4.75 -6.48
C SER A 532 -21.38 -4.94 -7.94
N LYS A 533 -22.32 -4.71 -8.87
CA LYS A 533 -22.05 -4.81 -10.34
C LYS A 533 -21.13 -3.66 -10.70
N PRO A 534 -20.06 -3.88 -11.51
CA PRO A 534 -19.19 -2.80 -11.95
C PRO A 534 -20.02 -1.77 -12.71
N GLY A 535 -20.89 -2.24 -13.58
CA GLY A 535 -21.73 -1.37 -14.41
C GLY A 535 -21.09 -1.13 -15.76
N VAL A 536 -21.92 -1.04 -16.80
CA VAL A 536 -21.46 -0.63 -18.15
C VAL A 536 -21.05 0.83 -18.04
N PHE A 537 -20.05 1.25 -18.81
CA PHE A 537 -19.54 2.64 -18.83
C PHE A 537 -18.84 2.94 -17.48
N SER A 538 -18.34 1.89 -16.84
CA SER A 538 -17.43 2.02 -15.68
C SER A 538 -15.99 2.18 -16.19
N PHE A 539 -15.69 1.80 -17.43
CA PHE A 539 -14.35 2.05 -18.04
C PHE A 539 -14.07 3.56 -18.08
N LEU A 540 -15.08 4.41 -18.10
CA LEU A 540 -14.89 5.87 -18.16
C LEU A 540 -14.64 6.45 -16.77
N ASP A 541 -14.63 5.63 -15.72
CA ASP A 541 -14.57 6.13 -14.33
C ASP A 541 -13.27 6.85 -14.01
N PRO A 542 -12.08 6.37 -14.42
CA PRO A 542 -10.84 7.02 -14.04
C PRO A 542 -10.74 8.50 -14.42
N LEU A 543 -11.34 8.92 -15.52
CA LEU A 543 -11.42 10.37 -15.89
C LEU A 543 -12.82 10.87 -15.58
N ALA A 544 -12.93 12.05 -14.96
CA ALA A 544 -14.23 12.68 -14.62
C ALA A 544 -15.02 12.98 -15.89
N TYR A 545 -16.33 13.05 -15.75
CA TYR A 545 -17.27 13.28 -16.86
C TYR A 545 -16.93 14.58 -17.61
N GLU A 546 -16.49 15.61 -16.88
CA GLU A 546 -16.17 16.92 -17.49
C GLU A 546 -14.96 16.76 -18.41
N ILE A 547 -13.99 15.92 -18.07
CA ILE A 547 -12.76 15.71 -18.91
C ILE A 547 -13.22 15.08 -20.22
N TRP A 548 -14.03 14.04 -20.12
CA TRP A 548 -14.56 13.31 -21.30
C TRP A 548 -15.27 14.31 -22.19
N MET A 549 -16.12 15.17 -21.62
CA MET A 549 -16.90 16.14 -22.41
C MET A 549 -15.95 17.17 -23.04
N CYS A 550 -14.92 17.58 -22.31
CA CYS A 550 -13.92 18.55 -22.82
C CYS A 550 -13.04 17.90 -23.89
N ILE A 551 -12.72 16.61 -23.76
CA ILE A 551 -11.98 15.84 -24.81
C ILE A 551 -12.79 15.91 -26.10
N VAL A 552 -14.10 15.71 -26.02
CA VAL A 552 -15.01 15.77 -27.20
C VAL A 552 -14.95 17.18 -27.80
N PHE A 553 -15.07 18.23 -26.98
CA PHE A 553 -14.97 19.65 -27.42
C PHE A 553 -13.59 19.88 -28.06
N ALA A 554 -12.52 19.48 -27.37
CA ALA A 554 -11.14 19.60 -27.87
C ALA A 554 -11.03 18.91 -29.23
N TYR A 555 -11.55 17.70 -29.36
CA TYR A 555 -11.54 16.91 -30.61
C TYR A 555 -12.20 17.70 -31.73
N ILE A 556 -13.39 18.25 -31.50
CA ILE A 556 -14.09 19.11 -32.48
C ILE A 556 -13.23 20.35 -32.74
N GLY A 557 -12.71 20.98 -31.69
CA GLY A 557 -11.93 22.22 -31.81
C GLY A 557 -10.73 22.01 -32.72
N VAL A 558 -9.93 20.99 -32.44
CA VAL A 558 -8.66 20.72 -33.16
C VAL A 558 -8.97 20.44 -34.62
N SER A 559 -9.91 19.54 -34.90
CA SER A 559 -10.26 19.16 -36.29
C SER A 559 -10.61 20.42 -37.10
N VAL A 560 -11.53 21.23 -36.58
CA VAL A 560 -12.02 22.47 -37.26
C VAL A 560 -10.84 23.41 -37.48
N VAL A 561 -10.00 23.60 -36.48
CA VAL A 561 -8.84 24.54 -36.57
C VAL A 561 -7.86 23.99 -37.59
N LEU A 562 -7.60 22.69 -37.59
CA LEU A 562 -6.70 22.04 -38.56
C LEU A 562 -7.24 22.25 -39.98
N PHE A 563 -8.55 22.06 -40.16
CA PHE A 563 -9.25 22.27 -41.45
C PHE A 563 -9.03 23.72 -41.91
N LEU A 564 -9.31 24.69 -41.05
CA LEU A 564 -9.22 26.12 -41.38
C LEU A 564 -7.78 26.44 -41.79
N VAL A 565 -6.78 26.03 -40.99
CA VAL A 565 -5.37 26.42 -41.26
C VAL A 565 -4.94 25.81 -42.59
N SER A 566 -5.37 24.59 -42.88
CA SER A 566 -5.04 23.89 -44.15
C SER A 566 -5.64 24.63 -45.35
N ARG A 567 -6.87 25.15 -45.22
CA ARG A 567 -7.59 25.80 -46.34
C ARG A 567 -7.46 27.32 -46.26
N PHE A 568 -6.68 27.90 -45.34
CA PHE A 568 -6.64 29.35 -45.07
C PHE A 568 -6.14 30.12 -46.29
N SER A 569 -5.15 29.57 -46.99
CA SER A 569 -4.52 30.19 -48.19
C SER A 569 -4.82 29.37 -49.44
N PRO A 570 -5.37 29.98 -50.52
CA PRO A 570 -5.71 29.25 -51.74
C PRO A 570 -4.48 28.67 -52.45
N TYR A 571 -4.66 27.50 -53.07
CA TYR A 571 -3.63 26.69 -53.80
C TYR A 571 -2.85 27.50 -54.87
N ASN A 591 -2.07 20.11 -48.45
CA ASN A 591 -3.49 20.55 -48.34
C ASN A 591 -4.42 19.42 -48.84
N GLU A 592 -4.46 18.30 -48.11
CA GLU A 592 -5.37 17.15 -48.36
C GLU A 592 -6.33 16.99 -47.17
N PHE A 593 -6.39 17.97 -46.27
CA PHE A 593 -7.16 17.92 -45.00
C PHE A 593 -8.49 18.65 -45.19
N GLY A 594 -9.53 17.92 -45.62
CA GLY A 594 -10.95 18.35 -45.56
C GLY A 594 -11.48 18.22 -44.15
N ILE A 595 -12.66 18.78 -43.85
CA ILE A 595 -13.25 18.73 -42.48
C ILE A 595 -13.34 17.26 -42.04
N PHE A 596 -13.75 16.37 -42.94
CA PHE A 596 -13.90 14.92 -42.66
C PHE A 596 -12.53 14.26 -42.45
N ASN A 597 -11.54 14.62 -43.27
CA ASN A 597 -10.16 14.08 -43.15
C ASN A 597 -9.50 14.63 -41.88
N SER A 598 -9.72 15.89 -41.55
CA SER A 598 -9.20 16.52 -40.31
C SER A 598 -9.81 15.84 -39.09
N LEU A 599 -11.12 15.61 -39.10
CA LEU A 599 -11.83 14.87 -38.03
C LEU A 599 -11.19 13.49 -37.87
N TRP A 600 -10.90 12.83 -39.00
CA TRP A 600 -10.29 11.48 -39.01
C TRP A 600 -8.89 11.52 -38.43
N PHE A 601 -8.05 12.45 -38.89
CA PHE A 601 -6.67 12.65 -38.41
C PHE A 601 -6.68 12.81 -36.90
N SER A 602 -7.49 13.75 -36.41
CA SER A 602 -7.62 14.03 -34.95
C SER A 602 -8.03 12.76 -34.20
N LEU A 603 -9.09 12.07 -34.64
CA LEU A 603 -9.57 10.82 -33.99
C LEU A 603 -8.45 9.79 -34.03
N GLY A 604 -7.73 9.71 -35.14
CA GLY A 604 -6.57 8.80 -35.31
C GLY A 604 -5.47 9.13 -34.33
N ALA A 605 -5.19 10.41 -34.12
CA ALA A 605 -4.12 10.86 -33.23
C ALA A 605 -4.48 10.56 -31.77
N PHE A 606 -5.72 10.82 -31.37
CA PHE A 606 -6.15 10.59 -29.96
C PHE A 606 -6.10 9.10 -29.65
N MET A 607 -6.52 8.25 -30.58
CA MET A 607 -6.46 6.79 -30.35
C MET A 607 -5.02 6.31 -30.46
N GLN A 608 -4.23 6.99 -31.27
CA GLN A 608 -2.78 6.71 -31.48
C GLN A 608 -2.62 5.52 -32.40
N GLN A 609 -3.70 4.99 -32.97
CA GLN A 609 -3.64 3.71 -33.72
C GLN A 609 -3.04 3.97 -35.09
N GLY A 610 -3.35 5.10 -35.73
CA GLY A 610 -2.96 5.31 -37.13
C GLY A 610 -3.02 6.77 -37.54
N CYS A 611 -2.33 7.07 -38.63
CA CYS A 611 -2.41 8.39 -39.32
C CYS A 611 -2.52 8.15 -40.83
N ASP A 612 -3.65 8.51 -41.43
CA ASP A 612 -3.85 8.41 -42.91
C ASP A 612 -2.85 9.37 -43.58
N ILE A 613 -2.71 10.57 -43.05
CA ILE A 613 -2.04 11.75 -43.70
C ILE A 613 -1.42 12.54 -42.55
N SER A 614 -0.47 13.41 -42.84
CA SER A 614 0.24 14.20 -41.79
C SER A 614 0.35 15.67 -42.23
N PRO A 615 0.09 16.65 -41.34
CA PRO A 615 0.17 18.05 -41.71
C PRO A 615 1.56 18.44 -42.22
N ARG A 616 1.63 19.20 -43.31
CA ARG A 616 2.90 19.64 -43.94
C ARG A 616 3.17 21.11 -43.62
N SER A 617 2.12 21.95 -43.55
CA SER A 617 2.21 23.40 -43.26
C SER A 617 2.69 23.62 -41.82
N LEU A 618 3.46 24.68 -41.59
CA LEU A 618 3.89 25.10 -40.23
C LEU A 618 2.66 25.29 -39.36
N SER A 619 1.70 26.07 -39.86
CA SER A 619 0.42 26.37 -39.16
C SER A 619 -0.27 25.06 -38.81
N GLY A 620 -0.32 24.12 -39.77
CA GLY A 620 -0.90 22.77 -39.58
C GLY A 620 -0.13 21.97 -38.53
N ARG A 621 1.18 21.87 -38.69
CA ARG A 621 2.07 21.03 -37.83
C ARG A 621 1.96 21.51 -36.37
N ILE A 622 1.76 22.81 -36.13
CA ILE A 622 1.55 23.34 -34.75
C ILE A 622 0.29 22.69 -34.18
N VAL A 623 -0.81 22.72 -34.93
CA VAL A 623 -2.11 22.15 -34.49
C VAL A 623 -1.88 20.69 -34.11
N GLY A 624 -1.35 19.89 -35.04
CA GLY A 624 -1.06 18.47 -34.83
C GLY A 624 -0.12 18.28 -33.67
N GLY A 625 0.99 19.01 -33.66
CA GLY A 625 2.01 18.94 -32.61
C GLY A 625 1.40 19.05 -31.23
N VAL A 626 0.53 20.04 -31.02
CA VAL A 626 -0.03 20.34 -29.68
C VAL A 626 -1.11 19.32 -29.37
N TRP A 627 -1.93 18.94 -30.35
CA TRP A 627 -2.94 17.87 -30.16
C TRP A 627 -2.24 16.59 -29.76
N TRP A 628 -1.15 16.24 -30.42
CA TRP A 628 -0.33 15.04 -30.08
C TRP A 628 0.10 15.10 -28.62
N PHE A 629 0.49 16.27 -28.13
CA PHE A 629 0.89 16.44 -26.70
C PHE A 629 -0.32 16.22 -25.80
N PHE A 630 -1.46 16.81 -26.17
CA PHE A 630 -2.72 16.64 -25.40
C PHE A 630 -3.02 15.15 -25.31
N THR A 631 -2.99 14.44 -26.42
CA THR A 631 -3.33 13.00 -26.48
C THR A 631 -2.44 12.20 -25.56
N LEU A 632 -1.14 12.44 -25.62
CA LEU A 632 -0.14 11.66 -24.85
C LEU A 632 -0.43 11.77 -23.36
N ILE A 633 -0.72 12.98 -22.87
CA ILE A 633 -0.91 13.24 -21.42
C ILE A 633 -2.24 12.62 -20.97
N ILE A 634 -3.31 12.78 -21.74
CA ILE A 634 -4.65 12.26 -21.35
C ILE A 634 -4.57 10.74 -21.34
N ILE A 635 -4.17 10.10 -22.43
CA ILE A 635 -4.06 8.62 -22.49
C ILE A 635 -3.24 8.14 -21.31
N SER A 636 -2.08 8.74 -21.09
CA SER A 636 -1.18 8.39 -19.97
C SER A 636 -1.88 8.62 -18.64
N SER A 637 -2.58 9.74 -18.49
CA SER A 637 -3.39 10.04 -17.28
C SER A 637 -4.38 8.90 -17.06
N TYR A 638 -5.18 8.58 -18.07
CA TYR A 638 -6.21 7.52 -18.00
C TYR A 638 -5.58 6.22 -17.54
N THR A 639 -4.54 5.78 -18.24
CA THR A 639 -3.81 4.54 -17.92
C THR A 639 -3.40 4.58 -16.46
N ALA A 640 -2.69 5.62 -16.06
CA ALA A 640 -2.18 5.77 -14.69
C ALA A 640 -3.33 5.65 -13.70
N ASN A 641 -4.33 6.51 -13.82
CA ASN A 641 -5.40 6.61 -12.80
C ASN A 641 -6.12 5.28 -12.74
N LEU A 642 -6.35 4.61 -13.88
CA LEU A 642 -6.99 3.28 -13.91
C LEU A 642 -6.10 2.30 -13.15
N ALA A 643 -4.78 2.47 -13.21
CA ALA A 643 -3.83 1.67 -12.41
C ALA A 643 -4.07 1.94 -10.93
N ALA A 644 -4.25 3.19 -10.56
CA ALA A 644 -4.51 3.57 -9.15
C ALA A 644 -5.74 2.84 -8.63
N PHE A 645 -6.86 2.92 -9.36
CA PHE A 645 -8.14 2.31 -8.97
C PHE A 645 -7.95 0.81 -8.73
N LEU A 646 -7.35 0.11 -9.68
CA LEU A 646 -7.24 -1.36 -9.64
C LEU A 646 -6.26 -1.80 -8.57
N THR A 647 -5.25 -1.00 -8.26
CA THR A 647 -4.29 -1.25 -7.16
C THR A 647 -5.01 -1.17 -5.82
N VAL A 648 -5.68 -0.05 -5.53
CA VAL A 648 -6.29 0.24 -4.20
C VAL A 648 -7.42 -0.77 -3.90
N GLU A 649 -8.08 -1.30 -4.93
CA GLU A 649 -9.17 -2.31 -4.78
C GLU A 649 -8.60 -3.74 -4.82
N ARG A 650 -7.27 -3.89 -4.92
CA ARG A 650 -6.58 -5.19 -4.81
C ARG A 650 -5.79 -5.26 -3.51
N MET A 651 -5.55 -4.14 -2.82
CA MET A 651 -4.75 -4.09 -1.58
C MET A 651 -5.65 -3.94 -0.35
N VAL A 652 -6.93 -3.60 -0.53
CA VAL A 652 -7.96 -3.60 0.56
C VAL A 652 -8.22 -5.06 0.98
N SER A 653 -8.02 -5.35 2.27
CA SER A 653 -8.29 -6.69 2.85
C SER A 653 -9.63 -6.63 3.57
N PRO A 654 -10.61 -7.49 3.20
CA PRO A 654 -11.83 -7.62 4.01
C PRO A 654 -11.45 -8.13 5.41
N ILE A 655 -12.13 -7.69 6.45
CA ILE A 655 -11.88 -8.13 7.86
C ILE A 655 -11.87 -9.66 7.91
N GLU A 656 -10.82 -10.26 8.48
CA GLU A 656 -10.64 -11.73 8.56
C GLU A 656 -10.60 -12.19 10.01
N SER A 657 -10.36 -11.29 10.97
CA SER A 657 -10.14 -11.62 12.40
C SER A 657 -10.69 -10.52 13.30
N ALA A 658 -10.92 -10.85 14.57
CA ALA A 658 -11.29 -9.91 15.64
C ALA A 658 -10.16 -8.88 15.82
N GLU A 659 -8.91 -9.33 15.77
CA GLU A 659 -7.71 -8.45 15.86
C GLU A 659 -7.81 -7.38 14.77
N ASP A 660 -8.12 -7.80 13.53
CA ASP A 660 -8.25 -6.90 12.35
C ASP A 660 -9.33 -5.86 12.67
N LEU A 661 -10.46 -6.30 13.23
CA LEU A 661 -11.61 -5.41 13.54
C LEU A 661 -11.14 -4.32 14.52
N ALA A 662 -10.44 -4.72 15.59
CA ALA A 662 -9.97 -3.81 16.66
C ALA A 662 -9.01 -2.77 16.08
N LYS A 663 -8.08 -3.22 15.22
CA LYS A 663 -7.02 -2.36 14.62
C LYS A 663 -7.66 -1.29 13.75
N GLN A 664 -8.58 -1.67 12.86
CA GLN A 664 -9.27 -0.71 11.96
C GLN A 664 -10.13 0.25 12.82
N THR A 665 -9.93 1.54 12.66
CA THR A 665 -10.71 2.59 13.37
C THR A 665 -11.99 2.85 12.55
N GLU A 666 -11.88 2.78 11.23
CA GLU A 666 -12.94 3.20 10.27
C GLU A 666 -14.16 2.31 10.48
N ILE A 667 -13.95 1.01 10.61
CA ILE A 667 -15.02 0.04 10.97
C ILE A 667 -15.39 0.25 12.45
N ALA A 668 -16.68 0.36 12.75
CA ALA A 668 -17.22 0.40 14.13
C ALA A 668 -17.98 -0.90 14.41
N TYR A 669 -17.35 -1.88 15.03
CA TYR A 669 -18.03 -3.09 15.54
C TYR A 669 -18.96 -2.67 16.69
N GLY A 670 -20.21 -3.14 16.68
CA GLY A 670 -21.18 -2.85 17.75
C GLY A 670 -21.84 -4.10 18.28
N THR A 671 -22.23 -4.09 19.55
CA THR A 671 -22.91 -5.23 20.23
C THR A 671 -24.17 -4.71 20.92
N LEU A 672 -25.09 -5.60 21.26
CA LEU A 672 -26.39 -5.19 21.88
C LEU A 672 -26.07 -4.46 23.18
N GLU A 673 -26.78 -3.34 23.44
CA GLU A 673 -26.58 -2.52 24.66
C GLU A 673 -26.62 -3.41 25.91
N ALA A 674 -27.62 -4.28 26.02
CA ALA A 674 -27.79 -5.22 27.15
C ALA A 674 -27.78 -6.64 26.61
N GLY A 675 -26.70 -7.40 26.85
CA GLY A 675 -26.63 -8.83 26.49
C GLY A 675 -25.45 -9.53 27.12
N SER A 676 -25.42 -10.87 27.09
CA SER A 676 -24.34 -11.70 27.68
C SER A 676 -23.01 -11.33 27.03
N THR A 677 -23.00 -11.10 25.70
CA THR A 677 -21.79 -10.79 24.90
C THR A 677 -21.22 -9.45 25.40
N LYS A 678 -22.07 -8.46 25.63
CA LYS A 678 -21.69 -7.08 26.10
C LYS A 678 -21.04 -7.18 27.49
N GLU A 679 -21.56 -8.06 28.35
CA GLU A 679 -21.02 -8.32 29.71
C GLU A 679 -19.69 -9.06 29.56
N PHE A 680 -19.62 -10.06 28.68
CA PHE A 680 -18.40 -10.90 28.47
C PHE A 680 -17.23 -9.99 28.07
N PHE A 681 -17.48 -9.06 27.15
CA PHE A 681 -16.44 -8.13 26.61
C PHE A 681 -15.97 -7.21 27.74
N ARG A 682 -16.90 -6.74 28.59
CA ARG A 682 -16.58 -5.86 29.75
C ARG A 682 -15.62 -6.58 30.70
N ARG A 683 -15.93 -7.84 31.03
CA ARG A 683 -15.16 -8.65 32.03
C ARG A 683 -13.96 -9.32 31.33
N SER A 684 -13.93 -9.37 30.00
CA SER A 684 -12.91 -10.14 29.23
C SER A 684 -11.49 -9.79 29.71
N LYS A 685 -10.70 -10.81 30.04
CA LYS A 685 -9.32 -10.69 30.57
C LYS A 685 -8.31 -10.66 29.41
N ILE A 686 -8.77 -10.92 28.17
CA ILE A 686 -7.89 -10.98 26.97
C ILE A 686 -7.57 -9.54 26.54
N ALA A 687 -6.31 -9.26 26.25
CA ALA A 687 -5.78 -7.91 25.92
C ALA A 687 -6.49 -7.38 24.67
N VAL A 688 -6.56 -8.18 23.61
CA VAL A 688 -7.19 -7.76 22.32
C VAL A 688 -8.68 -7.45 22.58
N PHE A 689 -9.35 -8.26 23.39
CA PHE A 689 -10.80 -8.10 23.73
C PHE A 689 -10.99 -6.87 24.63
N GLU A 690 -10.06 -6.61 25.55
CA GLU A 690 -10.16 -5.47 26.49
C GLU A 690 -10.03 -4.17 25.69
N LYS A 691 -9.11 -4.17 24.72
CA LYS A 691 -8.85 -3.04 23.79
C LYS A 691 -10.12 -2.78 22.99
N MET A 692 -10.71 -3.84 22.44
CA MET A 692 -11.95 -3.76 21.61
C MET A 692 -13.09 -3.21 22.46
N TRP A 693 -13.21 -3.66 23.71
CA TRP A 693 -14.28 -3.24 24.67
C TRP A 693 -14.11 -1.77 25.02
N THR A 694 -12.89 -1.36 25.33
CA THR A 694 -12.53 0.03 25.71
C THR A 694 -12.97 0.98 24.60
N TYR A 695 -12.68 0.62 23.34
CA TYR A 695 -13.04 1.40 22.14
C TYR A 695 -14.55 1.65 22.08
N MET A 696 -15.39 0.65 22.38
CA MET A 696 -16.88 0.73 22.31
C MET A 696 -17.37 1.88 23.20
N LYS A 697 -16.82 2.01 24.41
CA LYS A 697 -17.12 3.11 25.35
C LYS A 697 -16.65 4.44 24.73
N SER A 698 -15.51 4.42 24.04
CA SER A 698 -14.83 5.63 23.48
C SER A 698 -15.17 5.83 22.00
N ALA A 699 -16.28 5.25 21.51
CA ALA A 699 -16.75 5.32 20.10
C ALA A 699 -17.97 6.26 20.00
N GLU A 700 -17.91 7.22 19.08
CA GLU A 700 -18.99 8.20 18.80
C GLU A 700 -19.34 8.14 17.31
N PRO A 701 -20.63 7.99 16.93
CA PRO A 701 -21.72 7.76 17.87
C PRO A 701 -21.62 6.39 18.56
N SER A 702 -22.32 6.24 19.69
CA SER A 702 -22.33 5.01 20.51
C SER A 702 -22.65 3.80 19.62
N VAL A 703 -21.85 2.75 19.73
CA VAL A 703 -21.91 1.57 18.81
C VAL A 703 -22.97 0.61 19.34
N PHE A 704 -23.29 0.66 20.65
CA PHE A 704 -24.32 -0.22 21.26
C PHE A 704 -25.69 0.04 20.64
N VAL A 705 -26.42 -1.03 20.33
CA VAL A 705 -27.77 -0.96 19.69
C VAL A 705 -28.76 -1.67 20.61
N ARG A 706 -29.95 -1.11 20.80
CA ARG A 706 -30.95 -1.59 21.80
C ARG A 706 -31.49 -2.96 21.37
N THR A 707 -31.85 -3.10 20.09
CA THR A 707 -32.53 -4.31 19.52
C THR A 707 -31.81 -4.81 18.27
N THR A 708 -31.98 -6.11 17.99
CA THR A 708 -31.26 -6.84 16.92
C THR A 708 -31.53 -6.14 15.58
N GLU A 709 -32.80 -5.91 15.28
CA GLU A 709 -33.29 -5.30 14.01
C GLU A 709 -32.59 -3.96 13.80
N GLU A 710 -32.46 -3.16 14.87
CA GLU A 710 -31.78 -1.83 14.84
C GLU A 710 -30.32 -2.03 14.43
N GLY A 711 -29.68 -3.08 14.96
CA GLY A 711 -28.29 -3.45 14.62
C GLY A 711 -28.16 -3.78 13.14
N MET A 712 -29.08 -4.61 12.64
CA MET A 712 -29.09 -5.08 11.23
C MET A 712 -29.25 -3.87 10.29
N ILE A 713 -30.16 -2.95 10.61
CA ILE A 713 -30.46 -1.76 9.77
C ILE A 713 -29.22 -0.85 9.77
N ARG A 714 -28.60 -0.68 10.95
CA ARG A 714 -27.40 0.18 11.11
C ARG A 714 -26.30 -0.37 10.19
N VAL A 715 -26.15 -1.69 10.13
CA VAL A 715 -25.12 -2.33 9.26
C VAL A 715 -25.43 -1.96 7.81
N ARG A 716 -26.68 -2.14 7.37
CA ARG A 716 -27.07 -1.94 5.95
C ARG A 716 -26.88 -0.47 5.58
N LYS A 717 -27.19 0.47 6.48
CA LYS A 717 -27.10 1.93 6.19
C LYS A 717 -25.63 2.36 6.14
N SER A 718 -24.78 1.71 6.94
CA SER A 718 -23.33 2.00 7.05
C SER A 718 -22.55 1.45 5.86
N LYS A 719 -23.07 0.40 5.19
CA LYS A 719 -22.39 -0.29 4.07
C LYS A 719 -21.02 -0.79 4.53
N GLY A 720 -20.96 -1.33 5.75
CA GLY A 720 -19.74 -1.93 6.34
C GLY A 720 -18.90 -0.92 7.09
N LYS A 721 -19.27 0.36 7.12
CA LYS A 721 -18.64 1.36 8.03
C LYS A 721 -18.90 0.98 9.49
N TYR A 722 -19.97 0.23 9.76
CA TYR A 722 -20.36 -0.29 11.10
C TYR A 722 -20.57 -1.80 10.96
N ALA A 723 -19.94 -2.57 11.86
CA ALA A 723 -20.12 -4.04 11.94
C ALA A 723 -20.94 -4.39 13.18
N TYR A 724 -21.51 -5.60 13.22
CA TYR A 724 -22.37 -6.04 14.34
C TYR A 724 -21.79 -7.31 14.97
N LEU A 725 -21.67 -7.31 16.29
CA LEU A 725 -21.19 -8.45 17.11
C LEU A 725 -22.40 -9.12 17.74
N LEU A 726 -22.64 -10.39 17.40
CA LEU A 726 -23.83 -11.13 17.88
C LEU A 726 -23.49 -12.62 17.90
N GLU A 727 -24.35 -13.43 18.52
CA GLU A 727 -24.14 -14.89 18.61
C GLU A 727 -24.25 -15.49 17.19
N SER A 728 -23.35 -16.43 16.90
CA SER A 728 -23.13 -17.01 15.57
C SER A 728 -24.44 -17.62 15.04
N THR A 729 -25.28 -18.16 15.93
CA THR A 729 -26.60 -18.74 15.58
C THR A 729 -27.47 -17.72 14.83
N MET A 730 -27.60 -16.49 15.34
CA MET A 730 -28.47 -15.46 14.70
C MET A 730 -27.82 -14.98 13.40
N ASN A 731 -26.49 -14.89 13.38
CA ASN A 731 -25.70 -14.56 12.16
C ASN A 731 -26.07 -15.58 11.08
N GLU A 732 -26.10 -16.86 11.45
CA GLU A 732 -26.43 -17.99 10.55
C GLU A 732 -27.80 -17.76 9.90
N TYR A 733 -28.82 -17.41 10.69
CA TYR A 733 -30.19 -17.18 10.19
C TYR A 733 -30.25 -15.96 9.27
N ILE A 734 -29.55 -14.88 9.63
CA ILE A 734 -29.59 -13.63 8.79
C ILE A 734 -29.00 -13.99 7.43
N GLU A 735 -27.94 -14.79 7.40
CA GLU A 735 -27.33 -15.26 6.13
C GLU A 735 -28.36 -16.11 5.36
N GLN A 736 -29.05 -17.03 6.04
CA GLN A 736 -30.03 -17.94 5.40
C GLN A 736 -31.20 -17.12 4.83
N ARG A 737 -31.68 -16.14 5.60
CA ARG A 737 -32.87 -15.32 5.24
C ARG A 737 -32.49 -14.41 4.08
N LYS A 738 -33.39 -14.21 3.11
CA LYS A 738 -33.14 -13.21 2.03
C LYS A 738 -33.08 -11.83 2.68
N PRO A 739 -32.20 -10.90 2.23
CA PRO A 739 -31.40 -11.06 1.01
C PRO A 739 -29.94 -11.55 1.20
N CYS A 740 -29.62 -12.13 2.36
CA CYS A 740 -28.25 -12.58 2.75
C CYS A 740 -27.28 -11.39 2.72
N ASP A 741 -27.75 -10.19 3.09
CA ASP A 741 -26.90 -8.97 3.09
C ASP A 741 -25.73 -9.15 4.06
N THR A 742 -25.95 -9.67 5.27
CA THR A 742 -24.93 -9.78 6.35
C THR A 742 -24.35 -11.20 6.35
N MET A 743 -23.03 -11.35 6.51
CA MET A 743 -22.33 -12.65 6.56
C MET A 743 -21.49 -12.76 7.84
N LYS A 744 -20.68 -13.81 7.96
CA LYS A 744 -19.88 -14.12 9.17
C LYS A 744 -18.43 -13.79 8.82
N VAL A 745 -17.70 -13.20 9.78
CA VAL A 745 -16.25 -12.94 9.66
C VAL A 745 -15.46 -13.87 10.59
N GLY A 746 -14.36 -14.43 10.06
CA GLY A 746 -13.58 -15.50 10.71
C GLY A 746 -14.50 -16.62 11.18
N GLY A 747 -14.34 -17.05 12.44
CA GLY A 747 -15.30 -17.91 13.14
C GLY A 747 -15.67 -17.35 14.50
N ASN A 748 -16.37 -18.15 15.29
CA ASN A 748 -16.86 -17.74 16.63
C ASN A 748 -15.65 -17.53 17.55
N LEU A 749 -15.69 -16.47 18.35
CA LEU A 749 -14.56 -16.07 19.23
C LEU A 749 -14.38 -17.12 20.34
N ASP A 750 -15.46 -17.66 20.88
CA ASP A 750 -15.45 -18.42 22.16
C ASP A 750 -16.68 -19.32 22.25
N SER A 751 -16.56 -20.43 23.00
CA SER A 751 -17.66 -21.40 23.27
C SER A 751 -18.70 -20.75 24.20
N LYS A 752 -19.97 -20.83 23.80
CA LYS A 752 -21.15 -20.40 24.60
C LYS A 752 -22.20 -21.52 24.49
N GLY A 753 -23.18 -21.50 25.40
CA GLY A 753 -24.37 -22.36 25.30
C GLY A 753 -25.60 -21.67 25.84
N TYR A 754 -26.78 -21.97 25.26
CA TYR A 754 -28.08 -21.48 25.76
C TYR A 754 -28.80 -22.62 26.51
N GLY A 755 -29.06 -22.41 27.80
CA GLY A 755 -29.75 -23.40 28.67
C GLY A 755 -30.99 -22.79 29.30
N ILE A 756 -31.94 -23.63 29.70
CA ILE A 756 -33.22 -23.16 30.32
C ILE A 756 -32.85 -22.52 31.65
N ALA A 757 -33.31 -21.30 31.90
CA ALA A 757 -33.00 -20.53 33.11
C ALA A 757 -34.21 -20.54 34.06
N THR A 758 -33.97 -20.88 35.32
CA THR A 758 -34.97 -20.92 36.41
C THR A 758 -34.32 -20.30 37.64
N PRO A 759 -35.11 -19.78 38.61
CA PRO A 759 -34.55 -19.33 39.88
C PRO A 759 -33.74 -20.47 40.53
N LYS A 760 -32.56 -20.13 41.07
CA LYS A 760 -31.65 -21.09 41.75
C LYS A 760 -32.47 -21.92 42.74
N GLY A 761 -32.41 -23.26 42.61
CA GLY A 761 -33.07 -24.22 43.52
C GLY A 761 -34.59 -24.24 43.36
N SER A 762 -35.13 -23.79 42.22
CA SER A 762 -36.52 -24.03 41.79
C SER A 762 -36.77 -25.54 41.58
N ALA A 763 -38.00 -25.99 41.85
CA ALA A 763 -38.45 -27.39 41.67
C ALA A 763 -38.48 -27.73 40.17
N LEU A 764 -38.88 -26.76 39.34
CA LEU A 764 -38.93 -26.87 37.86
C LEU A 764 -37.55 -27.16 37.29
N ARG A 765 -36.46 -26.67 37.92
CA ARG A 765 -35.08 -26.77 37.34
C ARG A 765 -34.73 -28.25 37.06
N GLY A 766 -34.91 -29.15 38.04
CA GLY A 766 -34.53 -30.58 37.96
C GLY A 766 -35.11 -31.25 36.71
N PRO A 767 -36.45 -31.18 36.51
CA PRO A 767 -37.11 -31.75 35.33
C PRO A 767 -36.61 -31.16 34.01
N VAL A 768 -36.41 -29.84 33.94
CA VAL A 768 -35.98 -29.19 32.67
C VAL A 768 -34.52 -29.61 32.37
N ASN A 769 -33.69 -29.81 33.39
CA ASN A 769 -32.28 -30.25 33.19
C ASN A 769 -32.31 -31.65 32.55
N LEU A 770 -33.18 -32.54 33.06
CA LEU A 770 -33.32 -33.92 32.54
C LEU A 770 -33.90 -33.89 31.12
N ALA A 771 -34.83 -32.96 30.85
CA ALA A 771 -35.46 -32.77 29.52
C ALA A 771 -34.39 -32.38 28.50
N VAL A 772 -33.50 -31.44 28.86
CA VAL A 772 -32.39 -30.97 27.99
C VAL A 772 -31.57 -32.15 27.47
N LEU A 773 -31.51 -33.28 28.19
CA LEU A 773 -30.78 -34.52 27.77
C LEU A 773 -31.73 -35.43 26.98
N LYS A 774 -32.92 -35.72 27.51
CA LYS A 774 -33.92 -36.63 26.88
C LYS A 774 -34.30 -36.12 25.49
N LEU A 775 -34.63 -34.83 25.39
CA LEU A 775 -35.10 -34.20 24.12
C LEU A 775 -33.94 -34.13 23.11
N SER A 776 -32.70 -33.95 23.57
CA SER A 776 -31.49 -33.92 22.70
C SER A 776 -31.29 -35.32 22.09
N GLU A 777 -31.34 -36.36 22.93
CA GLU A 777 -31.14 -37.77 22.48
C GLU A 777 -32.28 -38.15 21.53
N GLN A 778 -33.50 -37.63 21.73
CA GLN A 778 -34.67 -37.89 20.85
C GLN A 778 -34.38 -37.45 19.41
N GLY A 779 -33.60 -36.37 19.25
CA GLY A 779 -33.25 -35.79 17.95
C GLY A 779 -34.33 -34.89 17.40
N VAL A 780 -35.53 -34.84 18.03
CA VAL A 780 -36.64 -33.95 17.60
C VAL A 780 -36.18 -32.49 17.64
N LEU A 781 -35.52 -32.10 18.73
CA LEU A 781 -34.97 -30.72 18.95
C LEU A 781 -34.01 -30.40 17.80
N ASP A 782 -33.08 -31.31 17.50
CA ASP A 782 -32.04 -31.13 16.46
C ASP A 782 -32.73 -30.98 15.10
N LYS A 783 -33.72 -31.82 14.81
CA LYS A 783 -34.47 -31.81 13.52
C LYS A 783 -35.20 -30.48 13.39
N LEU A 784 -35.82 -29.98 14.47
CA LEU A 784 -36.57 -28.70 14.46
C LEU A 784 -35.61 -27.57 14.07
N LYS A 785 -34.41 -27.55 14.66
CA LYS A 785 -33.39 -26.51 14.36
C LYS A 785 -32.98 -26.63 12.88
N SER A 786 -32.72 -27.85 12.41
CA SER A 786 -32.27 -28.11 11.02
C SER A 786 -33.34 -27.60 10.05
N LYS A 787 -34.60 -27.99 10.28
CA LYS A 787 -35.74 -27.67 9.40
C LYS A 787 -35.91 -26.15 9.33
N TRP A 788 -35.90 -25.46 10.48
CA TRP A 788 -36.14 -24.00 10.57
C TRP A 788 -35.10 -23.21 9.76
N TRP A 789 -33.82 -23.54 9.90
CA TRP A 789 -32.72 -22.85 9.16
C TRP A 789 -32.80 -23.20 7.65
N TYR A 790 -32.95 -24.49 7.29
CA TYR A 790 -32.85 -24.94 5.88
C TYR A 790 -34.04 -24.41 5.08
N ASP A 791 -35.26 -24.50 5.62
CA ASP A 791 -36.49 -24.10 4.88
C ASP A 791 -36.40 -22.58 4.62
N LYS A 792 -35.98 -21.82 5.64
CA LYS A 792 -35.90 -20.35 5.57
C LYS A 792 -34.84 -19.99 4.51
N GLY A 793 -33.74 -20.74 4.46
CA GLY A 793 -32.54 -20.41 3.66
C GLY A 793 -32.86 -20.15 2.19
N GLU A 794 -32.38 -19.01 1.65
CA GLU A 794 -32.65 -18.57 0.25
C GLU A 794 -31.37 -18.72 -0.58
N CYS A 795 -30.21 -18.39 0.01
CA CYS A 795 -28.86 -18.51 -0.61
C CYS A 795 -28.09 -19.71 -0.02
N GLY A 796 -27.51 -20.53 -0.90
CA GLY A 796 -26.71 -21.72 -0.54
C GLY A 796 -25.41 -21.77 -1.33
N ASP A 804 -14.02 -18.18 -5.05
CA ASP A 804 -14.77 -17.70 -6.24
C ASP A 804 -14.30 -16.30 -6.65
N LYS A 805 -13.08 -15.88 -6.25
CA LYS A 805 -12.54 -14.52 -6.49
C LYS A 805 -11.35 -14.63 -7.45
N THR A 806 -11.37 -13.84 -8.54
CA THR A 806 -10.21 -13.63 -9.45
C THR A 806 -9.94 -12.13 -9.55
N SER A 807 -8.68 -11.73 -9.31
CA SER A 807 -8.25 -10.32 -9.42
C SER A 807 -8.31 -9.87 -10.88
N ALA A 808 -8.23 -10.81 -11.83
CA ALA A 808 -8.31 -10.54 -13.28
C ALA A 808 -9.55 -9.70 -13.58
N LEU A 809 -9.43 -8.72 -14.47
CA LEU A 809 -10.58 -7.93 -14.95
C LEU A 809 -11.61 -8.88 -15.55
N SER A 810 -12.87 -8.77 -15.14
CA SER A 810 -13.99 -9.60 -15.66
C SER A 810 -14.64 -8.89 -16.84
N LEU A 811 -15.39 -9.63 -17.65
CA LEU A 811 -16.09 -9.08 -18.85
C LEU A 811 -16.95 -7.89 -18.41
N SER A 812 -17.58 -8.00 -17.23
CA SER A 812 -18.48 -6.95 -16.70
C SER A 812 -17.71 -5.62 -16.55
N ASN A 813 -16.47 -5.68 -16.05
CA ASN A 813 -15.65 -4.47 -15.78
C ASN A 813 -15.47 -3.67 -17.06
N VAL A 814 -15.30 -4.35 -18.18
CA VAL A 814 -14.99 -3.72 -19.49
C VAL A 814 -16.16 -3.96 -20.44
N ALA A 815 -17.35 -4.25 -19.92
CA ALA A 815 -18.52 -4.62 -20.74
C ALA A 815 -18.89 -3.46 -21.67
N GLY A 816 -18.89 -2.24 -21.15
CA GLY A 816 -19.33 -1.05 -21.89
C GLY A 816 -18.57 -0.88 -23.20
N VAL A 817 -17.27 -1.12 -23.16
CA VAL A 817 -16.43 -0.96 -24.37
C VAL A 817 -16.94 -1.93 -25.44
N PHE A 818 -17.29 -3.16 -25.07
CA PHE A 818 -17.82 -4.17 -26.02
C PHE A 818 -19.17 -3.70 -26.58
N TYR A 819 -20.03 -3.16 -25.72
CA TYR A 819 -21.36 -2.66 -26.14
C TYR A 819 -21.16 -1.54 -27.16
N ILE A 820 -20.24 -0.62 -26.89
CA ILE A 820 -19.93 0.52 -27.81
C ILE A 820 -19.44 -0.03 -29.14
N LEU A 821 -18.56 -1.04 -29.09
CA LEU A 821 -17.99 -1.67 -30.31
C LEU A 821 -19.15 -2.21 -31.16
N ILE A 822 -20.01 -3.01 -30.57
CA ILE A 822 -21.13 -3.68 -31.29
C ILE A 822 -22.08 -2.60 -31.82
N GLY A 823 -22.35 -1.58 -30.99
CA GLY A 823 -23.19 -0.44 -31.38
C GLY A 823 -22.60 0.29 -32.58
N GLY A 824 -21.30 0.54 -32.55
CA GLY A 824 -20.56 1.17 -33.66
C GLY A 824 -20.67 0.36 -34.92
N LEU A 825 -20.46 -0.95 -34.85
CA LEU A 825 -20.54 -1.87 -36.01
C LEU A 825 -21.95 -1.81 -36.59
N GLY A 826 -22.96 -1.82 -35.71
CA GLY A 826 -24.36 -1.62 -36.08
C GLY A 826 -24.54 -0.34 -36.88
N LEU A 827 -24.19 0.79 -36.27
CA LEU A 827 -24.32 2.14 -36.88
C LEU A 827 -23.60 2.17 -38.23
N ALA A 828 -22.39 1.58 -38.27
CA ALA A 828 -21.51 1.53 -39.45
C ALA A 828 -22.23 0.88 -40.61
N MET A 829 -22.78 -0.32 -40.38
CA MET A 829 -23.62 -1.08 -41.36
C MET A 829 -24.79 -0.21 -41.81
N LEU A 830 -25.51 0.40 -40.87
CA LEU A 830 -26.67 1.28 -41.16
C LEU A 830 -26.24 2.40 -42.10
N VAL A 831 -25.09 3.02 -41.82
CA VAL A 831 -24.52 4.14 -42.63
C VAL A 831 -24.06 3.60 -43.99
N ALA A 832 -23.54 2.37 -44.04
CA ALA A 832 -23.11 1.70 -45.28
C ALA A 832 -24.31 1.52 -46.22
N LEU A 833 -25.46 1.13 -45.68
CA LEU A 833 -26.72 0.90 -46.45
C LEU A 833 -27.24 2.25 -46.95
N ILE A 834 -27.17 3.29 -46.12
CA ILE A 834 -27.55 4.69 -46.47
C ILE A 834 -26.69 5.15 -47.67
N GLU A 835 -25.38 4.90 -47.61
CA GLU A 835 -24.41 5.23 -48.70
C GLU A 835 -24.76 4.42 -49.95
N PHE A 836 -25.14 3.15 -49.79
CA PHE A 836 -25.51 2.22 -50.90
C PHE A 836 -26.77 2.73 -51.62
N CYS A 837 -27.78 3.17 -50.86
CA CYS A 837 -29.07 3.73 -51.38
C CYS A 837 -28.81 5.05 -52.10
N TYR A 838 -27.95 5.90 -51.55
CA TYR A 838 -27.56 7.23 -52.11
C TYR A 838 -26.83 7.03 -53.46
N LYS A 839 -25.95 6.03 -53.53
CA LYS A 839 -25.12 5.70 -54.72
C LYS A 839 -26.01 5.30 -55.91
N SER A 840 -27.12 4.60 -55.65
CA SER A 840 -28.12 4.15 -56.66
C SER A 840 -28.81 5.38 -57.30
N ARG A 841 -29.36 6.26 -56.47
CA ARG A 841 -30.03 7.53 -56.89
C ARG A 841 -28.99 8.66 -56.99
N LYS B 414 -1.27 -38.66 49.42
CA LYS B 414 -0.41 -39.25 48.35
C LYS B 414 -0.14 -38.20 47.25
N THR B 415 1.09 -38.18 46.73
CA THR B 415 1.50 -37.30 45.60
C THR B 415 0.62 -37.68 44.40
N VAL B 416 0.05 -36.70 43.70
CA VAL B 416 -0.91 -36.91 42.58
C VAL B 416 -0.12 -37.05 41.25
N VAL B 417 -0.11 -38.26 40.69
CA VAL B 417 0.54 -38.54 39.38
C VAL B 417 -0.26 -37.79 38.31
N VAL B 418 0.40 -36.93 37.53
CA VAL B 418 -0.25 -36.13 36.45
C VAL B 418 0.19 -36.69 35.10
N THR B 419 -0.77 -37.19 34.31
CA THR B 419 -0.54 -37.69 32.94
C THR B 419 -0.64 -36.51 31.97
N THR B 420 0.50 -35.88 31.61
CA THR B 420 0.50 -34.75 30.65
C THR B 420 1.25 -35.14 29.37
N ILE B 421 0.59 -35.02 28.23
CA ILE B 421 1.21 -35.23 26.88
C ILE B 421 2.19 -34.07 26.62
N LEU B 422 3.33 -34.37 25.98
CA LEU B 422 4.37 -33.37 25.64
C LEU B 422 4.02 -32.73 24.29
N GLU B 423 3.27 -31.63 24.33
CA GLU B 423 2.90 -30.83 23.15
C GLU B 423 3.05 -29.35 23.51
N SER B 424 4.02 -28.68 22.89
CA SER B 424 4.27 -27.23 23.09
C SER B 424 3.05 -26.46 22.57
N PRO B 425 2.66 -25.32 23.20
CA PRO B 425 3.35 -24.78 24.37
C PRO B 425 2.84 -25.30 25.72
N TYR B 426 1.82 -26.17 25.71
CA TYR B 426 1.22 -26.77 26.93
C TYR B 426 2.32 -27.43 27.77
N VAL B 427 3.16 -28.24 27.13
CA VAL B 427 4.32 -28.90 27.78
C VAL B 427 5.49 -28.82 26.80
N MET B 428 6.61 -28.21 27.19
CA MET B 428 7.86 -28.21 26.40
C MET B 428 9.01 -28.75 27.28
N MET B 429 9.81 -29.69 26.76
CA MET B 429 11.02 -30.17 27.48
C MET B 429 12.08 -29.06 27.44
N LYS B 430 12.64 -28.71 28.60
CA LYS B 430 13.58 -27.56 28.74
C LYS B 430 14.91 -27.91 28.07
N LYS B 431 15.71 -26.89 27.75
CA LYS B 431 17.05 -27.02 27.10
C LYS B 431 17.87 -28.07 27.85
N ASN B 432 17.98 -27.92 29.18
CA ASN B 432 18.80 -28.78 30.07
C ASN B 432 17.88 -29.64 30.96
N HIS B 433 16.76 -30.11 30.42
CA HIS B 433 15.78 -30.98 31.13
C HIS B 433 16.42 -32.32 31.53
N GLU B 434 17.36 -32.84 30.74
CA GLU B 434 18.20 -34.04 31.06
C GLU B 434 18.97 -33.83 32.36
N MET B 435 19.64 -32.68 32.52
CA MET B 435 20.35 -32.28 33.77
C MET B 435 19.35 -32.08 34.92
N LEU B 436 18.18 -31.54 34.64
CA LEU B 436 17.11 -31.23 35.63
C LEU B 436 16.44 -32.54 36.07
N GLU B 437 15.87 -32.57 37.28
CA GLU B 437 15.11 -33.73 37.80
C GLU B 437 13.74 -33.29 38.33
N GLY B 438 12.77 -34.20 38.31
CA GLY B 438 11.42 -34.02 38.84
C GLY B 438 10.48 -33.45 37.80
N ASN B 439 9.64 -32.51 38.22
CA ASN B 439 8.70 -31.76 37.33
C ASN B 439 9.48 -30.67 36.59
N GLU B 440 10.75 -30.40 36.98
CA GLU B 440 11.57 -29.31 36.41
C GLU B 440 11.77 -29.53 34.90
N ARG B 441 11.81 -30.80 34.47
CA ARG B 441 12.16 -31.17 33.07
C ARG B 441 11.12 -30.58 32.10
N TYR B 442 9.85 -30.54 32.49
CA TYR B 442 8.77 -30.01 31.63
C TYR B 442 8.43 -28.57 32.06
N GLU B 443 8.52 -27.63 31.13
CA GLU B 443 8.13 -26.21 31.34
C GLU B 443 7.09 -25.85 30.28
N GLY B 444 5.87 -25.51 30.68
CA GLY B 444 4.78 -25.20 29.73
C GLY B 444 3.61 -24.51 30.39
N TYR B 445 2.64 -24.06 29.59
CA TYR B 445 1.37 -23.47 30.08
C TYR B 445 0.66 -24.47 31.00
N CYS B 446 0.58 -25.74 30.55
CA CYS B 446 -0.10 -26.83 31.28
C CYS B 446 0.67 -27.13 32.57
N VAL B 447 1.99 -26.97 32.56
CA VAL B 447 2.86 -27.17 33.76
C VAL B 447 2.53 -26.04 34.73
N ASP B 448 2.48 -24.79 34.25
CA ASP B 448 2.09 -23.60 35.06
C ASP B 448 0.69 -23.81 35.62
N LEU B 449 -0.23 -24.31 34.79
CA LEU B 449 -1.66 -24.52 35.17
C LEU B 449 -1.75 -25.61 36.26
N ALA B 450 -0.97 -26.69 36.10
CA ALA B 450 -0.87 -27.82 37.05
C ALA B 450 -0.38 -27.31 38.40
N ALA B 451 0.64 -26.44 38.38
CA ALA B 451 1.21 -25.83 39.61
C ALA B 451 0.13 -25.04 40.33
N GLU B 452 -0.68 -24.28 39.58
CA GLU B 452 -1.78 -23.44 40.13
C GLU B 452 -2.84 -24.35 40.77
N ILE B 453 -3.20 -25.44 40.07
CA ILE B 453 -4.19 -26.44 40.57
C ILE B 453 -3.62 -27.04 41.86
N ALA B 454 -2.33 -27.38 41.85
CA ALA B 454 -1.62 -28.01 42.99
C ALA B 454 -1.70 -27.10 44.22
N LYS B 455 -1.57 -25.77 44.02
CA LYS B 455 -1.55 -24.76 45.10
C LYS B 455 -2.96 -24.66 45.70
N HIS B 456 -3.99 -24.55 44.86
CA HIS B 456 -5.41 -24.47 45.34
C HIS B 456 -5.81 -25.77 46.04
N CYS B 457 -5.44 -26.93 45.49
CA CYS B 457 -5.78 -28.26 46.06
C CYS B 457 -4.97 -28.54 47.34
N GLY B 458 -3.79 -27.90 47.45
CA GLY B 458 -2.82 -28.17 48.52
C GLY B 458 -2.32 -29.62 48.47
N PHE B 459 -2.32 -30.22 47.28
CA PHE B 459 -1.85 -31.59 47.04
C PHE B 459 -0.57 -31.53 46.19
N LYS B 460 0.50 -32.18 46.66
CA LYS B 460 1.76 -32.37 45.89
C LYS B 460 1.43 -33.13 44.59
N TYR B 461 2.03 -32.72 43.47
CA TYR B 461 1.78 -33.30 42.12
C TYR B 461 3.10 -33.72 41.48
N LYS B 462 3.08 -34.82 40.72
CA LYS B 462 4.26 -35.30 39.97
C LYS B 462 3.90 -35.32 38.49
N LEU B 463 4.66 -34.62 37.64
CA LEU B 463 4.49 -34.60 36.16
C LEU B 463 4.95 -35.92 35.54
N THR B 464 4.08 -36.53 34.74
CA THR B 464 4.35 -37.81 34.03
C THR B 464 3.84 -37.71 32.59
N ILE B 465 4.37 -38.51 31.68
CA ILE B 465 3.92 -38.53 30.26
C ILE B 465 3.37 -39.93 29.98
N VAL B 466 2.17 -40.01 29.41
CA VAL B 466 1.56 -41.30 28.93
C VAL B 466 2.45 -41.85 27.81
N GLY B 467 2.74 -43.16 27.84
CA GLY B 467 3.60 -43.85 26.86
C GLY B 467 3.13 -43.62 25.43
N ASP B 468 1.83 -43.84 25.18
CA ASP B 468 1.19 -43.70 23.83
C ASP B 468 1.24 -42.22 23.42
N GLY B 469 0.99 -41.30 24.35
CA GLY B 469 0.89 -39.84 24.13
C GLY B 469 -0.36 -39.45 23.37
N LYS B 470 -1.31 -40.36 23.09
CA LYS B 470 -2.61 -40.03 22.44
C LYS B 470 -3.66 -39.92 23.54
N TYR B 471 -4.31 -38.77 23.68
CA TYR B 471 -5.10 -38.41 24.88
C TYR B 471 -6.25 -39.41 25.03
N GLY B 472 -6.97 -39.72 23.96
CA GLY B 472 -7.95 -40.84 23.94
C GLY B 472 -7.68 -41.86 22.84
N ALA B 473 -7.58 -43.17 23.17
CA ALA B 473 -7.68 -44.25 22.16
C ALA B 473 -8.59 -45.37 22.67
N ARG B 474 -9.78 -45.54 22.09
CA ARG B 474 -10.65 -46.71 22.39
C ARG B 474 -10.95 -47.44 21.08
N ASP B 475 -10.52 -48.69 20.96
CA ASP B 475 -10.95 -49.64 19.90
C ASP B 475 -12.44 -49.93 20.13
N ALA B 476 -13.27 -49.92 19.10
CA ALA B 476 -14.73 -50.14 19.23
C ALA B 476 -15.00 -51.54 19.76
N ASP B 477 -14.28 -52.54 19.27
CA ASP B 477 -14.36 -53.97 19.69
C ASP B 477 -13.90 -54.08 21.16
N THR B 478 -12.73 -53.54 21.48
CA THR B 478 -12.08 -53.67 22.81
C THR B 478 -12.89 -52.87 23.84
N LYS B 479 -13.33 -51.67 23.46
CA LYS B 479 -14.01 -50.68 24.33
C LYS B 479 -13.13 -50.37 25.55
N ILE B 480 -11.81 -50.28 25.34
CA ILE B 480 -10.82 -49.94 26.41
C ILE B 480 -10.12 -48.65 26.01
N TRP B 481 -10.09 -47.65 26.91
CA TRP B 481 -9.47 -46.34 26.63
C TRP B 481 -7.94 -46.44 26.81
N ASN B 482 -7.21 -45.62 26.07
CA ASN B 482 -5.72 -45.54 26.11
C ASN B 482 -5.32 -44.06 26.15
N GLY B 483 -4.06 -43.83 26.55
CA GLY B 483 -3.49 -42.48 26.71
C GLY B 483 -3.78 -41.93 28.09
N MET B 484 -4.12 -40.63 28.18
CA MET B 484 -4.50 -39.99 29.47
C MET B 484 -5.73 -40.71 30.04
N VAL B 485 -6.71 -41.02 29.19
CA VAL B 485 -7.96 -41.73 29.59
C VAL B 485 -7.57 -43.08 30.18
N GLY B 486 -6.67 -43.79 29.51
CA GLY B 486 -6.16 -45.11 29.88
C GLY B 486 -5.49 -45.12 31.24
N GLU B 487 -4.76 -44.04 31.59
CA GLU B 487 -4.05 -43.91 32.89
C GLU B 487 -5.08 -43.67 34.01
N LEU B 488 -6.16 -42.95 33.71
CA LEU B 488 -7.26 -42.64 34.67
C LEU B 488 -8.11 -43.90 34.89
N VAL B 489 -8.47 -44.61 33.82
CA VAL B 489 -9.24 -45.89 33.85
C VAL B 489 -8.50 -46.93 34.73
N TYR B 490 -7.18 -47.06 34.57
CA TYR B 490 -6.33 -48.03 35.32
C TYR B 490 -6.06 -47.50 36.73
N GLY B 491 -6.14 -46.18 36.90
CA GLY B 491 -5.98 -45.47 38.19
C GLY B 491 -4.53 -45.15 38.50
N LYS B 492 -3.60 -45.40 37.57
CA LYS B 492 -2.14 -45.20 37.76
C LYS B 492 -1.84 -43.70 37.85
N ALA B 493 -2.53 -42.87 37.06
CA ALA B 493 -2.48 -41.40 37.14
C ALA B 493 -3.75 -40.88 37.82
N ASP B 494 -3.57 -40.11 38.89
CA ASP B 494 -4.66 -39.53 39.73
C ASP B 494 -5.37 -38.40 39.00
N ILE B 495 -4.66 -37.67 38.12
CA ILE B 495 -5.10 -36.38 37.52
C ILE B 495 -4.42 -36.18 36.16
N ALA B 496 -5.09 -35.47 35.24
CA ALA B 496 -4.60 -35.15 33.88
C ALA B 496 -4.72 -33.65 33.63
N ILE B 497 -3.59 -32.95 33.54
CA ILE B 497 -3.55 -31.50 33.14
C ILE B 497 -3.42 -31.38 31.61
N ALA B 498 -3.28 -32.50 30.89
CA ALA B 498 -3.24 -32.48 29.41
C ALA B 498 -4.55 -31.90 28.91
N PRO B 499 -4.55 -31.13 27.80
CA PRO B 499 -5.78 -30.51 27.29
C PRO B 499 -6.64 -31.54 26.56
N LEU B 500 -7.28 -32.44 27.31
CA LEU B 500 -8.24 -33.43 26.75
C LEU B 500 -9.51 -32.71 26.28
N THR B 501 -9.92 -32.97 25.03
CA THR B 501 -11.19 -32.41 24.47
C THR B 501 -12.35 -32.96 25.30
N ILE B 502 -13.33 -32.11 25.62
CA ILE B 502 -14.57 -32.54 26.32
C ILE B 502 -15.51 -33.12 25.27
N THR B 503 -15.60 -34.45 25.16
CA THR B 503 -16.49 -35.18 24.21
C THR B 503 -17.47 -36.01 25.04
N LEU B 504 -18.65 -36.28 24.49
CA LEU B 504 -19.74 -36.99 25.18
C LEU B 504 -19.24 -38.37 25.62
N VAL B 505 -18.55 -39.08 24.71
CA VAL B 505 -18.02 -40.45 24.96
C VAL B 505 -17.00 -40.39 26.10
N ARG B 506 -16.14 -39.38 26.11
CA ARG B 506 -15.08 -39.23 27.15
C ARG B 506 -15.76 -38.82 28.48
N GLU B 507 -16.79 -37.98 28.42
CA GLU B 507 -17.45 -37.40 29.63
C GLU B 507 -18.05 -38.54 30.48
N GLU B 508 -18.55 -39.59 29.82
CA GLU B 508 -19.21 -40.73 30.51
C GLU B 508 -18.14 -41.56 31.24
N VAL B 509 -16.96 -41.74 30.65
CA VAL B 509 -15.89 -42.61 31.22
C VAL B 509 -15.10 -41.81 32.28
N ILE B 510 -14.74 -40.53 32.04
CA ILE B 510 -13.86 -39.77 32.98
C ILE B 510 -14.52 -38.45 33.42
N ASP B 511 -14.42 -38.12 34.71
CA ASP B 511 -14.97 -36.86 35.29
C ASP B 511 -14.16 -35.69 34.74
N PHE B 512 -14.83 -34.60 34.35
CA PHE B 512 -14.18 -33.44 33.67
C PHE B 512 -14.46 -32.17 34.44
N SER B 513 -13.43 -31.36 34.68
CA SER B 513 -13.56 -30.01 35.31
C SER B 513 -14.09 -29.04 34.26
N LYS B 514 -14.59 -27.88 34.67
CA LYS B 514 -15.02 -26.79 33.74
C LYS B 514 -13.82 -26.43 32.86
N PRO B 515 -14.00 -26.24 31.53
CA PRO B 515 -12.87 -26.03 30.60
C PRO B 515 -12.02 -24.79 30.91
N PHE B 516 -10.69 -24.95 31.00
CA PHE B 516 -9.75 -23.84 31.29
C PHE B 516 -9.65 -22.95 30.05
N MET B 517 -9.64 -23.59 28.87
CA MET B 517 -9.66 -22.95 27.53
C MET B 517 -10.64 -23.69 26.62
N SER B 518 -11.27 -22.97 25.70
CA SER B 518 -12.09 -23.57 24.61
C SER B 518 -11.53 -23.15 23.25
N LEU B 519 -11.44 -24.09 22.30
CA LEU B 519 -10.85 -23.80 20.96
C LEU B 519 -11.56 -24.63 19.90
N GLY B 520 -11.60 -24.14 18.66
CA GLY B 520 -12.34 -24.78 17.58
C GLY B 520 -11.46 -25.73 16.78
N ILE B 521 -12.10 -26.60 15.99
CA ILE B 521 -11.35 -27.53 15.07
C ILE B 521 -10.96 -26.68 13.87
N SER B 522 -9.66 -26.45 13.66
CA SER B 522 -9.12 -25.58 12.58
C SER B 522 -8.50 -26.43 11.47
N ILE B 523 -8.04 -25.76 10.41
CA ILE B 523 -7.28 -26.39 9.29
C ILE B 523 -5.89 -25.75 9.19
N MET B 524 -4.85 -26.58 9.25
CA MET B 524 -3.44 -26.15 9.11
C MET B 524 -2.95 -26.58 7.72
N ILE B 525 -2.55 -25.60 6.92
CA ILE B 525 -2.00 -25.80 5.56
C ILE B 525 -0.71 -24.98 5.47
N LYS B 526 0.24 -25.40 4.62
CA LYS B 526 1.49 -24.63 4.36
C LYS B 526 1.15 -23.33 3.59
N LYS B 527 1.98 -22.30 3.73
CA LYS B 527 1.68 -20.98 3.11
C LYS B 527 1.76 -21.13 1.58
N PRO B 528 0.89 -20.44 0.82
CA PRO B 528 0.92 -20.51 -0.64
C PRO B 528 2.13 -19.80 -1.24
N GLN B 529 2.65 -20.32 -2.36
CA GLN B 529 3.92 -19.85 -2.98
C GLN B 529 3.58 -19.11 -4.29
N LYS B 530 4.17 -17.94 -4.46
CA LYS B 530 4.07 -17.13 -5.71
C LYS B 530 5.16 -17.57 -6.69
N SER B 531 5.96 -18.60 -6.38
CA SER B 531 7.09 -19.11 -7.18
C SER B 531 6.54 -19.75 -8.46
N LYS B 532 7.45 -19.91 -9.44
CA LYS B 532 7.22 -20.63 -10.72
C LYS B 532 6.02 -20.00 -11.45
N PRO B 533 6.12 -18.74 -11.91
CA PRO B 533 5.11 -18.18 -12.79
C PRO B 533 5.04 -19.05 -14.04
N GLY B 534 3.83 -19.44 -14.45
CA GLY B 534 3.64 -20.40 -15.55
C GLY B 534 3.76 -19.73 -16.90
N VAL B 535 3.87 -20.52 -17.96
CA VAL B 535 3.76 -20.02 -19.35
C VAL B 535 2.30 -19.58 -19.53
N PHE B 536 2.06 -18.51 -20.29
CA PHE B 536 0.73 -17.90 -20.44
C PHE B 536 0.32 -17.23 -19.13
N SER B 537 1.28 -16.94 -18.24
CA SER B 537 1.03 -16.08 -17.07
C SER B 537 0.81 -14.63 -17.51
N PHE B 538 1.34 -14.24 -18.66
CA PHE B 538 1.15 -12.88 -19.19
C PHE B 538 -0.32 -12.63 -19.48
N LEU B 539 -1.13 -13.67 -19.72
CA LEU B 539 -2.58 -13.44 -20.02
C LEU B 539 -3.39 -13.32 -18.74
N ASP B 540 -2.77 -13.41 -17.57
CA ASP B 540 -3.49 -13.49 -16.28
C ASP B 540 -4.27 -12.22 -15.96
N PRO B 541 -3.76 -11.00 -16.17
CA PRO B 541 -4.49 -9.80 -15.78
C PRO B 541 -5.89 -9.67 -16.38
N LEU B 542 -6.10 -10.12 -17.61
CA LEU B 542 -7.46 -10.16 -18.22
C LEU B 542 -8.00 -11.58 -18.12
N ALA B 543 -9.25 -11.73 -17.70
CA ALA B 543 -9.92 -13.04 -17.58
C ALA B 543 -10.02 -13.70 -18.95
N TYR B 544 -10.10 -15.03 -18.94
CA TYR B 544 -10.11 -15.86 -20.17
C TYR B 544 -11.28 -15.47 -21.07
N GLU B 545 -12.42 -15.12 -20.48
CA GLU B 545 -13.62 -14.75 -21.29
C GLU B 545 -13.34 -13.45 -22.05
N ILE B 546 -12.59 -12.51 -21.47
CA ILE B 546 -12.27 -11.23 -22.16
C ILE B 546 -11.43 -11.55 -23.38
N TRP B 547 -10.38 -12.36 -23.19
CA TRP B 547 -9.46 -12.78 -24.27
C TRP B 547 -10.29 -13.41 -25.39
N MET B 548 -11.21 -14.31 -25.04
CA MET B 548 -12.04 -15.03 -26.04
C MET B 548 -12.95 -14.01 -26.74
N CYS B 549 -13.51 -13.06 -26.01
CA CYS B 549 -14.38 -12.01 -26.58
C CYS B 549 -13.60 -11.04 -27.44
N ILE B 550 -12.35 -10.73 -27.07
CA ILE B 550 -11.43 -9.90 -27.90
C ILE B 550 -11.28 -10.57 -29.26
N VAL B 551 -11.06 -11.89 -29.26
CA VAL B 551 -10.91 -12.69 -30.51
C VAL B 551 -12.20 -12.59 -31.33
N PHE B 552 -13.37 -12.78 -30.71
CA PHE B 552 -14.69 -12.67 -31.36
C PHE B 552 -14.86 -11.25 -31.91
N ALA B 553 -14.60 -10.24 -31.08
CA ALA B 553 -14.67 -8.82 -31.46
C ALA B 553 -13.78 -8.58 -32.68
N TYR B 554 -12.55 -9.08 -32.65
CA TYR B 554 -11.56 -8.94 -33.75
C TYR B 554 -12.14 -9.53 -35.04
N ILE B 555 -12.68 -10.74 -34.99
CA ILE B 555 -13.36 -11.38 -36.16
C ILE B 555 -14.56 -10.52 -36.56
N GLY B 556 -15.38 -10.08 -35.60
CA GLY B 556 -16.57 -9.27 -35.86
C GLY B 556 -16.21 -8.03 -36.65
N VAL B 557 -15.23 -7.26 -36.15
CA VAL B 557 -14.81 -5.97 -36.74
C VAL B 557 -14.32 -6.18 -38.16
N SER B 558 -13.39 -7.11 -38.36
CA SER B 558 -12.80 -7.40 -39.69
C SER B 558 -13.91 -7.67 -40.70
N VAL B 559 -14.81 -8.61 -40.38
CA VAL B 559 -15.92 -9.04 -41.26
C VAL B 559 -16.80 -7.83 -41.57
N VAL B 560 -17.15 -7.03 -40.56
CA VAL B 560 -18.04 -5.86 -40.75
C VAL B 560 -17.33 -4.84 -41.62
N LEU B 561 -16.04 -4.59 -41.38
CA LEU B 561 -15.23 -3.65 -42.17
C LEU B 561 -15.19 -4.12 -43.64
N PHE B 562 -15.03 -5.43 -43.85
CA PHE B 562 -14.99 -6.06 -45.19
C PHE B 562 -16.32 -5.80 -45.88
N LEU B 563 -17.44 -6.15 -45.24
CA LEU B 563 -18.78 -6.09 -45.86
C LEU B 563 -19.08 -4.65 -46.28
N VAL B 564 -18.89 -3.70 -45.36
CA VAL B 564 -19.20 -2.26 -45.58
C VAL B 564 -18.36 -1.75 -46.76
N SER B 565 -17.09 -2.15 -46.81
CA SER B 565 -16.14 -1.72 -47.87
C SER B 565 -16.59 -2.25 -49.23
N ARG B 566 -17.10 -3.48 -49.29
CA ARG B 566 -17.50 -4.13 -50.57
C ARG B 566 -18.93 -3.68 -50.97
N PHE B 567 -19.77 -3.33 -49.99
CA PHE B 567 -21.20 -3.02 -50.26
C PHE B 567 -21.31 -1.53 -50.61
N SER B 568 -20.62 -0.68 -49.86
CA SER B 568 -20.59 0.79 -50.04
C SER B 568 -19.16 1.27 -50.25
N PRO B 569 -18.54 1.02 -51.44
CA PRO B 569 -17.18 1.46 -51.72
C PRO B 569 -17.03 3.00 -51.75
N TYR B 570 -15.87 3.49 -51.31
CA TYR B 570 -15.40 4.89 -51.47
C TYR B 570 -14.75 4.96 -52.85
N GLU B 591 -7.88 -1.83 -51.80
CA GLU B 591 -9.21 -1.91 -51.14
C GLU B 591 -9.12 -2.82 -49.90
N PHE B 592 -10.23 -2.92 -49.15
CA PHE B 592 -10.36 -3.77 -47.93
C PHE B 592 -10.99 -5.11 -48.30
N GLY B 593 -10.17 -6.09 -48.65
CA GLY B 593 -10.55 -7.51 -48.77
C GLY B 593 -10.63 -8.14 -47.39
N ILE B 594 -11.18 -9.36 -47.29
CA ILE B 594 -11.36 -10.05 -45.97
C ILE B 594 -9.99 -10.13 -45.30
N PHE B 595 -8.95 -10.47 -46.07
CA PHE B 595 -7.55 -10.62 -45.58
C PHE B 595 -6.97 -9.26 -45.17
N ASN B 596 -7.21 -8.21 -45.96
CA ASN B 596 -6.73 -6.85 -45.65
C ASN B 596 -7.46 -6.29 -44.43
N SER B 597 -8.76 -6.54 -44.31
CA SER B 597 -9.57 -6.11 -43.16
C SER B 597 -9.08 -6.81 -41.89
N LEU B 598 -8.84 -8.11 -41.98
CA LEU B 598 -8.28 -8.89 -40.85
C LEU B 598 -6.94 -8.29 -40.43
N TRP B 599 -6.11 -7.92 -41.41
CA TRP B 599 -4.76 -7.31 -41.17
C TRP B 599 -4.93 -5.96 -40.49
N PHE B 600 -5.79 -5.09 -41.03
CA PHE B 600 -6.05 -3.73 -40.48
C PHE B 600 -6.44 -3.87 -39.00
N SER B 601 -7.44 -4.70 -38.72
CA SER B 601 -7.94 -4.94 -37.36
C SER B 601 -6.80 -5.42 -36.45
N LEU B 602 -6.05 -6.44 -36.86
CA LEU B 602 -4.91 -6.99 -36.07
C LEU B 602 -3.89 -5.89 -35.85
N GLY B 603 -3.64 -5.07 -36.88
CA GLY B 603 -2.72 -3.92 -36.81
C GLY B 603 -3.19 -2.91 -35.79
N ALA B 604 -4.49 -2.63 -35.78
CA ALA B 604 -5.09 -1.61 -34.90
C ALA B 604 -5.04 -2.08 -33.45
N PHE B 605 -5.33 -3.35 -33.18
CA PHE B 605 -5.33 -3.88 -31.79
C PHE B 605 -3.94 -3.77 -31.17
N MET B 606 -2.88 -3.98 -31.95
CA MET B 606 -1.51 -3.96 -31.42
C MET B 606 -0.99 -2.54 -31.36
N ARG B 607 -1.72 -1.52 -31.80
CA ARG B 607 -1.34 -0.09 -31.73
C ARG B 607 -0.21 0.19 -32.74
N GLN B 608 -0.09 -0.67 -33.75
CA GLN B 608 0.90 -0.56 -34.84
C GLN B 608 0.20 0.06 -36.06
N GLY B 609 0.82 1.10 -36.60
CA GLY B 609 0.25 1.84 -37.75
C GLY B 609 0.12 0.96 -38.97
N CYS B 610 -0.96 1.13 -39.73
CA CYS B 610 -1.25 0.39 -40.96
C CYS B 610 -1.37 1.39 -42.12
N ASP B 611 -0.68 1.12 -43.22
CA ASP B 611 -0.63 2.02 -44.39
C ASP B 611 -2.04 2.13 -44.98
N ILE B 612 -2.75 1.01 -45.09
CA ILE B 612 -4.20 1.01 -45.49
C ILE B 612 -5.04 1.63 -44.37
N SER B 613 -6.02 2.45 -44.73
CA SER B 613 -6.91 3.16 -43.78
C SER B 613 -8.30 3.25 -44.39
N PRO B 614 -9.40 3.02 -43.62
CA PRO B 614 -10.76 3.18 -44.16
C PRO B 614 -11.00 4.61 -44.67
N ARG B 615 -11.60 4.76 -45.84
CA ARG B 615 -11.87 6.08 -46.47
C ARG B 615 -13.36 6.42 -46.35
N SER B 616 -14.23 5.42 -46.48
CA SER B 616 -15.71 5.56 -46.39
C SER B 616 -16.11 5.97 -44.97
N LEU B 617 -17.17 6.78 -44.85
CA LEU B 617 -17.76 7.14 -43.54
C LEU B 617 -18.13 5.86 -42.79
N SER B 618 -18.86 4.97 -43.46
CA SER B 618 -19.30 3.68 -42.93
C SER B 618 -18.09 2.89 -42.42
N GLY B 619 -17.01 2.85 -43.21
CA GLY B 619 -15.74 2.20 -42.85
C GLY B 619 -15.08 2.87 -41.65
N ARG B 620 -14.91 4.19 -41.71
CA ARG B 620 -14.20 4.98 -40.67
C ARG B 620 -14.91 4.83 -39.32
N ILE B 621 -16.22 4.66 -39.30
CA ILE B 621 -16.99 4.39 -38.04
C ILE B 621 -16.48 3.08 -37.45
N VAL B 622 -16.40 2.02 -38.26
CA VAL B 622 -15.93 0.68 -37.82
C VAL B 622 -14.54 0.85 -37.19
N GLY B 623 -13.61 1.41 -37.95
CA GLY B 623 -12.23 1.65 -37.49
C GLY B 623 -12.20 2.51 -36.25
N GLY B 624 -12.91 3.63 -36.29
CA GLY B 624 -13.01 4.60 -35.19
C GLY B 624 -13.36 3.90 -33.88
N VAL B 625 -14.38 3.06 -33.90
CA VAL B 625 -14.90 2.42 -32.66
C VAL B 625 -13.96 1.30 -32.25
N TRP B 626 -13.43 0.54 -33.20
CA TRP B 626 -12.42 -0.51 -32.91
C TRP B 626 -11.21 0.13 -32.25
N TRP B 627 -10.73 1.25 -32.79
CA TRP B 627 -9.62 2.02 -32.20
C TRP B 627 -9.91 2.37 -30.75
N PHE B 628 -11.14 2.76 -30.43
CA PHE B 628 -11.55 3.07 -29.04
C PHE B 628 -11.48 1.80 -28.19
N PHE B 629 -12.01 0.70 -28.71
CA PHE B 629 -11.99 -0.61 -28.01
C PHE B 629 -10.54 -0.95 -27.68
N THR B 630 -9.66 -0.87 -28.65
CA THR B 630 -8.24 -1.28 -28.48
C THR B 630 -7.57 -0.43 -27.41
N LEU B 631 -7.78 0.88 -27.45
CA LEU B 631 -7.12 1.80 -26.51
C LEU B 631 -7.47 1.43 -25.07
N ILE B 632 -8.75 1.16 -24.80
CA ILE B 632 -9.24 0.89 -23.43
C ILE B 632 -8.74 -0.48 -22.96
N ILE B 633 -8.77 -1.51 -23.80
CA ILE B 633 -8.35 -2.88 -23.42
C ILE B 633 -6.84 -2.84 -23.15
N ILE B 634 -6.02 -2.36 -24.10
CA ILE B 634 -4.55 -2.27 -23.90
C ILE B 634 -4.27 -1.55 -22.59
N SER B 635 -4.90 -0.40 -22.39
CA SER B 635 -4.73 0.42 -21.18
C SER B 635 -5.20 -0.37 -19.95
N SER B 636 -6.34 -1.05 -20.04
CA SER B 636 -6.84 -1.92 -18.97
C SER B 636 -5.78 -2.95 -18.62
N TYR B 637 -5.30 -3.69 -19.61
CA TYR B 637 -4.29 -4.76 -19.43
C TYR B 637 -3.08 -4.19 -18.72
N THR B 638 -2.50 -3.12 -19.25
CA THR B 638 -1.33 -2.44 -18.66
C THR B 638 -1.62 -2.15 -17.20
N ALA B 639 -2.71 -1.44 -16.93
CA ALA B 639 -3.10 -1.05 -15.57
C ALA B 639 -3.16 -2.27 -14.67
N ASN B 640 -4.00 -3.23 -15.02
CA ASN B 640 -4.28 -4.38 -14.13
C ASN B 640 -2.97 -5.13 -13.90
N LEU B 641 -2.13 -5.29 -14.92
CA LEU B 641 -0.81 -5.95 -14.77
C LEU B 641 0.03 -5.15 -13.78
N ALA B 642 -0.12 -3.82 -13.76
CA ALA B 642 0.54 -2.96 -12.76
C ALA B 642 0.01 -3.33 -11.37
N ALA B 643 -1.29 -3.50 -11.23
CA ALA B 643 -1.91 -3.87 -9.95
C ALA B 643 -1.28 -5.16 -9.42
N PHE B 644 -1.26 -6.20 -10.24
CA PHE B 644 -0.72 -7.54 -9.88
C PHE B 644 0.72 -7.40 -9.35
N LEU B 645 1.58 -6.73 -10.11
CA LEU B 645 3.03 -6.66 -9.80
C LEU B 645 3.27 -5.78 -8.59
N THR B 646 2.42 -4.78 -8.34
CA THR B 646 2.48 -3.94 -7.12
C THR B 646 2.17 -4.80 -5.88
N VAL B 647 1.01 -5.45 -5.87
CA VAL B 647 0.35 -6.03 -4.66
C VAL B 647 0.31 -7.54 -4.82
N GLU B 648 1.06 -8.31 -4.01
CA GLU B 648 1.02 -9.80 -4.06
C GLU B 648 -0.03 -10.35 -3.11
N ARG B 649 -1.14 -10.88 -3.65
CA ARG B 649 -2.11 -11.72 -2.91
C ARG B 649 -2.01 -13.16 -3.41
N MET B 650 -1.79 -14.12 -2.51
CA MET B 650 -1.60 -15.56 -2.85
C MET B 650 -2.86 -16.34 -2.43
N VAL B 651 -3.46 -17.07 -3.36
CA VAL B 651 -4.72 -17.83 -3.12
C VAL B 651 -4.39 -19.03 -2.21
N SER B 652 -5.07 -19.13 -1.07
CA SER B 652 -5.18 -20.32 -0.21
C SER B 652 -5.76 -21.50 -1.00
N PRO B 653 -5.09 -22.68 -0.98
CA PRO B 653 -5.53 -23.82 -1.79
C PRO B 653 -6.95 -24.26 -1.39
N ILE B 654 -7.22 -24.46 -0.09
CA ILE B 654 -8.57 -24.77 0.44
C ILE B 654 -9.05 -23.62 1.34
N GLU B 655 -9.87 -22.72 0.81
CA GLU B 655 -10.31 -21.48 1.54
C GLU B 655 -11.25 -21.86 2.69
N SER B 656 -12.05 -22.93 2.51
CA SER B 656 -13.04 -23.45 3.48
C SER B 656 -13.07 -24.98 3.45
N ALA B 657 -13.61 -25.60 4.50
CA ALA B 657 -13.63 -27.07 4.69
C ALA B 657 -14.48 -27.71 3.59
N GLU B 658 -15.61 -27.09 3.29
CA GLU B 658 -16.54 -27.55 2.22
C GLU B 658 -15.76 -27.58 0.90
N ASP B 659 -15.01 -26.51 0.62
CA ASP B 659 -14.20 -26.37 -0.63
C ASP B 659 -13.20 -27.53 -0.68
N LEU B 660 -12.56 -27.84 0.45
CA LEU B 660 -11.52 -28.89 0.53
C LEU B 660 -12.16 -30.23 0.16
N SER B 661 -13.33 -30.54 0.72
CA SER B 661 -14.04 -31.84 0.51
C SER B 661 -14.40 -31.97 -0.97
N LYS B 662 -14.91 -30.89 -1.59
CA LYS B 662 -15.39 -30.90 -2.99
C LYS B 662 -14.19 -31.16 -3.93
N GLN B 663 -13.11 -30.41 -3.76
CA GLN B 663 -11.95 -30.43 -4.69
C GLN B 663 -11.24 -31.77 -4.53
N THR B 664 -11.00 -32.23 -3.30
CA THR B 664 -10.20 -33.43 -2.97
C THR B 664 -8.74 -33.24 -3.41
N GLU B 665 -8.34 -32.01 -3.77
CA GLU B 665 -6.98 -31.66 -4.24
C GLU B 665 -5.98 -31.96 -3.13
N ILE B 666 -6.32 -31.62 -1.88
CA ILE B 666 -5.43 -31.82 -0.70
C ILE B 666 -6.05 -32.90 0.21
N ALA B 667 -5.28 -33.92 0.55
CA ALA B 667 -5.72 -34.98 1.48
C ALA B 667 -5.85 -34.37 2.88
N TYR B 668 -6.89 -34.71 3.62
CA TYR B 668 -7.14 -34.15 4.98
C TYR B 668 -6.98 -35.28 6.01
N GLY B 669 -6.18 -35.03 7.06
CA GLY B 669 -5.80 -36.03 8.06
C GLY B 669 -6.04 -35.53 9.47
N THR B 670 -6.36 -36.43 10.40
CA THR B 670 -6.56 -36.12 11.83
C THR B 670 -5.74 -37.11 12.67
N LEU B 671 -5.49 -36.80 13.94
CA LEU B 671 -4.77 -37.70 14.87
C LEU B 671 -5.36 -39.11 14.79
N ASP B 672 -4.57 -40.11 14.42
CA ASP B 672 -5.01 -41.51 14.18
C ASP B 672 -5.96 -41.97 15.29
N SER B 673 -5.60 -41.73 16.54
CA SER B 673 -6.45 -41.93 17.73
C SER B 673 -6.62 -40.58 18.43
N GLY B 674 -7.81 -39.97 18.32
CA GLY B 674 -8.08 -38.63 18.89
C GLY B 674 -9.55 -38.28 18.82
N SER B 675 -9.95 -37.27 19.59
CA SER B 675 -11.33 -36.73 19.63
C SER B 675 -11.75 -36.28 18.22
N THR B 676 -10.84 -35.66 17.48
CA THR B 676 -11.06 -35.12 16.11
C THR B 676 -11.47 -36.26 15.18
N LYS B 677 -10.78 -37.40 15.25
CA LYS B 677 -11.03 -38.59 14.37
C LYS B 677 -12.40 -39.18 14.74
N GLU B 678 -12.73 -39.21 16.03
CA GLU B 678 -14.00 -39.78 16.55
C GLU B 678 -15.15 -38.86 16.15
N PHE B 679 -14.99 -37.55 16.30
CA PHE B 679 -16.05 -36.54 16.06
C PHE B 679 -16.47 -36.64 14.58
N PHE B 680 -15.48 -36.73 13.68
CA PHE B 680 -15.72 -36.79 12.21
C PHE B 680 -16.50 -38.08 11.89
N ARG B 681 -16.13 -39.20 12.53
CA ARG B 681 -16.79 -40.52 12.30
C ARG B 681 -18.27 -40.42 12.70
N ARG B 682 -18.55 -39.84 13.87
CA ARG B 682 -19.93 -39.77 14.45
C ARG B 682 -20.68 -38.56 13.88
N SER B 683 -19.97 -37.62 13.24
CA SER B 683 -20.54 -36.40 12.60
C SER B 683 -21.75 -36.79 11.73
N LYS B 684 -22.86 -36.10 11.94
CA LYS B 684 -24.17 -36.32 11.26
C LYS B 684 -24.23 -35.49 9.96
N ILE B 685 -23.23 -34.63 9.72
CA ILE B 685 -23.16 -33.76 8.51
C ILE B 685 -22.66 -34.62 7.35
N ALA B 686 -23.32 -34.52 6.19
CA ALA B 686 -23.06 -35.31 4.98
C ALA B 686 -21.62 -35.08 4.50
N VAL B 687 -21.21 -33.82 4.38
CA VAL B 687 -19.84 -33.43 3.92
C VAL B 687 -18.81 -34.03 4.89
N PHE B 688 -19.06 -33.97 6.20
CA PHE B 688 -18.15 -34.48 7.25
C PHE B 688 -18.11 -36.02 7.22
N ASP B 689 -19.25 -36.66 6.96
CA ASP B 689 -19.36 -38.15 6.93
C ASP B 689 -18.54 -38.65 5.75
N LYS B 690 -18.65 -37.95 4.61
CA LYS B 690 -17.92 -38.25 3.36
C LYS B 690 -16.42 -38.11 3.63
N MET B 691 -16.02 -37.02 4.28
CA MET B 691 -14.60 -36.73 4.61
C MET B 691 -14.06 -37.82 5.53
N TRP B 692 -14.85 -38.25 6.52
CA TRP B 692 -14.46 -39.29 7.51
C TRP B 692 -14.29 -40.64 6.81
N THR B 693 -15.26 -41.00 5.97
CA THR B 693 -15.28 -42.27 5.20
C THR B 693 -13.99 -42.34 4.36
N TYR B 694 -13.72 -41.25 3.67
CA TYR B 694 -12.64 -41.10 2.67
C TYR B 694 -11.30 -41.22 3.40
N MET B 695 -11.13 -40.46 4.50
CA MET B 695 -9.89 -40.47 5.33
C MET B 695 -9.67 -41.89 5.87
N ARG B 696 -10.76 -42.54 6.34
CA ARG B 696 -10.72 -43.94 6.84
C ARG B 696 -10.38 -44.85 5.65
N SER B 697 -10.88 -44.55 4.45
CA SER B 697 -10.74 -45.39 3.23
C SER B 697 -9.57 -44.93 2.34
N ALA B 698 -8.59 -44.21 2.89
CA ALA B 698 -7.42 -43.66 2.14
C ALA B 698 -6.16 -44.48 2.39
N GLU B 699 -5.46 -44.84 1.31
CA GLU B 699 -4.11 -45.46 1.31
C GLU B 699 -3.16 -44.59 0.49
N PRO B 700 -1.96 -44.21 1.01
CA PRO B 700 -1.59 -44.48 2.40
C PRO B 700 -2.46 -43.70 3.39
N SER B 701 -2.46 -44.13 4.66
CA SER B 701 -3.26 -43.52 5.75
C SER B 701 -2.94 -42.02 5.81
N VAL B 702 -3.97 -41.19 5.86
CA VAL B 702 -3.81 -39.73 6.11
C VAL B 702 -3.77 -39.48 7.61
N PHE B 703 -4.28 -40.42 8.42
CA PHE B 703 -4.21 -40.37 9.91
C PHE B 703 -2.73 -40.41 10.33
N VAL B 704 -2.37 -39.57 11.30
CA VAL B 704 -0.96 -39.40 11.79
C VAL B 704 -0.91 -39.74 13.28
N ARG B 705 0.20 -40.36 13.70
CA ARG B 705 0.41 -40.88 15.08
C ARG B 705 0.45 -39.73 16.09
N THR B 706 1.19 -38.66 15.78
CA THR B 706 1.48 -37.49 16.66
C THR B 706 1.21 -36.19 15.91
N THR B 707 1.04 -35.09 16.65
CA THR B 707 0.93 -33.70 16.12
C THR B 707 2.12 -33.41 15.19
N ALA B 708 3.33 -33.63 15.71
CA ALA B 708 4.61 -33.36 15.02
C ALA B 708 4.63 -34.10 13.68
N GLU B 709 4.17 -35.35 13.66
CA GLU B 709 4.08 -36.19 12.45
C GLU B 709 3.17 -35.51 11.43
N GLY B 710 2.06 -34.92 11.90
CA GLY B 710 1.09 -34.19 11.07
C GLY B 710 1.75 -32.98 10.44
N VAL B 711 2.47 -32.20 11.25
CA VAL B 711 3.16 -30.96 10.82
C VAL B 711 4.19 -31.30 9.73
N ALA B 712 4.99 -32.35 9.95
CA ALA B 712 6.07 -32.77 9.02
C ALA B 712 5.43 -33.23 7.71
N ARG B 713 4.34 -33.99 7.80
CA ARG B 713 3.61 -34.53 6.62
C ARG B 713 3.15 -33.35 5.76
N VAL B 714 2.65 -32.29 6.40
CA VAL B 714 2.19 -31.07 5.68
C VAL B 714 3.38 -30.48 4.92
N ARG B 715 4.51 -30.29 5.61
CA ARG B 715 5.69 -29.61 5.03
C ARG B 715 6.25 -30.44 3.86
N LYS B 716 6.26 -31.77 3.97
CA LYS B 716 6.83 -32.68 2.93
C LYS B 716 5.90 -32.72 1.71
N SER B 717 4.60 -32.61 1.95
CA SER B 717 3.55 -32.69 0.90
C SER B 717 3.45 -31.40 0.10
N LYS B 718 3.90 -30.27 0.68
CA LYS B 718 3.83 -28.93 0.05
C LYS B 718 2.37 -28.62 -0.34
N GLY B 719 1.44 -28.95 0.56
CA GLY B 719 0.01 -28.65 0.39
C GLY B 719 -0.75 -29.76 -0.33
N LYS B 720 -0.07 -30.82 -0.78
CA LYS B 720 -0.76 -32.05 -1.28
C LYS B 720 -1.53 -32.71 -0.13
N TYR B 721 -1.11 -32.48 1.12
CA TYR B 721 -1.79 -32.94 2.36
C TYR B 721 -1.96 -31.74 3.29
N ALA B 722 -3.17 -31.54 3.80
CA ALA B 722 -3.55 -30.51 4.80
C ALA B 722 -3.82 -31.22 6.14
N TYR B 723 -3.86 -30.46 7.23
CA TYR B 723 -3.99 -31.04 8.60
C TYR B 723 -5.19 -30.41 9.30
N LEU B 724 -6.03 -31.25 9.92
CA LEU B 724 -7.15 -30.81 10.78
C LEU B 724 -6.73 -31.00 12.23
N LEU B 725 -6.65 -29.93 13.01
CA LEU B 725 -6.23 -29.97 14.43
C LEU B 725 -6.87 -28.81 15.18
N GLU B 726 -6.82 -28.85 16.51
CA GLU B 726 -7.45 -27.80 17.35
C GLU B 726 -6.74 -26.47 17.13
N SER B 727 -7.52 -25.39 17.03
CA SER B 727 -7.03 -24.05 16.61
C SER B 727 -5.90 -23.58 17.51
N THR B 728 -5.93 -23.94 18.80
CA THR B 728 -4.87 -23.59 19.79
C THR B 728 -3.48 -24.05 19.29
N MET B 729 -3.35 -25.31 18.86
CA MET B 729 -2.02 -25.84 18.44
C MET B 729 -1.62 -25.22 17.10
N ASN B 730 -2.60 -24.99 16.22
CA ASN B 730 -2.40 -24.27 14.94
C ASN B 730 -1.78 -22.90 15.25
N GLU B 731 -2.33 -22.21 16.24
CA GLU B 731 -1.91 -20.84 16.65
C GLU B 731 -0.42 -20.87 17.01
N TYR B 732 -0.01 -21.80 17.86
CA TYR B 732 1.38 -21.80 18.37
C TYR B 732 2.31 -22.34 17.28
N ILE B 733 1.84 -23.30 16.49
CA ILE B 733 2.64 -23.86 15.37
C ILE B 733 2.96 -22.72 14.41
N GLU B 734 2.00 -21.84 14.15
CA GLU B 734 2.20 -20.64 13.31
C GLU B 734 3.21 -19.72 13.98
N GLN B 735 3.08 -19.49 15.29
CA GLN B 735 3.98 -18.58 16.05
C GLN B 735 5.41 -19.13 16.03
N ARG B 736 5.60 -20.45 16.17
CA ARG B 736 6.93 -21.10 16.12
C ARG B 736 7.48 -21.01 14.69
N LYS B 737 8.78 -20.78 14.52
CA LYS B 737 9.46 -20.83 13.20
C LYS B 737 9.25 -22.23 12.62
N PRO B 738 9.07 -22.40 11.29
CA PRO B 738 9.44 -21.42 10.27
C PRO B 738 8.31 -20.55 9.70
N CYS B 739 7.19 -20.42 10.42
CA CYS B 739 6.07 -19.49 10.10
C CYS B 739 5.46 -19.85 8.74
N ASP B 740 5.45 -21.14 8.37
CA ASP B 740 4.91 -21.61 7.06
C ASP B 740 3.47 -22.11 7.23
N THR B 741 3.20 -22.93 8.26
CA THR B 741 1.85 -23.52 8.50
C THR B 741 0.92 -22.43 9.05
N MET B 742 -0.27 -22.28 8.46
CA MET B 742 -1.23 -21.19 8.83
C MET B 742 -2.61 -21.78 9.12
N LYS B 743 -3.48 -20.99 9.74
CA LYS B 743 -4.88 -21.39 10.04
C LYS B 743 -5.82 -20.84 8.99
N VAL B 744 -6.58 -21.70 8.31
CA VAL B 744 -7.46 -21.31 7.18
C VAL B 744 -8.90 -21.65 7.53
N GLY B 745 -9.83 -20.74 7.23
CA GLY B 745 -11.28 -20.96 7.37
C GLY B 745 -11.74 -20.80 8.81
N GLY B 746 -13.05 -20.71 8.98
CA GLY B 746 -13.72 -20.78 10.29
C GLY B 746 -13.53 -22.15 10.91
N ASN B 747 -13.49 -22.23 12.25
CA ASN B 747 -13.34 -23.53 12.95
C ASN B 747 -14.60 -24.38 12.70
N LEU B 748 -14.39 -25.67 12.48
CA LEU B 748 -15.46 -26.63 12.13
C LEU B 748 -16.43 -26.78 13.30
N ASP B 749 -15.92 -26.85 14.54
CA ASP B 749 -16.76 -26.72 15.76
C ASP B 749 -15.88 -26.37 16.97
N SER B 750 -16.45 -25.65 17.93
CA SER B 750 -15.81 -25.29 19.22
C SER B 750 -15.70 -26.54 20.09
N LYS B 751 -14.52 -26.77 20.66
CA LYS B 751 -14.24 -27.81 21.69
C LYS B 751 -13.52 -27.21 22.91
N GLY B 752 -14.03 -27.52 24.11
CA GLY B 752 -13.44 -27.15 25.39
C GLY B 752 -12.43 -28.18 25.88
N TYR B 753 -11.46 -27.75 26.66
CA TYR B 753 -10.42 -28.63 27.28
C TYR B 753 -10.51 -28.40 28.77
N GLY B 754 -10.75 -29.45 29.54
CA GLY B 754 -10.92 -29.41 31.00
C GLY B 754 -9.95 -30.34 31.70
N ILE B 755 -9.65 -30.05 32.96
CA ILE B 755 -8.81 -30.92 33.84
C ILE B 755 -9.55 -32.25 33.99
N ALA B 756 -8.87 -33.36 33.72
CA ALA B 756 -9.51 -34.70 33.63
C ALA B 756 -9.12 -35.53 34.86
N THR B 757 -10.11 -36.18 35.46
CA THR B 757 -9.92 -37.03 36.68
C THR B 757 -10.66 -38.36 36.46
N PRO B 758 -10.25 -39.44 37.16
CA PRO B 758 -11.02 -40.68 37.17
C PRO B 758 -12.47 -40.40 37.59
N LYS B 759 -13.43 -41.13 37.01
CA LYS B 759 -14.88 -41.04 37.37
C LYS B 759 -15.05 -41.04 38.89
N GLY B 760 -15.67 -39.99 39.44
CA GLY B 760 -15.95 -39.83 40.88
C GLY B 760 -14.70 -39.66 41.73
N SER B 761 -13.62 -39.12 41.17
CA SER B 761 -12.32 -38.90 41.89
C SER B 761 -12.52 -37.88 43.02
N SER B 762 -11.76 -38.04 44.11
CA SER B 762 -11.73 -37.12 45.28
C SER B 762 -11.11 -35.78 44.85
N LEU B 763 -10.07 -35.85 44.01
CA LEU B 763 -9.38 -34.69 43.37
C LEU B 763 -10.37 -33.83 42.57
N GLY B 764 -11.39 -34.43 41.95
CA GLY B 764 -12.31 -33.76 41.00
C GLY B 764 -12.87 -32.46 41.56
N THR B 765 -13.49 -32.52 42.74
CA THR B 765 -14.14 -31.31 43.33
C THR B 765 -13.11 -30.17 43.51
N PRO B 766 -12.02 -30.31 44.31
CA PRO B 766 -11.03 -29.25 44.42
C PRO B 766 -10.56 -28.68 43.08
N VAL B 767 -10.37 -29.54 42.07
CA VAL B 767 -9.83 -29.05 40.76
C VAL B 767 -10.91 -28.25 40.03
N ASN B 768 -12.19 -28.63 40.18
CA ASN B 768 -13.31 -27.89 39.52
C ASN B 768 -13.36 -26.48 40.13
N LEU B 769 -13.23 -26.39 41.45
CA LEU B 769 -13.27 -25.10 42.19
C LEU B 769 -12.01 -24.28 41.82
N ALA B 770 -10.86 -24.93 41.65
CA ALA B 770 -9.59 -24.28 41.25
C ALA B 770 -9.76 -23.63 39.87
N VAL B 771 -10.34 -24.37 38.92
CA VAL B 771 -10.58 -23.89 37.52
C VAL B 771 -11.44 -22.62 37.59
N LEU B 772 -12.51 -22.64 38.41
CA LEU B 772 -13.46 -21.50 38.56
C LEU B 772 -12.74 -20.29 39.19
N LYS B 773 -11.97 -20.54 40.26
CA LYS B 773 -11.21 -19.51 41.00
C LYS B 773 -10.17 -18.89 40.05
N LEU B 774 -9.43 -19.73 39.32
CA LEU B 774 -8.35 -19.26 38.40
C LEU B 774 -8.96 -18.49 37.22
N SER B 775 -10.15 -18.90 36.74
CA SER B 775 -10.87 -18.22 35.63
C SER B 775 -11.29 -16.82 36.09
N GLU B 776 -11.85 -16.68 37.29
CA GLU B 776 -12.23 -15.35 37.84
C GLU B 776 -10.96 -14.50 38.02
N GLN B 777 -9.87 -15.11 38.46
CA GLN B 777 -8.55 -14.42 38.67
C GLN B 777 -8.02 -13.93 37.32
N GLY B 778 -8.28 -14.68 36.25
CA GLY B 778 -7.75 -14.41 34.89
C GLY B 778 -6.30 -14.86 34.73
N VAL B 779 -5.78 -15.60 35.73
CA VAL B 779 -4.39 -16.16 35.72
C VAL B 779 -4.21 -17.06 34.48
N LEU B 780 -5.20 -17.93 34.22
CA LEU B 780 -5.24 -18.84 33.06
C LEU B 780 -5.08 -18.03 31.76
N ASP B 781 -5.85 -16.96 31.60
CA ASP B 781 -5.85 -16.10 30.39
C ASP B 781 -4.46 -15.48 30.23
N LYS B 782 -3.87 -14.96 31.32
CA LYS B 782 -2.52 -14.32 31.28
C LYS B 782 -1.48 -15.37 30.88
N LEU B 783 -1.57 -16.59 31.44
CA LEU B 783 -0.60 -17.69 31.14
C LEU B 783 -0.67 -18.00 29.64
N LYS B 784 -1.89 -18.11 29.11
CA LYS B 784 -2.13 -18.41 27.68
C LYS B 784 -1.51 -17.31 26.82
N ASN B 785 -1.73 -16.03 27.19
CA ASN B 785 -1.21 -14.87 26.43
C ASN B 785 0.31 -14.97 26.26
N LYS B 786 1.05 -15.20 27.36
CA LYS B 786 2.53 -15.22 27.32
C LYS B 786 3.01 -16.37 26.41
N TRP B 787 2.45 -17.57 26.60
CA TRP B 787 2.90 -18.77 25.86
C TRP B 787 2.52 -18.64 24.38
N TRP B 788 1.27 -18.27 24.10
CA TRP B 788 0.69 -18.33 22.73
C TRP B 788 1.32 -17.26 21.83
N TYR B 789 1.37 -16.00 22.25
CA TYR B 789 1.70 -14.87 21.32
C TYR B 789 2.96 -14.13 21.76
N ASP B 790 3.16 -13.95 23.06
CA ASP B 790 4.27 -13.10 23.58
C ASP B 790 5.61 -13.72 23.19
N LYS B 791 5.74 -15.05 23.18
CA LYS B 791 6.95 -15.77 22.71
C LYS B 791 7.54 -15.11 21.46
N GLY B 792 6.70 -14.76 20.47
CA GLY B 792 7.09 -13.95 19.29
C GLY B 792 8.25 -14.56 18.52
N GLU B 793 8.24 -15.87 18.30
CA GLU B 793 9.24 -16.57 17.45
C GLU B 793 9.09 -16.06 16.00
N CYS B 794 7.85 -15.84 15.56
CA CYS B 794 7.51 -15.25 14.25
C CYS B 794 7.55 -13.74 14.33
N GLY B 795 7.01 -13.17 15.42
CA GLY B 795 6.81 -11.72 15.61
C GLY B 795 5.65 -11.21 14.77
N ALA B 796 4.82 -12.12 14.24
CA ALA B 796 3.64 -11.81 13.40
C ALA B 796 4.05 -10.88 12.25
N LYS B 797 5.16 -11.20 11.58
CA LYS B 797 5.75 -10.39 10.48
C LYS B 797 4.72 -10.26 9.34
N ASP B 798 4.57 -9.04 8.79
CA ASP B 798 3.62 -8.72 7.71
C ASP B 798 4.20 -7.60 6.84
N LYS B 802 4.53 -4.38 1.69
CA LYS B 802 4.94 -3.75 0.40
C LYS B 802 6.46 -3.90 0.23
N GLU B 803 6.94 -5.15 0.18
CA GLU B 803 8.39 -5.50 0.02
C GLU B 803 8.84 -5.07 -1.38
N LYS B 804 10.11 -4.68 -1.52
CA LYS B 804 10.74 -4.13 -2.76
C LYS B 804 10.47 -5.10 -3.91
N THR B 805 9.91 -4.60 -5.02
CA THR B 805 9.46 -5.41 -6.17
C THR B 805 10.69 -5.93 -6.92
N SER B 806 10.52 -7.09 -7.56
CA SER B 806 11.57 -7.82 -8.32
C SER B 806 11.36 -7.57 -9.81
N ALA B 807 12.44 -7.27 -10.50
CA ALA B 807 12.50 -7.19 -11.99
C ALA B 807 11.91 -8.47 -12.59
N LEU B 808 11.12 -8.36 -13.65
CA LEU B 808 10.44 -9.53 -14.25
C LEU B 808 11.50 -10.50 -14.75
N SER B 809 11.43 -11.77 -14.35
CA SER B 809 12.36 -12.84 -14.79
C SER B 809 11.78 -13.51 -16.02
N LEU B 810 12.63 -14.10 -16.86
CA LEU B 810 12.25 -14.57 -18.21
C LEU B 810 11.05 -15.51 -18.11
N SER B 811 10.96 -16.27 -17.03
CA SER B 811 9.82 -17.14 -16.68
C SER B 811 8.49 -16.38 -16.73
N ASN B 812 8.41 -15.19 -16.14
CA ASN B 812 7.13 -14.44 -16.01
C ASN B 812 6.60 -14.14 -17.41
N VAL B 813 7.48 -13.87 -18.36
CA VAL B 813 7.08 -13.46 -19.73
C VAL B 813 7.50 -14.56 -20.72
N ALA B 814 7.72 -15.78 -20.25
CA ALA B 814 8.25 -16.87 -21.10
C ALA B 814 7.26 -17.19 -22.21
N GLY B 815 5.97 -17.24 -21.89
CA GLY B 815 4.90 -17.62 -22.83
C GLY B 815 4.93 -16.80 -24.10
N VAL B 816 5.15 -15.50 -23.94
CA VAL B 816 5.12 -14.58 -25.09
C VAL B 816 6.28 -14.94 -26.01
N PHE B 817 7.44 -15.31 -25.47
CA PHE B 817 8.61 -15.74 -26.29
C PHE B 817 8.28 -17.03 -27.02
N TYR B 818 7.64 -17.98 -26.34
CA TYR B 818 7.25 -19.27 -26.95
C TYR B 818 6.30 -19.00 -28.12
N ILE B 819 5.31 -18.12 -27.93
CA ILE B 819 4.32 -17.76 -28.98
C ILE B 819 5.07 -17.13 -30.15
N LEU B 820 6.02 -16.24 -29.88
CA LEU B 820 6.81 -15.54 -30.91
C LEU B 820 7.51 -16.59 -31.77
N VAL B 821 8.25 -17.49 -31.14
CA VAL B 821 9.08 -18.49 -31.87
C VAL B 821 8.13 -19.43 -32.62
N GLY B 822 7.02 -19.81 -32.00
CA GLY B 822 5.97 -20.64 -32.63
C GLY B 822 5.41 -19.97 -33.86
N GLY B 823 5.10 -18.68 -33.76
CA GLY B 823 4.60 -17.88 -34.89
C GLY B 823 5.60 -17.84 -36.02
N LEU B 824 6.87 -17.59 -35.72
CA LEU B 824 7.95 -17.53 -36.75
C LEU B 824 8.05 -18.90 -37.42
N GLY B 825 7.99 -19.97 -36.64
CA GLY B 825 7.92 -21.34 -37.15
C GLY B 825 6.78 -21.51 -38.13
N LEU B 826 5.56 -21.25 -37.69
CA LEU B 826 4.32 -21.39 -38.51
C LEU B 826 4.48 -20.57 -39.79
N ALA B 827 4.99 -19.34 -39.66
CA ALA B 827 5.17 -18.37 -40.77
C ALA B 827 6.04 -18.98 -41.86
N MET B 828 7.22 -19.49 -41.46
CA MET B 828 8.16 -20.20 -42.36
C MET B 828 7.45 -21.38 -43.02
N LEU B 829 6.75 -22.20 -42.23
CA LEU B 829 6.02 -23.39 -42.73
C LEU B 829 5.02 -22.95 -43.81
N VAL B 830 4.29 -21.87 -43.57
CA VAL B 830 3.28 -21.33 -44.53
C VAL B 830 4.00 -20.76 -45.75
N ALA B 831 5.17 -20.15 -45.57
CA ALA B 831 5.99 -19.60 -46.66
C ALA B 831 6.41 -20.72 -47.62
N LEU B 832 6.81 -21.87 -47.08
CA LEU B 832 7.26 -23.07 -47.86
C LEU B 832 6.05 -23.66 -48.60
N ILE B 833 4.89 -23.70 -47.95
CA ILE B 833 3.60 -24.17 -48.55
C ILE B 833 3.28 -23.29 -49.77
N GLU B 834 3.41 -21.97 -49.61
CA GLU B 834 3.17 -20.99 -50.70
C GLU B 834 4.19 -21.19 -51.83
N PHE B 835 5.45 -21.48 -51.46
CA PHE B 835 6.58 -21.71 -52.40
C PHE B 835 6.31 -22.96 -53.26
N CYS B 836 5.86 -24.05 -52.62
CA CYS B 836 5.51 -25.34 -53.26
C CYS B 836 4.32 -25.18 -54.21
N TYR B 837 3.30 -24.42 -53.78
CA TYR B 837 2.07 -24.12 -54.55
C TYR B 837 2.42 -23.31 -55.80
N LYS B 838 3.32 -22.34 -55.67
CA LYS B 838 3.77 -21.41 -56.75
C LYS B 838 4.45 -22.21 -57.89
N SER B 839 5.20 -23.26 -57.54
CA SER B 839 5.91 -24.17 -58.50
C SER B 839 4.90 -24.93 -59.37
N ARG B 840 3.93 -25.59 -58.73
CA ARG B 840 2.83 -26.35 -59.39
C ARG B 840 1.65 -25.41 -59.65
N THR C 416 45.89 13.81 44.59
CA THR C 416 45.48 13.20 43.29
C THR C 416 44.19 12.38 43.51
N TYR C 417 43.18 12.61 42.67
CA TYR C 417 41.92 11.83 42.64
C TYR C 417 41.92 11.00 41.36
N ILE C 418 41.90 9.67 41.48
CA ILE C 418 41.71 8.73 40.35
C ILE C 418 40.30 8.97 39.78
N VAL C 419 40.21 9.30 38.49
CA VAL C 419 38.92 9.57 37.79
C VAL C 419 38.66 8.42 36.83
N THR C 420 37.56 7.70 37.00
CA THR C 420 37.13 6.66 36.03
C THR C 420 36.37 7.31 34.87
N THR C 421 36.76 7.05 33.64
CA THR C 421 36.10 7.62 32.45
C THR C 421 36.14 6.58 31.34
N ILE C 422 34.98 6.34 30.69
CA ILE C 422 34.87 5.49 29.48
C ILE C 422 35.55 6.22 28.31
N LEU C 423 36.24 5.46 27.45
CA LEU C 423 36.87 5.98 26.21
C LEU C 423 35.83 5.90 25.09
N GLU C 424 35.06 6.96 24.90
CA GLU C 424 34.03 7.08 23.83
C GLU C 424 34.04 8.53 23.32
N ASP C 425 34.44 8.73 22.05
CA ASP C 425 34.54 10.07 21.40
C ASP C 425 33.13 10.68 21.32
N PRO C 426 32.98 12.01 21.42
CA PRO C 426 34.09 12.96 21.54
C PRO C 426 34.51 13.25 22.99
N TYR C 427 33.80 12.70 23.98
CA TYR C 427 34.07 12.99 25.41
C TYR C 427 35.51 12.56 25.72
N VAL C 428 35.88 11.36 25.29
CA VAL C 428 37.29 10.86 25.42
C VAL C 428 37.70 10.22 24.10
N MET C 429 38.74 10.74 23.44
CA MET C 429 39.32 10.13 22.21
C MET C 429 40.81 9.87 22.44
N LEU C 430 41.36 8.78 21.90
CA LEU C 430 42.80 8.45 22.00
C LEU C 430 43.59 9.46 21.17
N LYS C 431 44.64 10.05 21.76
CA LYS C 431 45.57 11.00 21.09
C LYS C 431 46.28 10.32 19.91
N LYS C 432 46.88 11.12 19.03
CA LYS C 432 47.50 10.71 17.74
C LYS C 432 48.36 9.46 17.95
N ASN C 433 49.30 9.52 18.91
CA ASN C 433 50.26 8.42 19.21
C ASN C 433 49.98 7.87 20.60
N ALA C 434 49.34 6.69 20.76
CA ALA C 434 48.98 6.13 22.09
C ALA C 434 50.26 5.80 22.86
N ASN C 435 51.30 5.29 22.18
CA ASN C 435 52.62 4.97 22.79
C ASN C 435 53.25 6.26 23.33
N GLN C 436 53.29 7.31 22.49
CA GLN C 436 54.05 8.56 22.75
C GLN C 436 53.39 9.34 23.90
N PHE C 437 52.06 9.34 23.97
CA PHE C 437 51.33 10.11 25.02
C PHE C 437 51.05 9.18 26.22
N GLU C 438 51.25 9.72 27.42
CA GLU C 438 51.17 8.95 28.70
C GLU C 438 50.37 9.77 29.71
N GLY C 439 49.74 9.07 30.67
CA GLY C 439 48.87 9.68 31.71
C GLY C 439 47.67 10.38 31.09
N ASN C 440 47.49 11.67 31.39
CA ASN C 440 46.32 12.47 30.91
C ASN C 440 46.56 12.87 29.45
N ASP C 441 47.83 13.06 29.06
CA ASP C 441 48.19 13.51 27.68
C ASP C 441 47.83 12.43 26.65
N ARG C 442 47.70 11.17 27.10
CA ARG C 442 47.28 10.00 26.30
C ARG C 442 45.88 10.27 25.70
N TYR C 443 44.97 10.87 26.46
CA TYR C 443 43.55 11.03 26.04
C TYR C 443 43.28 12.51 25.73
N GLU C 444 42.72 12.78 24.54
CA GLU C 444 42.25 14.15 24.18
C GLU C 444 40.74 14.10 23.91
N GLY C 445 39.94 14.76 24.73
CA GLY C 445 38.46 14.77 24.56
C GLY C 445 37.83 15.96 25.25
N TYR C 446 36.54 16.18 24.99
CA TYR C 446 35.75 17.24 25.68
C TYR C 446 35.77 16.99 27.19
N CYS C 447 35.54 15.74 27.60
CA CYS C 447 35.53 15.29 29.02
C CYS C 447 36.92 15.46 29.64
N VAL C 448 37.98 15.27 28.84
CA VAL C 448 39.39 15.46 29.31
C VAL C 448 39.56 16.97 29.57
N GLU C 449 39.14 17.80 28.61
CA GLU C 449 39.19 19.28 28.74
C GLU C 449 38.36 19.71 29.96
N LEU C 450 37.17 19.11 30.13
CA LEU C 450 36.22 19.44 31.22
C LEU C 450 36.85 19.06 32.58
N ALA C 451 37.49 17.89 32.65
CA ALA C 451 38.19 17.36 33.85
C ALA C 451 39.31 18.33 34.24
N ALA C 452 40.05 18.83 33.26
CA ALA C 452 41.16 19.79 33.48
C ALA C 452 40.57 21.07 34.09
N GLU C 453 39.43 21.53 33.58
CA GLU C 453 38.74 22.77 34.06
C GLU C 453 38.28 22.56 35.50
N ILE C 454 37.70 21.39 35.80
CA ILE C 454 37.22 21.02 37.16
C ILE C 454 38.45 21.02 38.08
N ALA C 455 39.55 20.43 37.61
CA ALA C 455 40.81 20.31 38.39
C ALA C 455 41.31 21.71 38.77
N LYS C 456 41.22 22.68 37.84
CA LYS C 456 41.72 24.07 38.03
C LYS C 456 40.82 24.79 39.03
N HIS C 457 39.50 24.70 38.84
CA HIS C 457 38.48 25.41 39.65
C HIS C 457 38.51 24.87 41.09
N VAL C 458 38.53 23.55 41.26
CA VAL C 458 38.49 22.91 42.60
C VAL C 458 39.90 22.84 43.17
N GLY C 459 40.95 23.15 42.39
CA GLY C 459 42.36 23.08 42.82
C GLY C 459 42.75 21.66 43.19
N TYR C 460 42.08 20.65 42.62
CA TYR C 460 42.26 19.23 43.01
C TYR C 460 42.93 18.47 41.87
N SER C 461 44.08 17.87 42.13
CA SER C 461 44.83 17.03 41.16
C SER C 461 43.93 15.87 40.72
N TYR C 462 43.91 15.55 39.42
CA TYR C 462 43.11 14.43 38.87
C TYR C 462 44.02 13.52 38.05
N ARG C 463 43.78 12.21 38.11
CA ARG C 463 44.45 11.19 37.27
C ARG C 463 43.39 10.53 36.40
N LEU C 464 43.52 10.67 35.07
CA LEU C 464 42.57 10.05 34.10
C LEU C 464 42.95 8.58 33.92
N GLU C 465 41.98 7.68 34.08
CA GLU C 465 42.12 6.23 33.79
C GLU C 465 40.86 5.76 33.05
N ILE C 466 40.91 4.57 32.44
CA ILE C 466 39.71 3.89 31.89
C ILE C 466 39.41 2.65 32.75
N VAL C 467 38.15 2.55 33.20
CA VAL C 467 37.67 1.45 34.07
C VAL C 467 37.81 0.12 33.33
N SER C 468 38.28 -0.90 34.04
CA SER C 468 38.41 -2.31 33.59
C SER C 468 37.11 -2.82 32.94
N ASP C 469 35.97 -2.64 33.62
CA ASP C 469 34.63 -3.07 33.17
C ASP C 469 34.25 -2.38 31.86
N GLY C 470 34.54 -1.08 31.73
CA GLY C 470 34.28 -0.27 30.50
C GLY C 470 32.79 -0.18 30.16
N LYS C 471 31.93 -0.25 31.18
CA LYS C 471 30.45 -0.17 31.07
C LYS C 471 30.01 1.13 31.75
N TYR C 472 28.95 1.76 31.22
CA TYR C 472 28.32 2.96 31.85
C TYR C 472 27.84 2.59 33.25
N GLY C 473 27.15 1.46 33.38
CA GLY C 473 26.68 0.93 34.68
C GLY C 473 25.77 -0.27 34.48
N ALA C 474 25.62 -1.08 35.53
CA ALA C 474 24.72 -2.26 35.55
C ALA C 474 24.02 -2.35 36.91
N ARG C 475 22.87 -3.02 36.95
CA ARG C 475 22.18 -3.39 38.21
C ARG C 475 22.03 -4.91 38.26
N ASP C 476 22.65 -5.56 39.27
CA ASP C 476 22.40 -7.00 39.58
C ASP C 476 21.37 -7.05 40.71
N PRO C 477 20.14 -7.58 40.44
CA PRO C 477 19.06 -7.57 41.43
C PRO C 477 19.42 -8.45 42.63
N ASP C 478 20.07 -9.59 42.39
CA ASP C 478 20.45 -10.60 43.42
C ASP C 478 21.44 -9.96 44.41
N THR C 479 22.52 -9.36 43.91
CA THR C 479 23.66 -8.84 44.70
C THR C 479 23.48 -7.37 45.05
N LYS C 480 22.60 -6.63 44.37
CA LYS C 480 22.40 -5.16 44.55
C LYS C 480 23.73 -4.43 44.29
N ALA C 481 24.49 -4.90 43.28
CA ALA C 481 25.83 -4.41 42.93
C ALA C 481 25.83 -3.76 41.53
N TRP C 482 26.52 -2.63 41.45
CA TRP C 482 26.75 -1.87 40.19
C TRP C 482 28.07 -2.30 39.55
N ASN C 483 28.25 -1.95 38.26
CA ASN C 483 29.49 -2.24 37.51
C ASN C 483 29.99 -1.01 36.75
N GLY C 484 31.24 -1.09 36.27
CA GLY C 484 31.91 -0.01 35.51
C GLY C 484 32.16 1.21 36.38
N MET C 485 31.92 2.41 35.85
CA MET C 485 32.19 3.69 36.55
C MET C 485 31.39 3.71 37.86
N VAL C 486 30.12 3.32 37.80
CA VAL C 486 29.21 3.35 38.99
C VAL C 486 29.81 2.40 40.04
N GLY C 487 30.20 1.20 39.58
CA GLY C 487 30.79 0.15 40.44
C GLY C 487 32.04 0.62 41.16
N GLU C 488 32.90 1.37 40.47
CA GLU C 488 34.20 1.87 41.01
C GLU C 488 33.94 2.94 42.08
N LEU C 489 32.87 3.73 41.92
CA LEU C 489 32.45 4.76 42.91
C LEU C 489 31.79 4.06 44.11
N VAL C 490 30.91 3.09 43.87
CA VAL C 490 30.23 2.27 44.93
C VAL C 490 31.29 1.59 45.82
N TYR C 491 32.33 1.00 45.23
CA TYR C 491 33.41 0.28 45.96
C TYR C 491 34.39 1.28 46.57
N GLY C 492 34.44 2.48 46.00
CA GLY C 492 35.28 3.62 46.47
C GLY C 492 36.70 3.57 45.91
N ARG C 493 36.98 2.64 44.99
CA ARG C 493 38.34 2.42 44.40
C ARG C 493 38.70 3.62 43.52
N ALA C 494 37.73 4.16 42.78
CA ALA C 494 37.84 5.40 41.96
C ALA C 494 37.19 6.57 42.69
N ASP C 495 37.96 7.64 42.92
CA ASP C 495 37.60 8.75 43.85
C ASP C 495 36.54 9.66 43.22
N VAL C 496 36.51 9.76 41.88
CA VAL C 496 35.54 10.63 41.14
C VAL C 496 35.17 9.98 39.80
N ALA C 497 33.98 10.29 39.29
CA ALA C 497 33.57 9.99 37.90
C ALA C 497 33.20 11.29 37.16
N VAL C 498 34.10 11.74 36.28
CA VAL C 498 33.87 12.85 35.31
C VAL C 498 33.66 12.17 33.96
N ALA C 499 32.39 12.00 33.57
CA ALA C 499 31.98 11.11 32.47
C ALA C 499 30.56 11.47 32.04
N PRO C 500 30.13 11.12 30.81
CA PRO C 500 28.73 11.24 30.42
C PRO C 500 27.85 10.16 31.06
N LEU C 501 27.70 10.17 32.39
CA LEU C 501 26.86 9.19 33.12
C LEU C 501 25.55 9.90 33.47
N THR C 502 24.45 9.39 32.92
CA THR C 502 23.09 9.94 33.13
C THR C 502 22.76 9.81 34.63
N ILE C 503 22.16 10.86 35.20
CA ILE C 503 21.70 10.85 36.62
C ILE C 503 20.37 10.09 36.66
N THR C 504 20.38 8.88 37.19
CA THR C 504 19.16 8.03 37.34
C THR C 504 18.76 7.96 38.81
N LEU C 505 17.49 7.72 39.09
CA LEU C 505 16.98 7.48 40.47
C LEU C 505 17.77 6.35 41.13
N VAL C 506 17.98 5.24 40.38
CA VAL C 506 18.71 4.04 40.87
C VAL C 506 20.16 4.44 41.20
N ARG C 507 20.80 5.25 40.36
CA ARG C 507 22.20 5.69 40.59
C ARG C 507 22.24 6.67 41.77
N GLU C 508 21.24 7.56 41.88
CA GLU C 508 21.20 8.65 42.90
C GLU C 508 21.21 8.04 44.30
N GLU C 509 20.58 6.88 44.48
CA GLU C 509 20.45 6.20 45.80
C GLU C 509 21.83 5.64 46.19
N VAL C 510 22.59 5.09 45.23
CA VAL C 510 23.88 4.39 45.54
C VAL C 510 25.00 5.44 45.60
N ILE C 511 25.14 6.30 44.59
CA ILE C 511 26.19 7.37 44.52
C ILE C 511 25.51 8.69 44.14
N ASP C 512 25.78 9.76 44.89
CA ASP C 512 25.16 11.10 44.67
C ASP C 512 25.77 11.69 43.39
N PHE C 513 25.03 12.58 42.73
CA PHE C 513 25.42 13.25 41.48
C PHE C 513 25.37 14.77 41.65
N SER C 514 26.35 15.46 41.06
CA SER C 514 26.39 16.94 40.98
C SER C 514 25.42 17.42 39.89
N LYS C 515 25.14 18.73 39.85
CA LYS C 515 24.23 19.34 38.85
C LYS C 515 24.77 19.02 37.45
N PRO C 516 23.91 18.62 36.48
CA PRO C 516 24.38 18.18 35.16
C PRO C 516 25.12 19.26 34.35
N PHE C 517 26.30 18.93 33.80
CA PHE C 517 27.08 19.86 32.94
C PHE C 517 26.33 20.09 31.62
N MET C 518 25.75 19.03 31.05
CA MET C 518 25.07 19.08 29.72
C MET C 518 23.76 18.29 29.78
N SER C 519 22.73 18.76 29.07
CA SER C 519 21.43 18.06 28.86
C SER C 519 21.63 16.84 27.96
N LEU C 520 20.77 15.83 28.09
CA LEU C 520 20.81 14.58 27.32
C LEU C 520 19.39 14.10 27.01
N GLY C 521 19.25 13.25 25.99
CA GLY C 521 18.00 12.54 25.71
C GLY C 521 18.25 11.19 25.06
N ILE C 522 17.38 10.20 25.27
CA ILE C 522 17.42 8.91 24.53
C ILE C 522 16.99 9.19 23.10
N SER C 523 17.87 8.96 22.13
CA SER C 523 17.60 9.19 20.69
C SER C 523 17.76 7.89 19.90
N ILE C 524 17.48 7.95 18.59
CA ILE C 524 17.54 6.76 17.68
C ILE C 524 18.51 7.07 16.54
N MET C 525 19.54 6.23 16.37
CA MET C 525 20.59 6.38 15.34
C MET C 525 20.38 5.32 14.28
N ILE C 526 20.10 5.71 13.05
CA ILE C 526 19.97 4.76 11.90
C ILE C 526 20.76 5.34 10.73
N LYS C 527 21.22 4.51 9.81
CA LYS C 527 21.93 4.97 8.58
C LYS C 527 20.90 5.54 7.61
N LYS C 528 20.05 6.51 8.00
CA LYS C 528 18.95 6.97 7.11
C LYS C 528 19.53 7.67 5.87
N PRO C 529 20.50 8.60 5.97
CA PRO C 529 21.02 9.28 4.78
C PRO C 529 22.03 8.39 4.02
N GLN C 530 21.56 7.33 3.38
CA GLN C 530 22.42 6.50 2.50
C GLN C 530 22.62 7.27 1.19
N LYS C 531 21.57 7.93 0.68
CA LYS C 531 21.64 8.88 -0.47
C LYS C 531 22.21 8.15 -1.69
N SER C 532 21.75 6.91 -1.88
CA SER C 532 22.25 5.95 -2.91
C SER C 532 21.97 6.51 -4.32
N LYS C 533 23.00 6.52 -5.18
CA LYS C 533 22.87 6.99 -6.58
C LYS C 533 22.00 5.97 -7.32
N PRO C 534 21.03 6.40 -8.15
CA PRO C 534 20.21 5.48 -8.93
C PRO C 534 21.12 4.67 -9.85
N GLY C 535 22.07 5.33 -10.48
CA GLY C 535 23.00 4.68 -11.42
C GLY C 535 22.50 4.80 -12.84
N VAL C 536 23.43 4.96 -13.78
CA VAL C 536 23.10 4.92 -15.23
C VAL C 536 22.69 3.48 -15.53
N PHE C 537 21.79 3.29 -16.48
CA PHE C 537 21.30 1.95 -16.89
C PHE C 537 20.48 1.33 -15.74
N SER C 538 19.90 2.19 -14.91
CA SER C 538 18.88 1.79 -13.91
C SER C 538 17.51 1.77 -14.59
N PHE C 539 17.32 2.45 -15.71
CA PHE C 539 16.05 2.38 -16.49
C PHE C 539 15.78 0.94 -16.94
N LEU C 540 16.81 0.10 -17.06
CA LEU C 540 16.65 -1.29 -17.51
C LEU C 540 16.27 -2.20 -16.35
N ASP C 541 16.15 -1.67 -15.12
CA ASP C 541 15.97 -2.51 -13.92
C ASP C 541 14.65 -3.27 -13.93
N PRO C 542 13.50 -2.68 -14.31
CA PRO C 542 12.23 -3.39 -14.24
C PRO C 542 12.19 -4.73 -14.99
N LEU C 543 12.90 -4.86 -16.10
CA LEU C 543 13.04 -6.17 -16.81
C LEU C 543 14.41 -6.77 -16.50
N ALA C 544 14.47 -8.05 -16.19
CA ALA C 544 15.74 -8.76 -15.89
C ALA C 544 16.64 -8.74 -17.12
N TYR C 545 17.94 -8.87 -16.87
CA TYR C 545 18.99 -8.82 -17.91
C TYR C 545 18.73 -9.88 -18.99
N GLU C 546 18.24 -11.05 -18.59
CA GLU C 546 18.00 -12.16 -19.54
C GLU C 546 16.88 -11.77 -20.50
N ILE C 547 15.87 -11.02 -20.05
CA ILE C 547 14.73 -10.61 -20.94
C ILE C 547 15.30 -9.67 -21.99
N TRP C 548 16.08 -8.69 -21.55
CA TRP C 548 16.72 -7.69 -22.45
C TRP C 548 17.53 -8.44 -23.50
N MET C 549 18.32 -9.42 -23.08
CA MET C 549 19.19 -10.18 -24.01
C MET C 549 18.32 -11.01 -24.96
N CYS C 550 17.23 -11.57 -24.47
CA CYS C 550 16.29 -12.37 -25.30
C CYS C 550 15.51 -11.46 -26.26
N ILE C 551 15.16 -10.24 -25.83
CA ILE C 551 14.53 -9.22 -26.72
C ILE C 551 15.45 -8.98 -27.91
N VAL C 552 16.75 -8.82 -27.65
CA VAL C 552 17.77 -8.59 -28.71
C VAL C 552 17.78 -9.81 -29.66
N PHE C 553 17.83 -11.03 -29.11
CA PHE C 553 17.79 -12.29 -29.90
C PHE C 553 16.49 -12.34 -30.70
N ALA C 554 15.36 -12.11 -30.05
CA ALA C 554 14.04 -12.08 -30.70
C ALA C 554 14.04 -11.07 -31.84
N TYR C 555 14.56 -9.87 -31.60
CA TYR C 555 14.65 -8.78 -32.62
C TYR C 555 15.43 -9.27 -33.83
N ILE C 556 16.60 -9.89 -33.63
CA ILE C 556 17.41 -10.48 -34.73
C ILE C 556 16.59 -11.60 -35.38
N GLY C 557 15.98 -12.47 -34.57
CA GLY C 557 15.23 -13.63 -35.08
C GLY C 557 14.13 -13.19 -36.00
N VAL C 558 13.29 -12.26 -35.56
CA VAL C 558 12.09 -11.80 -36.31
C VAL C 558 12.53 -11.17 -37.62
N SER C 559 13.48 -10.23 -37.57
CA SER C 559 13.96 -9.52 -38.78
C SER C 559 14.41 -10.53 -39.84
N VAL C 560 15.29 -11.47 -39.45
CA VAL C 560 15.85 -12.49 -40.37
C VAL C 560 14.71 -13.34 -40.94
N VAL C 561 13.78 -13.77 -40.10
CA VAL C 561 12.66 -14.63 -40.53
C VAL C 561 11.76 -13.84 -41.48
N LEU C 562 11.49 -12.58 -41.17
CA LEU C 562 10.67 -11.68 -42.04
C LEU C 562 11.36 -11.55 -43.40
N PHE C 563 12.68 -11.33 -43.40
CA PHE C 563 13.49 -11.22 -44.63
C PHE C 563 13.34 -12.49 -45.46
N LEU C 564 13.54 -13.65 -44.84
CA LEU C 564 13.50 -14.95 -45.54
C LEU C 564 12.12 -15.15 -46.15
N VAL C 565 11.05 -14.94 -45.37
CA VAL C 565 9.67 -15.23 -45.86
C VAL C 565 9.36 -14.30 -47.03
N SER C 566 9.80 -13.04 -46.97
CA SER C 566 9.58 -12.05 -48.04
C SER C 566 10.31 -12.47 -49.32
N ARG C 567 11.51 -13.02 -49.21
CA ARG C 567 12.35 -13.37 -50.39
C ARG C 567 12.24 -14.87 -50.71
N PHE C 568 11.38 -15.64 -50.04
CA PHE C 568 11.34 -17.12 -50.15
C PHE C 568 10.96 -17.56 -51.57
N SER C 569 10.03 -16.83 -52.20
CA SER C 569 9.54 -17.12 -53.57
C SER C 569 9.95 -16.01 -54.53
N PRO C 570 10.61 -16.33 -55.67
CA PRO C 570 11.05 -15.31 -56.64
C PRO C 570 9.89 -14.55 -57.29
N TYR C 571 10.12 -13.27 -57.58
CA TYR C 571 9.15 -12.30 -58.17
C TYR C 571 8.48 -12.80 -59.49
N ASN C 591 6.99 -7.27 -51.50
CA ASN C 591 8.40 -7.74 -51.38
C ASN C 591 9.36 -6.54 -51.49
N GLU C 592 9.31 -5.64 -50.49
CA GLU C 592 10.23 -4.47 -50.36
C GLU C 592 11.07 -4.62 -49.08
N PHE C 593 11.05 -5.80 -48.46
CA PHE C 593 11.70 -6.08 -47.14
C PHE C 593 13.05 -6.75 -47.39
N GLY C 594 14.12 -5.95 -47.52
CA GLY C 594 15.52 -6.41 -47.43
C GLY C 594 15.93 -6.64 -45.99
N ILE C 595 17.07 -7.27 -45.73
CA ILE C 595 17.53 -7.58 -44.34
C ILE C 595 17.56 -6.27 -43.55
N PHE C 596 18.05 -5.19 -44.14
CA PHE C 596 18.14 -3.85 -43.49
C PHE C 596 16.75 -3.25 -43.26
N ASN C 597 15.85 -3.38 -44.23
CA ASN C 597 14.46 -2.87 -44.11
C ASN C 597 13.69 -3.71 -43.10
N SER C 598 13.90 -5.03 -43.06
CA SER C 598 13.26 -5.94 -42.09
C SER C 598 13.74 -5.59 -40.68
N LEU C 599 15.05 -5.39 -40.51
CA LEU C 599 15.64 -4.95 -39.22
C LEU C 599 14.97 -3.65 -38.79
N TRP C 600 14.78 -2.72 -39.71
CA TRP C 600 14.16 -1.40 -39.45
C TRP C 600 12.71 -1.57 -39.03
N PHE C 601 11.94 -2.35 -39.81
CA PHE C 601 10.51 -2.63 -39.52
C PHE C 601 10.38 -3.18 -38.10
N SER C 602 11.15 -4.22 -37.79
CA SER C 602 11.15 -4.87 -36.45
C SER C 602 11.46 -3.83 -35.37
N LEU C 603 12.55 -3.07 -35.51
CA LEU C 603 12.95 -2.03 -34.53
C LEU C 603 11.83 -1.00 -34.41
N GLY C 604 11.21 -0.63 -35.52
CA GLY C 604 10.06 0.30 -35.58
C GLY C 604 8.88 -0.25 -34.82
N ALA C 605 8.60 -1.54 -34.97
CA ALA C 605 7.45 -2.19 -34.33
C ALA C 605 7.67 -2.26 -32.82
N PHE C 606 8.87 -2.64 -32.37
CA PHE C 606 9.15 -2.77 -30.91
C PHE C 606 9.05 -1.41 -30.25
N MET C 607 9.55 -0.36 -30.90
CA MET C 607 9.46 0.99 -30.30
C MET C 607 8.03 1.51 -30.42
N GLN C 608 7.32 1.06 -31.46
CA GLN C 608 5.89 1.40 -31.72
C GLN C 608 5.82 2.79 -32.32
N GLN C 609 6.94 3.43 -32.65
CA GLN C 609 6.93 4.86 -33.04
C GLN C 609 6.46 4.96 -34.49
N GLY C 610 6.86 4.02 -35.35
CA GLY C 610 6.60 4.17 -36.80
C GLY C 610 6.71 2.87 -37.55
N CYS C 611 6.14 2.86 -38.75
CA CYS C 611 6.30 1.76 -39.74
C CYS C 611 6.55 2.37 -41.11
N ASP C 612 7.74 2.15 -41.69
CA ASP C 612 8.07 2.63 -43.05
C ASP C 612 7.16 1.88 -44.04
N ILE C 613 6.99 0.58 -43.85
CA ILE C 613 6.41 -0.37 -44.83
C ILE C 613 5.68 -1.42 -43.99
N SER C 614 4.77 -2.19 -44.57
CA SER C 614 3.98 -3.21 -43.84
C SER C 614 3.92 -4.52 -44.64
N PRO C 615 4.12 -5.68 -44.00
CA PRO C 615 4.10 -6.96 -44.72
C PRO C 615 2.76 -7.18 -45.44
N ARG C 616 2.81 -7.64 -46.70
CA ARG C 616 1.61 -7.90 -47.54
C ARG C 616 1.33 -9.41 -47.62
N SER C 617 2.38 -10.24 -47.66
CA SER C 617 2.28 -11.72 -47.76
C SER C 617 1.66 -12.28 -46.48
N LEU C 618 0.88 -13.36 -46.59
CA LEU C 618 0.33 -14.11 -45.43
C LEU C 618 1.48 -14.53 -44.52
N SER C 619 2.49 -15.16 -45.11
CA SER C 619 3.70 -15.64 -44.39
C SER C 619 4.34 -14.47 -43.66
N GLY C 620 4.48 -13.33 -44.33
CA GLY C 620 5.01 -12.07 -43.75
C GLY C 620 4.14 -11.56 -42.62
N ARG C 621 2.85 -11.39 -42.88
CA ARG C 621 1.87 -10.81 -41.91
C ARG C 621 1.84 -11.63 -40.63
N ILE C 622 2.03 -12.94 -40.70
CA ILE C 622 2.11 -13.81 -39.49
C ILE C 622 3.30 -13.34 -38.66
N VAL C 623 4.48 -13.19 -39.28
CA VAL C 623 5.71 -12.77 -38.59
C VAL C 623 5.43 -11.45 -37.86
N GLY C 624 4.99 -10.45 -38.63
CA GLY C 624 4.66 -9.11 -38.09
C GLY C 624 3.61 -9.21 -37.00
N GLY C 625 2.51 -9.90 -37.29
CA GLY C 625 1.39 -10.09 -36.36
C GLY C 625 1.87 -10.56 -35.01
N VAL C 626 2.73 -11.57 -34.98
CA VAL C 626 3.15 -12.20 -33.70
C VAL C 626 4.19 -11.31 -33.04
N TRP C 627 5.09 -10.71 -33.80
CA TRP C 627 6.08 -9.73 -33.26
C TRP C 627 5.32 -8.58 -32.62
N TRP C 628 4.29 -8.06 -33.28
CA TRP C 628 3.43 -6.98 -32.72
C TRP C 628 2.86 -7.40 -31.38
N PHE C 629 2.43 -8.65 -31.22
CA PHE C 629 1.91 -9.17 -29.94
C PHE C 629 3.02 -9.21 -28.90
N PHE C 630 4.19 -9.70 -29.29
CA PHE C 630 5.37 -9.73 -28.39
C PHE C 630 5.65 -8.32 -27.89
N THR C 631 5.71 -7.35 -28.79
CA THR C 631 6.04 -5.95 -28.44
C THR C 631 5.05 -5.40 -27.44
N LEU C 632 3.77 -5.59 -27.69
CA LEU C 632 2.69 -5.02 -26.85
C LEU C 632 2.83 -5.51 -25.41
N ILE C 633 3.09 -6.81 -25.22
CA ILE C 633 3.14 -7.42 -23.87
C ILE C 633 4.41 -6.96 -23.15
N ILE C 634 5.55 -6.93 -23.83
CA ILE C 634 6.84 -6.54 -23.19
C ILE C 634 6.75 -5.07 -22.81
N ILE C 635 6.44 -4.18 -23.74
CA ILE C 635 6.32 -2.72 -23.44
C ILE C 635 5.39 -2.55 -22.25
N SER C 636 4.21 -3.18 -22.31
CA SER C 636 3.21 -3.10 -21.23
C SER C 636 3.78 -3.67 -19.93
N SER C 637 4.48 -4.80 -20.00
CA SER C 637 5.17 -5.40 -18.84
C SER C 637 6.12 -4.37 -18.25
N TYR C 638 7.01 -3.81 -19.06
CA TYR C 638 8.02 -2.82 -18.62
C TYR C 638 7.32 -1.67 -17.91
N THR C 639 6.35 -1.05 -18.58
CA THR C 639 5.58 0.08 -18.02
C THR C 639 5.03 -0.33 -16.66
N ALA C 640 4.31 -1.44 -16.62
CA ALA C 640 3.67 -1.92 -15.38
C ALA C 640 4.70 -2.07 -14.29
N ASN C 641 5.72 -2.89 -14.52
CA ASN C 641 6.69 -3.24 -13.46
C ASN C 641 7.39 -1.97 -13.00
N LEU C 642 7.71 -1.05 -13.91
CA LEU C 642 8.34 0.24 -13.54
C LEU C 642 7.37 1.01 -12.65
N ALA C 643 6.07 0.88 -12.87
CA ALA C 643 5.03 1.46 -12.00
C ALA C 643 5.13 0.83 -10.61
N ALA C 644 5.29 -0.49 -10.55
CA ALA C 644 5.41 -1.22 -9.28
C ALA C 644 6.58 -0.65 -8.47
N PHE C 645 7.76 -0.56 -9.08
CA PHE C 645 9.00 -0.08 -8.43
C PHE C 645 8.77 1.30 -7.84
N LEU C 646 8.25 2.24 -8.63
CA LEU C 646 8.12 3.65 -8.23
C LEU C 646 7.02 3.82 -7.19
N THR C 647 6.00 2.97 -7.20
CA THR C 647 4.95 2.96 -6.15
C THR C 647 5.54 2.52 -4.81
N VAL C 648 6.19 1.37 -4.76
CA VAL C 648 6.67 0.74 -3.48
C VAL C 648 7.75 1.62 -2.83
N GLU C 649 8.50 2.40 -3.62
CA GLU C 649 9.55 3.32 -3.12
C GLU C 649 8.97 4.71 -2.86
N ARG C 650 7.66 4.91 -3.05
CA ARG C 650 6.94 6.15 -2.68
C ARG C 650 6.03 5.90 -1.48
N MET C 651 5.74 4.64 -1.13
CA MET C 651 4.83 4.29 -0.02
C MET C 651 5.61 3.82 1.21
N VAL C 652 6.91 3.52 1.08
CA VAL C 652 7.82 3.24 2.22
C VAL C 652 8.03 4.53 3.03
N SER C 653 7.69 4.49 4.32
CA SER C 653 7.88 5.63 5.24
C SER C 653 9.15 5.38 6.05
N PRO C 654 10.15 6.30 6.01
CA PRO C 654 11.28 6.21 6.94
C PRO C 654 10.76 6.35 8.38
N ILE C 655 11.34 5.64 9.34
CA ILE C 655 10.95 5.70 10.78
C ILE C 655 10.92 7.18 11.22
N GLU C 656 9.82 7.63 11.82
CA GLU C 656 9.61 9.03 12.25
C GLU C 656 9.43 9.11 13.77
N SER C 657 9.10 8.00 14.44
CA SER C 657 8.74 7.96 15.88
C SER C 657 9.23 6.66 16.51
N ALA C 658 9.32 6.67 17.84
CA ALA C 658 9.60 5.48 18.67
C ALA C 658 8.48 4.45 18.48
N GLU C 659 7.23 4.91 18.43
CA GLU C 659 6.04 4.05 18.17
C GLU C 659 6.26 3.29 16.85
N ASP C 660 6.68 4.00 15.80
CA ASP C 660 6.93 3.43 14.46
C ASP C 660 8.00 2.34 14.59
N LEU C 661 9.07 2.61 15.36
CA LEU C 661 10.19 1.65 15.55
C LEU C 661 9.64 0.35 16.18
N ALA C 662 8.83 0.47 17.23
CA ALA C 662 8.28 -0.67 18.00
C ALA C 662 7.40 -1.52 17.08
N LYS C 663 6.55 -0.86 16.27
CA LYS C 663 5.56 -1.53 15.38
C LYS C 663 6.30 -2.34 14.33
N GLN C 664 7.30 -1.76 13.65
CA GLN C 664 8.08 -2.47 12.61
C GLN C 664 8.87 -3.62 13.28
N THR C 665 8.70 -4.83 12.78
CA THR C 665 9.43 -6.03 13.28
C THR C 665 10.78 -6.09 12.55
N GLU C 666 10.80 -5.69 11.28
CA GLU C 666 11.95 -5.88 10.35
C GLU C 666 13.14 -5.07 10.90
N ILE C 667 12.89 -3.84 11.34
CA ILE C 667 13.91 -3.00 12.03
C ILE C 667 14.13 -3.59 13.43
N ALA C 668 15.40 -3.77 13.81
CA ALA C 668 15.80 -4.17 15.18
C ALA C 668 16.52 -3.00 15.86
N TYR C 669 15.81 -2.20 16.65
CA TYR C 669 16.42 -1.16 17.51
C TYR C 669 17.24 -1.87 18.59
N GLY C 670 18.49 -1.42 18.82
CA GLY C 670 19.36 -1.98 19.87
C GLY C 670 19.94 -0.91 20.76
N THR C 671 20.20 -1.25 22.02
CA THR C 671 20.80 -0.33 23.03
C THR C 671 22.00 -1.02 23.69
N LEU C 672 22.87 -0.25 24.32
CA LEU C 672 24.10 -0.81 24.94
C LEU C 672 23.67 -1.86 25.98
N GLU C 673 24.37 -2.99 26.02
CA GLU C 673 24.07 -4.11 26.97
C GLU C 673 23.98 -3.56 28.39
N ALA C 674 24.95 -2.75 28.81
CA ALA C 674 25.00 -2.14 30.16
C ALA C 674 25.02 -0.62 29.99
N GLY C 675 23.92 0.06 30.32
CA GLY C 675 23.86 1.54 30.32
C GLY C 675 22.60 2.08 30.99
N SER C 676 22.57 3.37 31.30
CA SER C 676 21.43 4.04 31.97
C SER C 676 20.16 3.86 31.12
N THR C 677 20.29 3.97 29.79
CA THR C 677 19.16 3.87 28.83
C THR C 677 18.56 2.47 28.90
N LYS C 678 19.40 1.43 28.97
CA LYS C 678 18.99 0.00 29.03
C LYS C 678 18.22 -0.25 30.33
N GLU C 679 18.65 0.38 31.43
CA GLU C 679 17.97 0.28 32.75
C GLU C 679 16.65 1.05 32.67
N PHE C 680 16.65 2.24 32.07
CA PHE C 680 15.45 3.11 31.96
C PHE C 680 14.34 2.35 31.23
N PHE C 681 14.68 1.68 30.13
CA PHE C 681 13.71 0.93 29.29
C PHE C 681 13.16 -0.24 30.09
N ARG C 682 14.00 -0.91 30.89
CA ARG C 682 13.59 -2.06 31.75
C ARG C 682 12.53 -1.60 32.74
N ARG C 683 12.78 -0.46 33.42
CA ARG C 683 11.91 0.07 34.50
C ARG C 683 10.78 0.91 33.90
N SER C 684 10.87 1.30 32.61
CA SER C 684 9.92 2.24 31.97
C SER C 684 8.47 1.80 32.21
N LYS C 685 7.64 2.72 32.71
CA LYS C 685 6.21 2.47 33.06
C LYS C 685 5.32 2.75 31.85
N ILE C 686 5.88 3.30 30.76
CA ILE C 686 5.12 3.68 29.53
C ILE C 686 4.87 2.40 28.73
N ALA C 687 3.64 2.21 28.25
CA ALA C 687 3.17 1.00 27.54
C ALA C 687 4.01 0.78 26.27
N VAL C 688 4.17 1.83 25.45
CA VAL C 688 4.93 1.74 24.17
C VAL C 688 6.37 1.36 24.48
N PHE C 689 6.96 1.94 25.54
CA PHE C 689 8.37 1.68 25.97
C PHE C 689 8.49 0.26 26.54
N GLU C 690 7.49 -0.21 27.26
CA GLU C 690 7.50 -1.56 27.90
C GLU C 690 7.47 -2.60 26.78
N LYS C 691 6.66 -2.35 25.77
CA LYS C 691 6.51 -3.21 24.56
C LYS C 691 7.85 -3.27 23.83
N MET C 692 8.48 -2.11 23.64
CA MET C 692 9.77 -1.98 22.93
C MET C 692 10.85 -2.75 23.72
N TRP C 693 10.84 -2.63 25.06
CA TRP C 693 11.82 -3.28 25.97
C TRP C 693 11.64 -4.80 25.92
N THR C 694 10.40 -5.26 26.00
CA THR C 694 10.02 -6.70 25.98
C THR C 694 10.58 -7.34 24.71
N TYR C 695 10.41 -6.67 23.56
CA TYR C 695 10.89 -7.13 22.24
C TYR C 695 12.41 -7.37 22.27
N MET C 696 13.19 -6.48 22.89
CA MET C 696 14.68 -6.56 22.95
C MET C 696 15.11 -7.90 23.56
N LYS C 697 14.45 -8.32 24.64
CA LYS C 697 14.67 -9.64 25.30
C LYS C 697 14.29 -10.76 24.32
N SER C 698 13.21 -10.56 23.55
CA SER C 698 12.61 -11.57 22.65
C SER C 698 13.09 -11.40 21.20
N ALA C 699 14.23 -10.73 20.98
CA ALA C 699 14.84 -10.45 19.65
C ALA C 699 16.07 -11.34 19.43
N GLU C 700 16.12 -12.03 18.30
CA GLU C 700 17.23 -12.92 17.88
C GLU C 700 17.72 -12.48 16.50
N PRO C 701 19.04 -12.26 16.29
CA PRO C 701 20.04 -12.29 17.37
C PRO C 701 19.85 -11.14 18.36
N SER C 702 20.44 -11.28 19.56
CA SER C 702 20.35 -10.29 20.66
C SER C 702 20.74 -8.90 20.14
N VAL C 703 19.91 -7.91 20.43
CA VAL C 703 20.04 -6.55 19.85
C VAL C 703 21.04 -5.75 20.71
N PHE C 704 21.23 -6.14 21.98
CA PHE C 704 22.18 -5.45 22.89
C PHE C 704 23.61 -5.56 22.36
N VAL C 705 24.35 -4.46 22.40
CA VAL C 705 25.76 -4.38 21.90
C VAL C 705 26.64 -3.92 23.06
N ARG C 706 27.83 -4.52 23.21
CA ARG C 706 28.72 -4.33 24.39
C ARG C 706 29.26 -2.90 24.39
N THR C 707 29.74 -2.43 23.22
CA THR C 707 30.45 -1.14 23.04
C THR C 707 29.85 -0.33 21.89
N THR C 708 30.03 0.99 21.97
CA THR C 708 29.41 1.99 21.05
C THR C 708 29.81 1.65 19.61
N GLU C 709 31.11 1.49 19.38
CA GLU C 709 31.72 1.22 18.05
C GLU C 709 31.06 -0.03 17.45
N GLU C 710 30.84 -1.07 18.26
CA GLU C 710 30.20 -2.34 17.83
C GLU C 710 28.78 -2.03 17.35
N GLY C 711 28.08 -1.14 18.06
CA GLY C 711 26.72 -0.69 17.69
C GLY C 711 26.73 0.01 16.34
N MET C 712 27.67 0.93 16.15
CA MET C 712 27.82 1.75 14.91
C MET C 712 28.08 0.81 13.72
N ILE C 713 28.97 -0.17 13.88
CA ILE C 713 29.36 -1.12 12.80
C ILE C 713 28.14 -1.98 12.46
N ARG C 714 27.42 -2.44 13.49
CA ARG C 714 26.22 -3.29 13.32
C ARG C 714 25.21 -2.52 12.47
N VAL C 715 25.04 -1.24 12.72
CA VAL C 715 24.08 -0.38 11.95
C VAL C 715 24.55 -0.37 10.49
N ARG C 716 25.83 -0.09 10.24
CA ARG C 716 26.36 0.05 8.86
C ARG C 716 26.23 -1.27 8.10
N LYS C 717 26.46 -2.41 8.76
CA LYS C 717 26.41 -3.75 8.11
C LYS C 717 24.96 -4.13 7.81
N SER C 718 24.04 -3.70 8.66
CA SER C 718 22.59 -4.00 8.56
C SER C 718 21.91 -3.14 7.47
N LYS C 719 22.49 -1.98 7.14
CA LYS C 719 21.90 -1.01 6.18
C LYS C 719 20.48 -0.64 6.62
N GLY C 720 20.30 -0.42 7.92
CA GLY C 720 19.02 0.03 8.51
C GLY C 720 18.13 -1.13 8.92
N LYS C 721 18.52 -2.39 8.65
CA LYS C 721 17.80 -3.57 9.20
C LYS C 721 17.93 -3.58 10.74
N TYR C 722 18.96 -2.94 11.29
CA TYR C 722 19.20 -2.77 12.74
C TYR C 722 19.41 -1.28 13.02
N ALA C 723 18.69 -0.75 14.01
CA ALA C 723 18.83 0.64 14.49
C ALA C 723 19.53 0.66 15.85
N TYR C 724 20.06 1.81 16.24
CA TYR C 724 20.81 1.95 17.52
C TYR C 724 20.16 3.03 18.38
N LEU C 725 19.92 2.69 19.65
CA LEU C 725 19.33 3.60 20.67
C LEU C 725 20.47 4.08 21.57
N LEU C 726 20.72 5.38 21.59
CA LEU C 726 21.85 5.98 22.35
C LEU C 726 21.50 7.41 22.71
N GLU C 727 22.28 8.02 23.59
CA GLU C 727 22.04 9.42 24.03
C GLU C 727 22.27 10.35 22.83
N SER C 728 21.39 11.34 22.70
CA SER C 728 21.29 12.25 21.54
C SER C 728 22.63 12.95 21.31
N THR C 729 23.38 13.24 22.39
CA THR C 729 24.71 13.88 22.32
C THR C 729 25.66 13.08 21.43
N MET C 730 25.76 11.76 21.62
CA MET C 730 26.70 10.92 20.82
C MET C 730 26.19 10.79 19.39
N ASN C 731 24.88 10.72 19.22
CA ASN C 731 24.21 10.71 17.88
C ASN C 731 24.67 11.97 17.14
N GLU C 732 24.64 13.11 17.83
CA GLU C 732 25.03 14.43 17.27
C GLU C 732 26.46 14.36 16.73
N TYR C 733 27.41 13.81 17.49
CA TYR C 733 28.83 13.70 17.08
C TYR C 733 28.99 12.76 15.89
N ILE C 734 28.28 11.62 15.90
CA ILE C 734 28.43 10.63 14.79
C ILE C 734 27.96 11.32 13.50
N GLU C 735 26.89 12.12 13.58
CA GLU C 735 26.39 12.90 12.42
C GLU C 735 27.48 13.90 11.98
N GLN C 736 28.09 14.62 12.94
CA GLN C 736 29.12 15.66 12.64
C GLN C 736 30.34 14.99 12.00
N ARG C 737 30.77 13.84 12.54
CA ARG C 737 32.00 13.13 12.11
C ARG C 737 31.75 12.54 10.72
N LYS C 738 32.73 12.58 9.82
CA LYS C 738 32.60 11.89 8.51
C LYS C 738 32.50 10.40 8.78
N PRO C 739 31.68 9.62 8.02
CA PRO C 739 30.99 10.09 6.81
C PRO C 739 29.52 10.53 6.98
N CYS C 740 29.09 10.79 8.21
CA CYS C 740 27.68 11.14 8.57
C CYS C 740 26.73 10.01 8.15
N ASP C 741 27.18 8.76 8.24
CA ASP C 741 26.36 7.58 7.86
C ASP C 741 25.08 7.53 8.71
N THR C 742 25.19 7.72 10.04
CA THR C 742 24.07 7.57 11.00
C THR C 742 23.47 8.94 11.32
N MET C 743 22.14 9.06 11.37
CA MET C 743 21.41 10.32 11.69
C MET C 743 20.46 10.10 12.87
N LYS C 744 19.62 11.10 13.16
CA LYS C 744 18.70 11.11 14.33
C LYS C 744 17.30 10.89 13.77
N VAL C 745 16.50 10.08 14.47
CA VAL C 745 15.06 9.87 14.15
C VAL C 745 14.18 10.54 15.22
N GLY C 746 13.13 11.22 14.74
CA GLY C 746 12.27 12.10 15.56
C GLY C 746 13.12 13.05 16.38
N GLY C 747 12.84 13.16 17.69
CA GLY C 747 13.72 13.82 18.67
C GLY C 747 13.97 12.92 19.87
N ASN C 748 14.58 13.49 20.91
CA ASN C 748 14.94 12.74 22.15
C ASN C 748 13.65 12.32 22.85
N LEU C 749 13.63 11.09 23.36
CA LEU C 749 12.43 10.49 24.01
C LEU C 749 12.12 11.23 25.32
N ASP C 750 13.15 11.62 26.08
CA ASP C 750 13.00 12.02 27.50
C ASP C 750 14.20 12.86 27.93
N SER C 751 14.00 13.73 28.92
CA SER C 751 15.04 14.59 29.54
C SER C 751 16.00 13.72 30.36
N LYS C 752 17.31 13.90 30.14
CA LYS C 752 18.40 13.27 30.91
C LYS C 752 19.45 14.35 31.19
N GLY C 753 20.34 14.10 32.14
CA GLY C 753 21.53 14.95 32.38
C GLY C 753 22.70 14.13 32.84
N TYR C 754 23.92 14.56 32.47
CA TYR C 754 25.18 13.95 32.96
C TYR C 754 25.80 14.85 34.03
N GLY C 755 25.94 14.32 35.25
CA GLY C 755 26.53 15.05 36.39
C GLY C 755 27.71 14.29 36.97
N ILE C 756 28.61 15.00 37.66
CA ILE C 756 29.83 14.37 38.26
C ILE C 756 29.34 13.42 39.36
N ALA C 757 29.80 12.17 39.32
CA ALA C 757 29.39 11.12 40.27
C ALA C 757 30.51 10.88 41.30
N THR C 758 30.14 10.89 42.58
CA THR C 758 31.03 10.64 43.73
C THR C 758 30.28 9.74 44.70
N PRO C 759 30.98 8.97 45.57
CA PRO C 759 30.31 8.23 46.63
C PRO C 759 29.42 9.17 47.47
N LYS C 760 28.20 8.72 47.78
CA LYS C 760 27.21 9.49 48.59
C LYS C 760 27.93 10.04 49.84
N GLY C 761 27.86 11.36 50.04
CA GLY C 761 28.42 12.04 51.22
C GLY C 761 29.94 12.10 51.22
N SER C 762 30.59 11.95 50.06
CA SER C 762 32.02 12.28 49.84
C SER C 762 32.26 13.78 50.05
N ALA C 763 33.45 14.14 50.54
CA ALA C 763 33.90 15.54 50.77
C ALA C 763 34.06 16.25 49.41
N LEU C 764 34.56 15.51 48.40
CA LEU C 764 34.75 16.00 47.01
C LEU C 764 33.42 16.44 46.40
N ARG C 765 32.29 15.81 46.78
CA ARG C 765 30.98 16.07 46.12
C ARG C 765 30.63 17.57 46.18
N GLY C 766 30.70 18.19 47.37
CA GLY C 766 30.30 19.59 47.61
C GLY C 766 30.99 20.56 46.65
N PRO C 767 32.34 20.53 46.57
CA PRO C 767 33.10 21.38 45.63
C PRO C 767 32.74 21.15 44.16
N VAL C 768 32.57 19.88 43.74
CA VAL C 768 32.26 19.58 42.31
C VAL C 768 30.84 20.07 41.98
N ASN C 769 29.91 20.03 42.94
CA ASN C 769 28.53 20.52 42.72
C ASN C 769 28.59 22.02 42.48
N LEU C 770 29.39 22.74 43.26
CA LEU C 770 29.56 24.22 43.13
C LEU C 770 30.27 24.54 41.81
N ALA C 771 31.24 23.70 41.41
CA ALA C 771 31.99 23.85 40.14
C ALA C 771 31.03 23.73 38.95
N VAL C 772 30.13 22.74 38.98
CA VAL C 772 29.12 22.51 37.91
C VAL C 772 28.33 23.80 37.63
N LEU C 773 28.18 24.72 38.61
CA LEU C 773 27.48 26.01 38.44
C LEU C 773 28.48 27.09 38.01
N LYS C 774 29.62 27.23 38.71
CA LYS C 774 30.66 28.27 38.42
C LYS C 774 31.17 28.11 36.99
N LEU C 775 31.53 26.89 36.59
CA LEU C 775 32.13 26.59 35.26
C LEU C 775 31.07 26.79 34.17
N SER C 776 29.80 26.52 34.44
CA SER C 776 28.68 26.72 33.48
C SER C 776 28.51 28.23 33.24
N GLU C 777 28.47 29.03 34.31
CA GLU C 777 28.30 30.50 34.20
C GLU C 777 29.50 31.11 33.49
N GLN C 778 30.72 30.54 33.67
CA GLN C 778 31.97 31.00 33.00
C GLN C 778 31.82 30.94 31.48
N GLY C 779 31.07 29.95 30.98
CA GLY C 779 30.84 29.71 29.54
C GLY C 779 32.00 28.98 28.90
N VAL C 780 33.12 28.76 29.59
CA VAL C 780 34.30 28.00 29.08
C VAL C 780 33.85 26.57 28.70
N LEU C 781 33.10 25.92 29.59
CA LEU C 781 32.54 24.55 29.39
C LEU C 781 31.71 24.52 28.11
N ASP C 782 30.79 25.50 27.97
CA ASP C 782 29.86 25.60 26.82
C ASP C 782 30.67 25.79 25.54
N LYS C 783 31.69 26.66 25.57
CA LYS C 783 32.55 26.97 24.40
C LYS C 783 33.31 25.71 24.00
N LEU C 784 33.83 24.95 24.97
CA LEU C 784 34.60 23.70 24.71
C LEU C 784 33.70 22.72 23.97
N LYS C 785 32.45 22.57 24.41
CA LYS C 785 31.48 21.65 23.76
C LYS C 785 31.20 22.14 22.33
N SER C 786 30.97 23.44 22.16
CA SER C 786 30.65 24.04 20.84
C SER C 786 31.82 23.78 19.89
N LYS C 787 33.04 24.10 20.33
CA LYS C 787 34.27 24.00 19.50
C LYS C 787 34.46 22.54 19.07
N TRP C 788 34.35 21.58 20.00
CA TRP C 788 34.61 20.14 19.74
C TRP C 788 33.67 19.60 18.66
N TRP C 789 32.37 19.89 18.77
CA TRP C 789 31.36 19.43 17.76
C TRP C 789 31.57 20.14 16.42
N TYR C 790 31.73 21.48 16.41
CA TYR C 790 31.77 22.27 15.15
C TYR C 790 33.04 21.95 14.36
N ASP C 791 34.20 21.90 15.02
CA ASP C 791 35.49 21.68 14.32
C ASP C 791 35.46 20.27 13.69
N LYS C 792 34.96 19.29 14.43
CA LYS C 792 34.90 17.88 13.98
C LYS C 792 33.96 17.82 12.78
N GLY C 793 32.85 18.57 12.81
CA GLY C 793 31.74 18.46 11.83
C GLY C 793 32.20 18.57 10.38
N GLU C 794 31.80 17.61 9.53
CA GLU C 794 32.20 17.54 8.10
C GLU C 794 31.00 17.90 7.22
N CYS C 795 29.80 17.45 7.60
CA CYS C 795 28.52 17.73 6.89
C CYS C 795 27.67 18.74 7.69
N GLY C 796 27.18 19.77 6.99
CA GLY C 796 26.33 20.84 7.56
C GLY C 796 25.11 21.10 6.68
N ASP C 804 14.18 18.68 1.11
CA ASP C 804 15.04 18.52 -0.09
C ASP C 804 14.63 17.27 -0.89
N LYS C 805 13.40 16.78 -0.73
CA LYS C 805 12.91 15.52 -1.36
C LYS C 805 11.82 15.88 -2.37
N THR C 806 11.95 15.40 -3.61
CA THR C 806 10.88 15.44 -4.66
C THR C 806 10.65 14.01 -5.17
N SER C 807 9.39 13.58 -5.15
CA SER C 807 8.99 12.24 -5.67
C SER C 807 9.19 12.18 -7.18
N ALA C 808 9.19 13.33 -7.86
CA ALA C 808 9.41 13.43 -9.32
C ALA C 808 10.69 12.68 -9.69
N LEU C 809 10.66 11.96 -10.81
CA LEU C 809 11.88 11.30 -11.36
C LEU C 809 12.94 12.36 -11.60
N SER C 810 14.15 12.14 -11.11
CA SER C 810 15.31 13.06 -11.30
C SER C 810 16.09 12.66 -12.55
N LEU C 811 16.91 13.57 -13.07
CA LEU C 811 17.71 13.34 -14.29
C LEU C 811 18.54 12.07 -14.08
N SER C 812 19.05 11.86 -12.86
CA SER C 812 19.91 10.70 -12.52
C SER C 812 19.15 9.39 -12.79
N ASN C 813 17.88 9.33 -12.42
CA ASN C 813 17.05 8.10 -12.53
C ASN C 813 17.00 7.65 -14.00
N VAL C 814 16.93 8.60 -14.92
CA VAL C 814 16.75 8.32 -16.37
C VAL C 814 18.01 8.79 -17.10
N ALA C 815 19.14 8.91 -16.41
CA ALA C 815 20.38 9.46 -17.00
C ALA C 815 20.85 8.58 -18.15
N GLY C 816 20.81 7.25 -17.96
CA GLY C 816 21.34 6.29 -18.93
C GLY C 816 20.72 6.47 -20.30
N VAL C 817 19.42 6.71 -20.34
CA VAL C 817 18.69 6.87 -21.62
C VAL C 817 19.30 8.07 -22.36
N PHE C 818 19.59 9.17 -21.66
CA PHE C 818 20.20 10.38 -22.27
C PHE C 818 21.60 10.05 -22.79
N TYR C 819 22.38 9.30 -22.02
CA TYR C 819 23.75 8.90 -22.42
C TYR C 819 23.67 8.08 -23.71
N ILE C 820 22.73 7.13 -23.76
CA ILE C 820 22.53 6.26 -24.97
C ILE C 820 22.16 7.15 -26.16
N LEU C 821 21.27 8.11 -25.95
CA LEU C 821 20.82 9.04 -27.00
C LEU C 821 22.03 9.76 -27.58
N ILE C 822 22.83 10.38 -26.71
CA ILE C 822 24.00 11.20 -27.15
C ILE C 822 25.00 10.27 -27.83
N GLY C 823 25.22 9.08 -27.27
CA GLY C 823 26.10 8.06 -27.86
C GLY C 823 25.65 7.67 -29.25
N GLY C 824 24.34 7.43 -29.40
CA GLY C 824 23.74 7.11 -30.70
C GLY C 824 23.95 8.21 -31.71
N LEU C 825 23.71 9.46 -31.31
CA LEU C 825 23.89 10.65 -32.20
C LEU C 825 25.35 10.72 -32.63
N GLY C 826 26.27 10.50 -31.69
CA GLY C 826 27.71 10.38 -31.96
C GLY C 826 27.97 9.34 -33.04
N LEU C 827 27.57 8.11 -32.77
CA LEU C 827 27.80 6.95 -33.68
C LEU C 827 27.19 7.28 -35.05
N ALA C 828 26.00 7.86 -35.07
CA ALA C 828 25.23 8.22 -36.29
C ALA C 828 26.05 9.15 -37.17
N MET C 829 26.56 10.24 -36.58
CA MET C 829 27.47 11.21 -37.25
C MET C 829 28.69 10.47 -37.80
N LEU C 830 29.32 9.64 -36.98
CA LEU C 830 30.53 8.85 -37.36
C LEU C 830 30.20 8.00 -38.60
N VAL C 831 29.04 7.34 -38.60
CA VAL C 831 28.58 6.47 -39.72
C VAL C 831 28.23 7.35 -40.93
N ALA C 832 27.70 8.54 -40.71
CA ALA C 832 27.37 9.52 -41.78
C ALA C 832 28.66 9.92 -42.52
N LEU C 833 29.74 10.16 -41.79
CA LEU C 833 31.06 10.55 -42.35
C LEU C 833 31.66 9.37 -43.13
N ILE C 834 31.52 8.16 -42.61
CA ILE C 834 31.95 6.89 -43.27
C ILE C 834 31.22 6.75 -44.61
N GLU C 835 29.90 7.00 -44.62
CA GLU C 835 29.04 6.96 -45.84
C GLU C 835 29.50 8.06 -46.81
N PHE C 836 29.85 9.25 -46.30
CA PHE C 836 30.31 10.42 -47.08
C PHE C 836 31.63 10.10 -47.80
N CYS C 837 32.57 9.48 -47.08
CA CYS C 837 33.91 9.05 -47.60
C CYS C 837 33.74 7.95 -48.66
N TYR C 838 32.85 6.99 -48.43
CA TYR C 838 32.53 5.87 -49.33
C TYR C 838 31.93 6.40 -50.64
N LYS C 839 31.04 7.40 -50.54
CA LYS C 839 30.31 8.03 -51.69
C LYS C 839 31.31 8.70 -52.64
N SER C 840 32.38 9.31 -52.12
CA SER C 840 33.47 9.98 -52.88
C SER C 840 34.23 8.97 -53.74
N ARG C 841 34.72 7.89 -53.12
CA ARG C 841 35.44 6.77 -53.78
C ARG C 841 34.43 5.71 -54.26
N LYS D 414 -4.00 24.91 57.49
CA LYS D 414 -4.77 25.75 56.52
C LYS D 414 -4.92 25.02 55.18
N THR D 415 -6.09 25.14 54.55
CA THR D 415 -6.37 24.58 53.20
C THR D 415 -5.39 25.25 52.23
N VAL D 416 -4.75 24.46 51.36
CA VAL D 416 -3.68 24.95 50.42
C VAL D 416 -4.34 25.42 49.11
N VAL D 417 -4.31 26.73 48.87
CA VAL D 417 -4.83 27.35 47.62
C VAL D 417 -3.92 26.89 46.47
N VAL D 418 -4.50 26.26 45.44
CA VAL D 418 -3.73 25.75 44.27
C VAL D 418 -4.04 26.64 43.06
N THR D 419 -3.01 27.30 42.51
CA THR D 419 -3.12 28.14 41.30
C THR D 419 -2.91 27.23 40.08
N THR D 420 -4.00 26.73 39.47
CA THR D 420 -3.90 25.88 38.25
C THR D 420 -4.53 26.60 37.05
N ILE D 421 -3.75 26.76 35.99
CA ILE D 421 -4.25 27.30 34.68
C ILE D 421 -5.18 26.26 34.05
N LEU D 422 -6.26 26.73 33.40
CA LEU D 422 -7.25 25.87 32.71
C LEU D 422 -6.76 25.58 31.29
N GLU D 423 -6.00 24.49 31.12
CA GLU D 423 -5.51 24.02 29.80
C GLU D 423 -5.68 22.50 29.77
N SER D 424 -6.58 22.01 28.92
CA SER D 424 -6.83 20.56 28.71
C SER D 424 -5.55 19.94 28.14
N PRO D 425 -5.21 18.67 28.50
CA PRO D 425 -6.01 17.85 29.41
C PRO D 425 -5.63 18.02 30.90
N TYR D 426 -4.63 18.84 31.20
CA TYR D 426 -4.15 19.11 32.59
C TYR D 426 -5.34 19.55 33.46
N VAL D 427 -6.13 20.51 32.98
CA VAL D 427 -7.36 20.99 33.65
C VAL D 427 -8.42 21.19 32.57
N MET D 428 -9.56 20.52 32.69
CA MET D 428 -10.75 20.73 31.80
C MET D 428 -11.97 21.04 32.67
N MET D 429 -12.73 22.08 32.33
CA MET D 429 -14.01 22.39 33.02
C MET D 429 -15.04 21.33 32.60
N LYS D 430 -15.72 20.72 33.59
CA LYS D 430 -16.64 19.57 33.33
C LYS D 430 -17.90 20.11 32.65
N LYS D 431 -18.66 19.21 32.00
CA LYS D 431 -19.93 19.52 31.28
C LYS D 431 -20.84 20.36 32.20
N ASN D 432 -21.07 19.88 33.42
CA ASN D 432 -21.98 20.50 34.41
C ASN D 432 -21.17 21.09 35.58
N HIS D 433 -20.01 21.66 35.29
CA HIS D 433 -19.10 22.32 36.28
C HIS D 433 -19.80 23.52 36.96
N GLU D 434 -20.67 24.23 36.23
CA GLU D 434 -21.54 25.32 36.75
C GLU D 434 -22.43 24.80 37.88
N MET D 435 -23.11 23.66 37.68
CA MET D 435 -23.93 22.96 38.71
C MET D 435 -23.04 22.47 39.87
N LEU D 436 -21.83 21.99 39.57
CA LEU D 436 -20.87 21.44 40.56
C LEU D 436 -20.25 22.58 41.38
N GLU D 437 -19.81 22.30 42.61
CA GLU D 437 -19.12 23.28 43.46
C GLU D 437 -17.81 22.70 44.01
N GLY D 438 -16.85 23.58 44.31
CA GLY D 438 -15.55 23.25 44.91
C GLY D 438 -14.50 22.95 43.85
N ASN D 439 -13.70 21.92 44.09
CA ASN D 439 -12.67 21.41 43.14
C ASN D 439 -13.37 20.55 42.08
N GLU D 440 -14.65 20.21 42.26
CA GLU D 440 -15.40 19.31 41.36
C GLU D 440 -15.47 19.91 39.94
N ARG D 441 -15.48 21.24 39.84
CA ARG D 441 -15.70 21.96 38.55
C ARG D 441 -14.56 21.62 37.58
N TYR D 442 -13.33 21.47 38.07
CA TYR D 442 -12.16 21.16 37.19
C TYR D 442 -11.86 19.65 37.28
N GLU D 443 -11.84 18.98 36.14
CA GLU D 443 -11.46 17.54 36.03
C GLU D 443 -10.33 17.45 35.01
N GLY D 444 -9.14 17.00 35.43
CA GLY D 444 -7.95 16.93 34.56
C GLY D 444 -6.84 16.08 35.12
N TYR D 445 -5.79 15.84 34.34
CA TYR D 445 -4.57 15.12 34.77
C TYR D 445 -3.98 15.86 35.98
N CYS D 446 -3.85 17.19 35.87
CA CYS D 446 -3.27 18.06 36.92
C CYS D 446 -4.17 18.03 38.18
N VAL D 447 -5.47 17.90 37.98
CA VAL D 447 -6.46 17.79 39.10
C VAL D 447 -6.20 16.45 39.79
N ASP D 448 -6.10 15.36 39.01
CA ASP D 448 -5.78 14.00 39.53
C ASP D 448 -4.44 14.05 40.27
N LEU D 449 -3.44 14.73 39.68
CA LEU D 449 -2.07 14.82 40.23
C LEU D 449 -2.10 15.59 41.57
N ALA D 450 -2.87 16.69 41.61
CA ALA D 450 -3.07 17.55 42.80
C ALA D 450 -3.69 16.72 43.93
N ALA D 451 -4.69 15.89 43.60
CA ALA D 451 -5.37 15.00 44.56
C ALA D 451 -4.35 14.03 45.15
N GLU D 452 -3.46 13.48 44.32
CA GLU D 452 -2.41 12.51 44.75
C GLU D 452 -1.43 13.22 45.70
N ILE D 453 -1.01 14.44 45.34
CA ILE D 453 -0.10 15.28 46.17
C ILE D 453 -0.79 15.54 47.50
N ALA D 454 -2.08 15.89 47.45
CA ALA D 454 -2.91 16.22 48.64
C ALA D 454 -2.94 15.03 49.60
N LYS D 455 -3.03 13.80 49.07
CA LYS D 455 -3.14 12.54 49.85
C LYS D 455 -1.79 12.27 50.53
N HIS D 456 -0.68 12.36 49.79
CA HIS D 456 0.68 12.15 50.37
C HIS D 456 1.00 13.23 51.41
N CYS D 457 0.66 14.50 51.14
CA CYS D 457 0.94 15.63 52.06
C CYS D 457 0.00 15.59 53.28
N GLY D 458 -1.17 14.97 53.11
CA GLY D 458 -2.25 14.97 54.12
C GLY D 458 -2.76 16.38 54.40
N PHE D 459 -2.66 17.26 53.40
CA PHE D 459 -3.12 18.67 53.46
C PHE D 459 -4.30 18.83 52.52
N LYS D 460 -5.42 19.35 53.02
CA LYS D 460 -6.61 19.75 52.21
C LYS D 460 -6.16 20.82 51.17
N TYR D 461 -6.65 20.71 49.95
CA TYR D 461 -6.27 21.59 48.82
C TYR D 461 -7.53 22.18 48.17
N LYS D 462 -7.45 23.44 47.72
CA LYS D 462 -8.56 24.12 47.00
C LYS D 462 -8.05 24.50 45.62
N LEU D 463 -8.73 24.05 44.55
CA LEU D 463 -8.41 24.38 43.14
C LEU D 463 -8.82 25.83 42.82
N THR D 464 -7.88 26.62 42.30
CA THR D 464 -8.10 28.04 41.91
C THR D 464 -7.45 28.30 40.55
N ILE D 465 -7.90 29.31 39.82
CA ILE D 465 -7.31 29.68 38.50
C ILE D 465 -6.75 31.10 38.65
N VAL D 466 -5.51 31.31 38.23
CA VAL D 466 -4.87 32.67 38.15
C VAL D 466 -5.66 33.49 37.13
N GLY D 467 -5.96 34.76 37.46
CA GLY D 467 -6.73 35.69 36.60
C GLY D 467 -6.12 35.82 35.22
N ASP D 468 -4.81 36.08 35.15
CA ASP D 468 -4.04 36.27 33.89
C ASP D 468 -4.02 34.94 33.11
N GLY D 469 -3.86 33.81 33.80
CA GLY D 469 -3.72 32.46 33.23
C GLY D 469 -2.39 32.26 32.52
N LYS D 470 -1.44 33.19 32.57
CA LYS D 470 -0.07 33.02 31.99
C LYS D 470 0.87 32.63 33.12
N TYR D 471 1.51 31.47 33.03
CA TYR D 471 2.19 30.81 34.17
C TYR D 471 3.30 31.73 34.68
N GLY D 472 4.12 32.29 33.79
CA GLY D 472 5.08 33.36 34.15
C GLY D 472 4.91 34.64 33.34
N ALA D 473 4.76 35.82 33.97
CA ALA D 473 4.95 37.11 33.27
C ALA D 473 5.79 38.06 34.13
N ARG D 474 7.03 38.36 33.74
CA ARG D 474 7.85 39.40 34.41
C ARG D 474 8.27 40.43 33.36
N ASP D 475 7.84 41.68 33.52
CA ASP D 475 8.36 42.86 32.78
C ASP D 475 9.81 43.06 33.22
N ALA D 476 10.75 43.29 32.31
CA ALA D 476 12.18 43.45 32.62
C ALA D 476 12.39 44.69 33.52
N ASP D 477 11.69 45.79 33.22
CA ASP D 477 11.72 47.05 34.01
C ASP D 477 11.12 46.80 35.40
N THR D 478 9.92 46.21 35.45
CA THR D 478 9.15 46.01 36.71
C THR D 478 9.86 44.97 37.58
N LYS D 479 10.35 43.89 36.96
CA LYS D 479 10.96 42.71 37.61
C LYS D 479 9.97 42.11 38.62
N ILE D 480 8.68 42.09 38.27
CA ILE D 480 7.59 41.51 39.12
C ILE D 480 6.96 40.36 38.33
N TRP D 481 6.84 39.18 38.95
CA TRP D 481 6.26 37.99 38.28
C TRP D 481 4.73 38.06 38.34
N ASN D 482 4.09 37.47 37.35
CA ASN D 482 2.60 37.39 37.21
C ASN D 482 2.20 35.95 36.84
N GLY D 483 0.92 35.64 37.06
CA GLY D 483 0.36 34.30 36.81
C GLY D 483 0.52 33.41 38.02
N MET D 484 0.87 32.14 37.82
CA MET D 484 1.13 31.18 38.93
C MET D 484 2.28 31.73 39.78
N VAL D 485 3.33 32.23 39.14
CA VAL D 485 4.53 32.79 39.82
C VAL D 485 4.07 33.96 40.69
N GLY D 486 3.24 34.83 40.13
CA GLY D 486 2.68 36.02 40.78
C GLY D 486 1.87 35.68 42.02
N GLU D 487 1.13 34.57 42.03
CA GLU D 487 0.29 34.13 43.17
C GLU D 487 1.21 33.59 44.29
N LEU D 488 2.33 32.95 43.92
CA LEU D 488 3.33 32.41 44.87
C LEU D 488 4.15 33.56 45.49
N VAL D 489 4.60 34.52 44.66
CA VAL D 489 5.34 35.74 45.10
C VAL D 489 4.51 36.52 46.14
N TYR D 490 3.21 36.70 45.88
CA TYR D 490 2.28 37.46 46.76
C TYR D 490 1.87 36.60 47.97
N GLY D 491 1.96 35.28 47.81
CA GLY D 491 1.68 34.28 48.85
C GLY D 491 0.22 33.89 48.93
N LYS D 492 -0.62 34.40 48.00
CA LYS D 492 -2.09 34.17 47.99
C LYS D 492 -2.37 32.69 47.68
N ALA D 493 -1.60 32.09 46.78
CA ALA D 493 -1.65 30.63 46.47
C ALA D 493 -0.45 29.94 47.12
N ASP D 494 -0.72 28.93 47.94
CA ASP D 494 0.29 28.16 48.71
C ASP D 494 1.09 27.22 47.78
N ILE D 495 0.47 26.76 46.69
CA ILE D 495 0.98 25.65 45.83
C ILE D 495 0.45 25.82 44.40
N ALA D 496 1.21 25.34 43.40
CA ALA D 496 0.85 25.39 41.96
C ALA D 496 1.02 24.00 41.35
N ILE D 497 -0.09 23.36 40.97
CA ILE D 497 -0.06 22.07 40.22
C ILE D 497 -0.06 22.33 38.71
N ALA D 498 -0.14 23.59 38.29
CA ALA D 498 -0.03 23.95 36.86
C ALA D 498 1.34 23.51 36.35
N PRO D 499 1.44 23.03 35.09
CA PRO D 499 2.72 22.55 34.55
C PRO D 499 3.65 23.72 34.21
N LEU D 500 4.19 24.39 35.21
CA LEU D 500 5.20 25.47 35.02
C LEU D 500 6.50 24.88 34.51
N THR D 501 7.03 25.45 33.41
CA THR D 501 8.35 25.03 32.85
C THR D 501 9.42 25.33 33.90
N ILE D 502 10.38 24.42 34.08
CA ILE D 502 11.54 24.65 35.00
C ILE D 502 12.58 25.47 34.22
N THR D 503 12.66 26.78 34.46
CA THR D 503 13.63 27.70 33.82
C THR D 503 14.50 28.29 34.92
N LEU D 504 15.73 28.67 34.57
CA LEU D 504 16.76 29.17 35.52
C LEU D 504 16.19 30.41 36.25
N VAL D 505 15.59 31.32 35.49
CA VAL D 505 15.02 32.60 36.02
C VAL D 505 13.89 32.26 37.01
N ARG D 506 13.03 31.30 36.67
CA ARG D 506 11.90 30.90 37.53
C ARG D 506 12.44 30.17 38.78
N GLU D 507 13.48 29.34 38.61
CA GLU D 507 14.04 28.47 39.69
C GLU D 507 14.53 29.35 40.85
N GLU D 508 15.07 30.54 40.53
CA GLU D 508 15.65 31.46 41.54
C GLU D 508 14.51 32.08 42.36
N VAL D 509 13.38 32.43 41.71
CA VAL D 509 12.25 33.13 42.39
C VAL D 509 11.37 32.11 43.12
N ILE D 510 11.06 30.94 42.53
CA ILE D 510 10.10 29.96 43.16
C ILE D 510 10.72 28.57 43.31
N ASP D 511 10.51 27.94 44.46
CA ASP D 511 11.02 26.56 44.75
C ASP D 511 10.28 25.57 43.86
N PHE D 512 10.99 24.60 43.27
CA PHE D 512 10.43 23.68 42.26
C PHE D 512 10.65 22.24 42.71
N SER D 513 9.61 21.41 42.63
CA SER D 513 9.70 19.95 42.91
C SER D 513 10.33 19.27 41.70
N LYS D 514 10.81 18.02 41.86
CA LYS D 514 11.34 17.20 40.73
C LYS D 514 10.24 17.09 39.68
N PRO D 515 10.55 17.23 38.36
CA PRO D 515 9.52 17.28 37.31
C PRO D 515 8.65 16.01 37.20
N PHE D 516 7.33 16.17 37.21
CA PHE D 516 6.37 15.03 37.12
C PHE D 516 6.41 14.50 35.68
N MET D 517 6.50 15.41 34.70
CA MET D 517 6.65 15.12 33.26
C MET D 517 7.71 16.05 32.66
N SER D 518 8.44 15.59 31.65
CA SER D 518 9.35 16.44 30.84
C SER D 518 8.93 16.38 29.36
N LEU D 519 8.92 17.52 28.68
CA LEU D 519 8.48 17.59 27.27
C LEU D 519 9.26 18.65 26.51
N GLY D 520 9.43 18.49 25.21
CA GLY D 520 10.27 19.38 24.39
C GLY D 520 9.46 20.51 23.78
N ILE D 521 10.15 21.54 23.30
CA ILE D 521 9.49 22.68 22.59
C ILE D 521 9.23 22.17 21.17
N SER D 522 7.96 22.01 20.78
CA SER D 522 7.54 21.46 19.48
C SER D 522 7.02 22.56 18.56
N ILE D 523 6.67 22.20 17.32
CA ILE D 523 6.02 23.09 16.33
C ILE D 523 4.66 22.50 15.94
N MET D 524 3.60 23.32 16.10
CA MET D 524 2.21 22.96 15.73
C MET D 524 1.86 23.73 14.44
N ILE D 525 1.55 22.99 13.40
CA ILE D 525 1.13 23.52 12.08
C ILE D 525 -0.14 22.77 11.66
N LYS D 526 -1.00 23.40 10.86
CA LYS D 526 -2.21 22.75 10.29
C LYS D 526 -1.78 21.68 9.26
N LYS D 527 -2.60 20.65 9.05
CA LYS D 527 -2.23 19.53 8.14
C LYS D 527 -2.17 20.07 6.71
N PRO D 528 -1.21 19.58 5.88
CA PRO D 528 -1.10 20.02 4.49
C PRO D 528 -2.25 19.49 3.61
N GLN D 529 -2.67 20.28 2.62
CA GLN D 529 -3.86 20.00 1.78
C GLN D 529 -3.38 19.62 0.37
N LYS D 530 -3.94 18.52 -0.16
CA LYS D 530 -3.71 18.06 -1.55
C LYS D 530 -4.70 18.75 -2.49
N SER D 531 -5.54 19.68 -2.01
CA SER D 531 -6.58 20.38 -2.78
C SER D 531 -5.94 21.31 -3.79
N LYS D 532 -6.75 21.73 -4.77
CA LYS D 532 -6.41 22.73 -5.81
C LYS D 532 -5.14 22.31 -6.55
N PRO D 533 -5.18 21.20 -7.32
CA PRO D 533 -4.08 20.87 -8.22
C PRO D 533 -3.89 22.03 -9.19
N GLY D 534 -2.65 22.48 -9.39
CA GLY D 534 -2.37 23.68 -10.17
C GLY D 534 -2.35 23.39 -11.66
N VAL D 535 -2.37 24.43 -12.48
CA VAL D 535 -2.11 24.29 -13.94
C VAL D 535 -0.64 23.89 -14.08
N PHE D 536 -0.31 23.05 -15.06
CA PHE D 536 1.03 22.48 -15.23
C PHE D 536 1.32 21.49 -14.09
N SER D 537 0.28 21.00 -13.41
CA SER D 537 0.43 19.87 -12.47
C SER D 537 0.70 18.57 -13.24
N PHE D 538 0.30 18.50 -14.51
CA PHE D 538 0.54 17.31 -15.34
C PHE D 538 2.05 17.12 -15.53
N LEU D 539 2.86 18.18 -15.43
CA LEU D 539 4.33 18.01 -15.63
C LEU D 539 5.02 17.57 -14.34
N ASP D 540 4.29 17.37 -13.27
CA ASP D 540 4.88 17.11 -11.93
C ASP D 540 5.65 15.79 -11.88
N PRO D 541 5.17 14.67 -12.43
CA PRO D 541 5.88 13.40 -12.29
C PRO D 541 7.33 13.41 -12.77
N LEU D 542 7.65 14.15 -13.82
CA LEU D 542 9.05 14.32 -14.25
C LEU D 542 9.57 15.67 -13.75
N ALA D 543 10.77 15.69 -13.19
CA ALA D 543 11.41 16.93 -12.67
C ALA D 543 11.64 17.90 -13.81
N TYR D 544 11.69 19.19 -13.46
CA TYR D 544 11.81 20.30 -14.43
C TYR D 544 13.07 20.14 -15.28
N GLU D 545 14.15 19.64 -14.69
CA GLU D 545 15.42 19.47 -15.44
C GLU D 545 15.24 18.40 -16.53
N ILE D 546 14.45 17.36 -16.29
CA ILE D 546 14.22 16.29 -17.30
C ILE D 546 13.49 16.93 -18.48
N TRP D 547 12.42 17.67 -18.19
CA TRP D 547 11.61 18.36 -19.22
C TRP D 547 12.54 19.25 -20.06
N MET D 548 13.40 20.01 -19.40
CA MET D 548 14.32 20.95 -20.11
C MET D 548 15.30 20.14 -20.94
N CYS D 549 15.80 19.02 -20.43
CA CYS D 549 16.75 18.14 -21.15
C CYS D 549 16.04 17.43 -22.31
N ILE D 550 14.78 17.05 -22.16
CA ILE D 550 13.96 16.46 -23.25
C ILE D 550 13.92 17.47 -24.40
N VAL D 551 13.69 18.74 -24.09
CA VAL D 551 13.65 19.83 -25.10
C VAL D 551 15.02 19.92 -25.80
N PHE D 552 16.11 19.95 -25.04
CA PHE D 552 17.50 19.98 -25.57
C PHE D 552 17.73 18.75 -26.43
N ALA D 553 17.41 17.57 -25.92
CA ALA D 553 17.54 16.29 -26.64
C ALA D 553 16.77 16.37 -27.96
N TYR D 554 15.53 16.86 -27.92
CA TYR D 554 14.66 17.03 -29.11
C TYR D 554 15.36 17.90 -30.15
N ILE D 555 15.87 19.05 -29.75
CA ILE D 555 16.66 19.96 -30.64
C ILE D 555 17.90 19.22 -31.12
N GLY D 556 18.62 18.53 -30.22
CA GLY D 556 19.85 17.81 -30.58
C GLY D 556 19.58 16.80 -31.68
N VAL D 557 18.57 15.96 -31.49
CA VAL D 557 18.22 14.85 -32.42
C VAL D 557 17.87 15.43 -33.79
N SER D 558 16.96 16.39 -33.83
CA SER D 558 16.49 17.01 -35.10
C SER D 558 17.70 17.52 -35.89
N VAL D 559 18.54 18.33 -35.25
CA VAL D 559 19.73 18.95 -35.90
C VAL D 559 20.66 17.85 -36.41
N VAL D 560 20.91 16.81 -35.60
CA VAL D 560 21.84 15.72 -36.00
C VAL D 560 21.22 14.96 -37.17
N LEU D 561 19.92 14.68 -37.10
CA LEU D 561 19.20 13.98 -38.20
C LEU D 561 19.30 14.81 -39.49
N PHE D 562 19.13 16.12 -39.38
CA PHE D 562 19.22 17.08 -40.51
C PHE D 562 20.62 16.97 -41.13
N LEU D 563 21.66 17.14 -40.30
CA LEU D 563 23.06 17.22 -40.79
C LEU D 563 23.41 15.93 -41.53
N VAL D 564 23.16 14.78 -40.90
CA VAL D 564 23.50 13.45 -41.45
C VAL D 564 22.79 13.25 -42.79
N SER D 565 21.52 13.66 -42.86
CA SER D 565 20.68 13.54 -44.08
C SER D 565 21.27 14.40 -45.21
N ARG D 566 21.76 15.60 -44.91
CA ARG D 566 22.28 16.53 -45.94
C ARG D 566 23.74 16.18 -46.30
N PHE D 567 24.49 15.59 -45.36
CA PHE D 567 25.95 15.33 -45.56
C PHE D 567 26.10 13.98 -46.26
N SER D 568 25.34 12.97 -45.82
CA SER D 568 25.36 11.59 -46.37
C SER D 568 23.96 11.22 -46.84
N PRO D 569 23.46 11.76 -47.97
CA PRO D 569 22.14 11.41 -48.49
C PRO D 569 22.01 9.95 -48.93
N TYR D 570 20.82 9.37 -48.74
CA TYR D 570 20.37 8.06 -49.29
C TYR D 570 19.86 8.34 -50.70
N GLU D 591 12.84 14.73 -48.64
CA GLU D 591 14.10 14.63 -47.86
C GLU D 591 13.88 15.20 -46.44
N PHE D 592 14.91 15.10 -45.59
CA PHE D 592 14.92 15.60 -44.19
C PHE D 592 15.56 16.98 -44.14
N GLY D 593 14.76 18.04 -44.31
CA GLY D 593 15.13 19.43 -44.02
C GLY D 593 15.07 19.70 -42.53
N ILE D 594 15.60 20.84 -42.07
CA ILE D 594 15.63 21.18 -40.62
C ILE D 594 14.20 21.10 -40.09
N PHE D 595 13.24 21.63 -40.83
CA PHE D 595 11.80 21.68 -40.46
C PHE D 595 11.20 20.27 -40.47
N ASN D 596 11.53 19.45 -41.47
CA ASN D 596 11.03 18.06 -41.56
C ASN D 596 11.65 17.19 -40.46
N SER D 597 12.93 17.40 -40.16
CA SER D 597 13.64 16.67 -39.08
C SER D 597 13.01 17.04 -37.73
N LEU D 598 12.77 18.33 -37.50
CA LEU D 598 12.09 18.81 -36.29
C LEU D 598 10.72 18.12 -36.16
N TRP D 599 9.99 18.02 -37.28
CA TRP D 599 8.64 17.40 -37.32
C TRP D 599 8.76 15.91 -36.99
N PHE D 600 9.68 15.19 -37.66
CA PHE D 600 9.90 13.75 -37.44
C PHE D 600 10.14 13.50 -35.95
N SER D 601 11.11 14.22 -35.38
CA SER D 601 11.46 14.11 -33.94
C SER D 601 10.23 14.36 -33.06
N LEU D 602 9.50 15.46 -33.27
CA LEU D 602 8.30 15.80 -32.48
C LEU D 602 7.26 14.69 -32.65
N GLY D 603 7.13 14.15 -33.87
CA GLY D 603 6.22 13.04 -34.18
C GLY D 603 6.61 11.79 -33.41
N ALA D 604 7.90 11.51 -33.34
CA ALA D 604 8.43 10.30 -32.69
C ALA D 604 8.22 10.39 -31.19
N PHE D 605 8.48 11.54 -30.57
CA PHE D 605 8.33 11.71 -29.11
C PHE D 605 6.88 11.46 -28.68
N MET D 606 5.91 11.88 -29.47
CA MET D 606 4.49 11.74 -29.10
C MET D 606 3.98 10.35 -29.46
N ARG D 607 4.77 9.47 -30.06
CA ARG D 607 4.40 8.07 -30.40
C ARG D 607 3.38 8.07 -31.54
N GLN D 608 3.35 9.16 -32.30
CA GLN D 608 2.48 9.33 -33.48
C GLN D 608 3.29 9.03 -34.75
N GLY D 609 2.74 8.17 -35.59
CA GLY D 609 3.43 7.74 -36.82
C GLY D 609 3.67 8.90 -37.76
N CYS D 610 4.81 8.90 -38.44
CA CYS D 610 5.22 9.93 -39.42
C CYS D 610 5.46 9.26 -40.77
N ASP D 611 4.87 9.81 -41.82
CA ASP D 611 4.96 9.22 -43.19
C ASP D 611 6.42 9.25 -43.65
N ILE D 612 7.12 10.36 -43.40
CA ILE D 612 8.60 10.45 -43.65
C ILE D 612 9.34 9.55 -42.65
N SER D 613 10.36 8.83 -43.10
CA SER D 613 11.17 7.89 -42.27
C SER D 613 12.61 7.94 -42.75
N PRO D 614 13.63 7.96 -41.85
CA PRO D 614 15.02 7.93 -42.27
C PRO D 614 15.34 6.67 -43.09
N ARG D 615 16.05 6.81 -44.21
CA ARG D 615 16.40 5.68 -45.12
C ARG D 615 17.87 5.32 -44.95
N SER D 616 18.74 6.30 -44.73
CA SER D 616 20.21 6.14 -44.54
C SER D 616 20.46 5.37 -43.24
N LEU D 617 21.51 4.54 -43.21
CA LEU D 617 21.98 3.85 -41.99
C LEU D 617 22.27 4.89 -40.92
N SER D 618 23.05 5.91 -41.27
CA SER D 618 23.42 7.03 -40.38
C SER D 618 22.15 7.68 -39.82
N GLY D 619 21.16 7.92 -40.67
CA GLY D 619 19.85 8.47 -40.28
C GLY D 619 19.08 7.54 -39.36
N ARG D 620 18.93 6.27 -39.77
CA ARG D 620 18.14 5.25 -39.03
C ARG D 620 18.71 5.06 -37.62
N ILE D 621 20.01 5.20 -37.43
CA ILE D 621 20.65 5.14 -36.07
C ILE D 621 20.07 6.27 -35.23
N VAL D 622 20.06 7.49 -35.75
CA VAL D 622 19.52 8.68 -35.03
C VAL D 622 18.09 8.38 -34.60
N GLY D 623 17.23 8.04 -35.57
CA GLY D 623 15.82 7.70 -35.33
C GLY D 623 15.69 6.55 -34.35
N GLY D 624 16.42 5.47 -34.60
CA GLY D 624 16.41 4.27 -33.77
C GLY D 624 16.63 4.60 -32.31
N VAL D 625 17.64 5.41 -32.01
CA VAL D 625 18.02 5.70 -30.60
C VAL D 625 17.03 6.70 -30.02
N TRP D 626 16.60 7.68 -30.80
CA TRP D 626 15.55 8.64 -30.34
C TRP D 626 14.27 7.87 -30.00
N TRP D 627 13.88 6.92 -30.85
CA TRP D 627 12.71 6.04 -30.58
C TRP D 627 12.87 5.33 -29.24
N PHE D 628 14.07 4.85 -28.90
CA PHE D 628 14.34 4.20 -27.60
C PHE D 628 14.19 5.22 -26.48
N PHE D 629 14.74 6.41 -26.64
CA PHE D 629 14.64 7.49 -25.64
C PHE D 629 13.17 7.77 -25.38
N THR D 630 12.38 7.94 -26.42
CA THR D 630 10.94 8.32 -26.30
C THR D 630 10.19 7.24 -25.55
N LEU D 631 10.42 5.97 -25.88
CA LEU D 631 9.67 4.85 -25.28
C LEU D 631 9.88 4.83 -23.76
N ILE D 632 11.12 5.02 -23.32
CA ILE D 632 11.47 4.93 -21.88
C ILE D 632 10.91 6.14 -21.13
N ILE D 633 11.02 7.34 -21.69
CA ILE D 633 10.54 8.58 -21.02
C ILE D 633 9.01 8.49 -20.91
N ILE D 634 8.30 8.28 -22.02
CA ILE D 634 6.81 8.16 -21.99
C ILE D 634 6.43 7.14 -20.93
N SER D 635 7.03 5.97 -20.98
CA SER D 635 6.76 4.86 -20.03
C SER D 635 7.10 5.32 -18.61
N SER D 636 8.23 5.99 -18.42
CA SER D 636 8.62 6.55 -17.10
C SER D 636 7.52 7.47 -16.62
N TYR D 637 7.13 8.44 -17.44
CA TYR D 637 6.09 9.44 -17.09
C TYR D 637 4.81 8.72 -16.66
N THR D 638 4.31 7.83 -17.50
CA THR D 638 3.10 7.05 -17.21
C THR D 638 3.25 6.39 -15.86
N ALA D 639 4.32 5.63 -15.68
CA ALA D 639 4.58 4.89 -14.43
C ALA D 639 4.54 5.85 -13.25
N ASN D 640 5.40 6.86 -13.26
CA ASN D 640 5.56 7.74 -12.08
C ASN D 640 4.24 8.43 -11.79
N LEU D 641 3.50 8.85 -12.82
CA LEU D 641 2.16 9.46 -12.64
C LEU D 641 1.24 8.46 -11.98
N ALA D 642 1.41 7.16 -12.26
CA ALA D 642 0.67 6.08 -11.58
C ALA D 642 1.05 6.08 -10.11
N ALA D 643 2.33 6.20 -9.81
CA ALA D 643 2.82 6.23 -8.41
C ALA D 643 2.12 7.35 -7.64
N PHE D 644 2.16 8.57 -8.17
CA PHE D 644 1.58 9.77 -7.53
C PHE D 644 0.10 9.53 -7.21
N LEU D 645 -0.68 9.07 -8.19
CA LEU D 645 -2.15 8.95 -8.05
C LEU D 645 -2.50 7.79 -7.13
N THR D 646 -1.65 6.76 -7.06
CA THR D 646 -1.83 5.63 -6.09
C THR D 646 -1.65 6.15 -4.65
N VAL D 647 -0.51 6.76 -4.37
CA VAL D 647 0.02 7.02 -2.99
C VAL D 647 0.07 8.52 -2.77
N GLU D 648 -0.77 9.06 -1.87
CA GLU D 648 -0.75 10.52 -1.53
C GLU D 648 0.21 10.80 -0.38
N ARG D 649 1.34 11.44 -0.67
CA ARG D 649 2.24 12.05 0.36
C ARG D 649 2.17 13.58 0.24
N MET D 650 1.84 14.27 1.33
CA MET D 650 1.68 15.76 1.35
C MET D 650 2.87 16.38 2.07
N VAL D 651 3.56 17.32 1.42
CA VAL D 651 4.78 17.99 1.97
C VAL D 651 4.35 18.91 3.12
N SER D 652 4.91 18.71 4.31
CA SER D 652 4.92 19.64 5.45
C SER D 652 5.56 20.98 5.05
N PRO D 653 4.88 22.12 5.29
CA PRO D 653 5.38 23.41 4.85
C PRO D 653 6.74 23.73 5.48
N ILE D 654 6.89 23.58 6.81
CA ILE D 654 8.18 23.74 7.53
C ILE D 654 8.58 22.39 8.15
N GLU D 655 9.47 21.65 7.50
CA GLU D 655 9.84 20.26 7.92
C GLU D 655 10.66 20.32 9.22
N SER D 656 11.46 21.39 9.39
CA SER D 656 12.35 21.64 10.55
C SER D 656 12.36 23.13 10.92
N ALA D 657 12.79 23.45 12.14
CA ALA D 657 12.77 24.83 12.69
C ALA D 657 13.72 25.71 11.87
N GLU D 658 14.89 25.18 11.54
CA GLU D 658 15.91 25.88 10.71
C GLU D 658 15.26 26.25 9.37
N ASP D 659 14.56 25.29 8.76
CA ASP D 659 13.87 25.48 7.45
C ASP D 659 12.87 26.63 7.60
N LEU D 660 12.11 26.65 8.69
CA LEU D 660 11.05 27.67 8.94
C LEU D 660 11.71 29.06 8.98
N SER D 661 12.82 29.19 9.72
CA SER D 661 13.53 30.49 9.91
C SER D 661 14.04 30.99 8.56
N LYS D 662 14.62 30.10 7.75
CA LYS D 662 15.22 30.45 6.43
C LYS D 662 14.12 30.96 5.49
N GLN D 663 13.03 30.20 5.36
CA GLN D 663 11.97 30.47 4.35
C GLN D 663 11.24 31.74 4.76
N THR D 664 10.88 31.87 6.04
CA THR D 664 10.03 32.97 6.60
C THR D 664 8.62 32.91 5.98
N GLU D 665 8.28 31.81 5.29
CA GLU D 665 6.97 31.62 4.61
C GLU D 665 5.85 31.63 5.66
N ILE D 666 6.09 30.98 6.80
CA ILE D 666 5.09 30.90 7.91
C ILE D 666 5.59 31.68 9.12
N ALA D 667 4.79 32.61 9.63
CA ALA D 667 5.12 33.39 10.84
C ALA D 667 5.12 32.45 12.04
N TYR D 668 6.08 32.58 12.94
CA TYR D 668 6.20 31.69 14.14
C TYR D 668 5.93 32.52 15.39
N GLY D 669 5.05 32.02 16.26
CA GLY D 669 4.55 32.75 17.44
C GLY D 669 4.66 31.90 18.70
N THR D 670 4.88 32.54 19.85
CA THR D 670 4.93 31.87 21.17
C THR D 670 4.02 32.63 22.14
N LEU D 671 3.66 32.00 23.27
CA LEU D 671 2.84 32.66 24.32
C LEU D 671 3.42 34.03 24.67
N ASP D 672 2.65 35.10 24.47
CA ASP D 672 3.10 36.52 24.64
C ASP D 672 3.93 36.68 25.92
N SER D 673 3.45 36.12 27.03
CA SER D 673 4.18 36.00 28.31
C SER D 673 4.30 34.52 28.66
N GLY D 674 5.50 33.94 28.51
CA GLY D 674 5.73 32.50 28.74
C GLY D 674 7.21 32.16 28.73
N SER D 675 7.53 30.98 29.26
CA SER D 675 8.92 30.44 29.29
C SER D 675 9.48 30.34 27.86
N THR D 676 8.65 29.94 26.89
CA THR D 676 9.01 29.77 25.47
C THR D 676 9.50 31.10 24.90
N LYS D 677 8.78 32.20 25.19
CA LYS D 677 9.11 33.56 24.67
C LYS D 677 10.43 34.02 25.30
N GLU D 678 10.63 33.73 26.59
CA GLU D 678 11.85 34.12 27.36
C GLU D 678 13.04 33.32 26.85
N PHE D 679 12.88 32.02 26.66
CA PHE D 679 13.97 31.08 26.26
C PHE D 679 14.52 31.56 24.91
N PHE D 680 13.63 31.88 23.97
CA PHE D 680 14.00 32.32 22.60
C PHE D 680 14.80 33.63 22.68
N ARG D 681 14.35 34.55 23.55
CA ARG D 681 15.02 35.88 23.73
C ARG D 681 16.45 35.66 24.23
N ARG D 682 16.63 34.81 25.24
CA ARG D 682 17.94 34.57 25.92
C ARG D 682 18.76 33.53 25.14
N SER D 683 18.12 32.79 24.20
CA SER D 683 18.77 31.77 23.34
C SER D 683 20.05 32.35 22.72
N LYS D 684 21.15 31.61 22.86
CA LYS D 684 22.51 31.98 22.38
C LYS D 684 22.71 31.50 20.93
N ILE D 685 21.75 30.75 20.38
CA ILE D 685 21.81 30.21 18.99
C ILE D 685 21.41 31.35 18.03
N ALA D 686 22.18 31.53 16.96
CA ALA D 686 22.03 32.61 15.96
C ALA D 686 20.65 32.53 15.31
N VAL D 687 20.27 31.34 14.84
CA VAL D 687 18.95 31.10 14.17
C VAL D 687 17.83 31.44 15.14
N PHE D 688 17.96 31.05 16.42
CA PHE D 688 16.94 31.29 17.47
C PHE D 688 16.88 32.79 17.82
N ASP D 689 18.04 33.46 17.85
CA ASP D 689 18.13 34.91 18.21
C ASP D 689 17.42 35.70 17.11
N LYS D 690 17.65 35.31 15.85
CA LYS D 690 17.04 35.92 14.65
C LYS D 690 15.51 35.75 14.73
N MET D 691 15.07 34.53 15.05
CA MET D 691 13.63 34.18 15.15
C MET D 691 12.99 35.01 16.26
N TRP D 692 13.67 35.17 17.39
CA TRP D 692 13.18 35.93 18.58
C TRP D 692 13.06 37.42 18.23
N THR D 693 14.10 37.97 17.60
CA THR D 693 14.18 39.39 17.18
C THR D 693 12.98 39.68 16.28
N TYR D 694 12.80 38.80 15.29
CA TYR D 694 11.81 38.93 14.19
C TYR D 694 10.42 38.87 14.81
N MET D 695 10.15 37.86 15.65
CA MET D 695 8.83 37.69 16.33
C MET D 695 8.54 38.92 17.19
N ARG D 696 9.57 39.41 17.91
CA ARG D 696 9.46 40.64 18.74
C ARG D 696 9.22 41.84 17.80
N SER D 697 9.85 41.84 16.61
CA SER D 697 9.83 42.96 15.63
C SER D 697 8.75 42.77 14.55
N ALA D 698 7.72 41.94 14.80
CA ALA D 698 6.64 41.60 13.84
C ALA D 698 5.35 42.36 14.15
N GLU D 699 4.76 42.98 13.13
CA GLU D 699 3.41 43.59 13.17
C GLU D 699 2.55 42.98 12.06
N PRO D 700 1.32 42.49 12.36
CA PRO D 700 0.80 42.41 13.72
C PRO D 700 1.58 41.38 14.57
N SER D 701 1.45 41.49 15.89
CA SER D 701 2.15 40.60 16.86
C SER D 701 1.85 39.14 16.51
N VAL D 702 2.89 38.31 16.45
CA VAL D 702 2.71 36.84 16.30
C VAL D 702 2.53 36.23 17.69
N PHE D 703 2.95 36.92 18.75
CA PHE D 703 2.73 36.51 20.17
C PHE D 703 1.22 36.45 20.44
N VAL D 704 0.77 35.39 21.13
CA VAL D 704 -0.67 35.12 21.42
C VAL D 704 -0.88 35.09 22.92
N ARG D 705 -2.03 35.59 23.39
CA ARG D 705 -2.38 35.75 24.82
C ARG D 705 -2.50 34.38 25.50
N THR D 706 -3.18 33.43 24.86
CA THR D 706 -3.56 32.09 25.38
C THR D 706 -3.18 31.01 24.36
N THR D 707 -3.08 29.75 24.81
CA THR D 707 -2.89 28.54 23.96
C THR D 707 -3.99 28.51 22.88
N ALA D 708 -5.25 28.61 23.32
CA ALA D 708 -6.46 28.53 22.46
C ALA D 708 -6.36 29.59 21.35
N GLU D 709 -5.90 30.80 21.70
CA GLU D 709 -5.71 31.93 20.76
C GLU D 709 -4.69 31.50 19.69
N GLY D 710 -3.63 30.80 20.10
CA GLY D 710 -2.58 30.29 19.20
C GLY D 710 -3.16 29.29 18.22
N VAL D 711 -3.95 28.34 18.75
CA VAL D 711 -4.58 27.25 17.95
C VAL D 711 -5.50 27.88 16.89
N ALA D 712 -6.33 28.85 17.28
CA ALA D 712 -7.32 29.50 16.39
C ALA D 712 -6.56 30.27 15.30
N ARG D 713 -5.49 30.97 15.70
CA ARG D 713 -4.66 31.79 14.76
C ARG D 713 -4.11 30.85 13.69
N VAL D 714 -3.66 29.65 14.08
CA VAL D 714 -3.11 28.66 13.12
C VAL D 714 -4.22 28.29 12.13
N ARG D 715 -5.41 27.94 12.63
CA ARG D 715 -6.53 27.45 11.78
C ARG D 715 -6.97 28.56 10.81
N LYS D 716 -7.00 29.82 11.27
CA LYS D 716 -7.48 30.96 10.44
C LYS D 716 -6.45 31.30 9.36
N SER D 717 -5.16 31.12 9.69
CA SER D 717 -4.02 31.45 8.81
C SER D 717 -3.83 30.39 7.72
N LYS D 718 -4.31 29.16 7.95
CA LYS D 718 -4.18 28.03 7.00
C LYS D 718 -2.69 27.80 6.70
N GLY D 719 -1.84 27.88 7.73
CA GLY D 719 -0.39 27.62 7.64
C GLY D 719 0.41 28.87 7.29
N LYS D 720 -0.23 30.02 7.06
CA LYS D 720 0.49 31.32 6.95
C LYS D 720 1.13 31.66 8.31
N TYR D 721 0.60 31.12 9.42
CA TYR D 721 1.13 31.25 10.79
C TYR D 721 1.24 29.84 11.39
N ALA D 722 2.40 29.52 11.95
CA ALA D 722 2.69 28.26 12.70
C ALA D 722 2.82 28.59 14.18
N TYR D 723 2.76 27.59 15.05
CA TYR D 723 2.76 27.80 16.52
C TYR D 723 3.89 26.99 17.16
N LEU D 724 4.65 27.64 18.04
CA LEU D 724 5.70 26.99 18.87
C LEU D 724 5.13 26.82 20.28
N LEU D 725 4.99 25.58 20.74
CA LEU D 725 4.43 25.27 22.09
C LEU D 725 5.01 23.96 22.58
N GLU D 726 4.82 23.64 23.86
CA GLU D 726 5.39 22.42 24.47
C GLU D 726 4.72 21.19 23.85
N SER D 727 5.52 20.16 23.57
CA SER D 727 5.09 18.98 22.77
C SER D 727 3.88 18.31 23.41
N THR D 728 3.78 18.35 24.74
CA THR D 728 2.64 17.76 25.50
C THR D 728 1.30 18.35 25.00
N MET D 729 1.19 19.68 24.89
CA MET D 729 -0.10 20.31 24.50
C MET D 729 -0.35 20.05 23.01
N ASN D 730 0.71 20.04 22.20
CA ASN D 730 0.64 19.68 20.77
C ASN D 730 0.01 18.29 20.66
N GLU D 731 0.47 17.35 21.49
CA GLU D 731 0.03 15.93 21.50
C GLU D 731 -1.49 15.89 21.71
N TYR D 732 -2.00 16.59 22.72
CA TYR D 732 -3.43 16.46 23.08
C TYR D 732 -4.25 17.27 22.08
N ILE D 733 -3.72 18.39 21.60
CA ILE D 733 -4.42 19.24 20.58
C ILE D 733 -4.63 18.38 19.34
N GLU D 734 -3.63 17.58 18.97
CA GLU D 734 -3.73 16.63 17.83
C GLU D 734 -4.80 15.59 18.15
N GLN D 735 -4.80 15.04 19.37
CA GLN D 735 -5.75 13.97 19.78
C GLN D 735 -7.18 14.53 19.75
N ARG D 736 -7.39 15.78 20.21
CA ARG D 736 -8.73 16.42 20.20
C ARG D 736 -9.13 16.71 18.73
N LYS D 737 -10.41 16.55 18.40
CA LYS D 737 -10.95 16.94 17.07
C LYS D 737 -10.71 18.44 16.89
N PRO D 738 -10.39 18.94 15.67
CA PRO D 738 -10.66 18.25 14.41
C PRO D 738 -9.47 17.53 13.75
N CYS D 739 -8.42 17.21 14.51
CA CYS D 739 -7.26 16.38 14.08
C CYS D 739 -6.53 17.07 12.91
N ASP D 740 -6.50 18.40 12.89
CA ASP D 740 -5.84 19.18 11.79
C ASP D 740 -4.44 19.61 12.23
N THR D 741 -4.28 20.14 13.45
CA THR D 741 -2.96 20.62 13.96
C THR D 741 -2.07 19.43 14.31
N MET D 742 -0.83 19.41 13.82
CA MET D 742 0.10 18.26 13.99
C MET D 742 1.43 18.73 14.55
N LYS D 743 2.26 17.80 15.03
CA LYS D 743 3.62 18.09 15.56
C LYS D 743 4.67 17.81 14.50
N VAL D 744 5.47 18.81 14.14
CA VAL D 744 6.47 18.70 13.04
C VAL D 744 7.86 18.92 13.61
N GLY D 745 8.83 18.11 13.17
CA GLY D 745 10.25 18.27 13.50
C GLY D 745 10.56 17.75 14.89
N GLY D 746 11.87 17.60 15.16
CA GLY D 746 12.40 17.32 16.50
C GLY D 746 12.13 18.50 17.43
N ASN D 747 11.96 18.25 18.73
CA ASN D 747 11.72 19.33 19.73
C ASN D 747 12.98 20.18 19.83
N LEU D 748 12.80 21.50 19.92
CA LEU D 748 13.88 22.50 19.92
C LEU D 748 14.73 22.34 21.19
N ASP D 749 14.10 22.10 22.35
CA ASP D 749 14.82 21.65 23.57
C ASP D 749 13.83 21.03 24.55
N SER D 750 14.30 20.08 25.36
CA SER D 750 13.56 19.41 26.45
C SER D 750 13.35 20.41 27.60
N LYS D 751 12.12 20.50 28.08
CA LYS D 751 11.73 21.25 29.30
C LYS D 751 10.90 20.37 30.26
N GLY D 752 11.29 20.36 31.54
CA GLY D 752 10.57 19.67 32.63
C GLY D 752 9.51 20.57 33.25
N TYR D 753 8.47 19.96 33.81
CA TYR D 753 7.38 20.67 34.52
C TYR D 753 7.31 20.07 35.92
N GLY D 754 7.47 20.90 36.95
CA GLY D 754 7.49 20.48 38.36
C GLY D 754 6.44 21.22 39.16
N ILE D 755 6.03 20.63 40.28
CA ILE D 755 5.11 21.25 41.27
C ILE D 755 5.81 22.49 41.82
N ALA D 756 5.14 23.64 41.77
CA ALA D 756 5.77 24.95 42.09
C ALA D 756 5.25 25.44 43.44
N THR D 757 6.17 25.91 44.28
CA THR D 757 5.86 26.43 45.63
C THR D 757 6.59 27.76 45.84
N PRO D 758 6.10 28.64 46.75
CA PRO D 758 6.86 29.83 47.15
C PRO D 758 8.27 29.43 47.62
N LYS D 759 9.27 30.27 47.35
CA LYS D 759 10.67 30.08 47.80
C LYS D 759 10.70 29.69 49.29
N GLY D 760 11.27 28.53 49.61
CA GLY D 760 11.42 28.01 50.99
C GLY D 760 10.09 27.64 51.65
N SER D 761 9.07 27.28 50.86
CA SER D 761 7.72 26.89 51.37
C SER D 761 7.82 25.62 52.22
N SER D 762 6.96 25.51 53.23
CA SER D 762 6.82 24.33 54.12
C SER D 762 6.26 23.15 53.31
N LEU D 763 5.31 23.44 52.42
CA LEU D 763 4.69 22.48 51.45
C LEU D 763 5.77 21.85 50.55
N GLY D 764 6.84 22.57 50.21
CA GLY D 764 7.85 22.16 49.22
C GLY D 764 8.38 20.74 49.48
N THR D 765 8.88 20.49 50.69
CA THR D 765 9.48 19.17 51.01
C THR D 765 8.46 18.03 50.80
N PRO D 766 7.30 17.98 51.50
CA PRO D 766 6.30 16.94 51.25
C PRO D 766 5.97 16.74 49.77
N VAL D 767 5.88 17.82 48.98
CA VAL D 767 5.46 17.69 47.55
C VAL D 767 6.63 17.08 46.76
N ASN D 768 7.88 17.39 47.11
CA ASN D 768 9.06 16.83 46.41
C ASN D 768 9.08 15.32 46.64
N LEU D 769 8.82 14.89 47.88
CA LEU D 769 8.79 13.45 48.26
C LEU D 769 7.60 12.77 47.59
N ALA D 770 6.47 13.46 47.46
CA ALA D 770 5.24 12.94 46.79
C ALA D 770 5.55 12.67 45.32
N VAL D 771 6.21 13.61 44.64
CA VAL D 771 6.59 13.50 43.20
C VAL D 771 7.46 12.24 43.04
N LEU D 772 8.45 12.04 43.93
CA LEU D 772 9.39 10.88 43.87
C LEU D 772 8.62 9.57 44.11
N LYS D 773 7.75 9.56 45.14
CA LYS D 773 6.92 8.38 45.51
C LYS D 773 6.01 8.03 44.34
N LEU D 774 5.33 9.03 43.77
CA LEU D 774 4.34 8.83 42.66
C LEU D 774 5.07 8.37 41.39
N SER D 775 6.29 8.87 41.15
CA SER D 775 7.13 8.49 39.98
C SER D 775 7.52 7.01 40.10
N GLU D 776 7.97 6.56 41.28
CA GLU D 776 8.31 5.14 41.52
C GLU D 776 7.04 4.28 41.35
N GLN D 777 5.90 4.77 41.83
CA GLN D 777 4.58 4.07 41.72
C GLN D 777 4.19 3.95 40.24
N GLY D 778 4.54 4.94 39.43
CA GLY D 778 4.14 5.03 38.01
C GLY D 778 2.71 5.53 37.83
N VAL D 779 2.09 5.99 38.92
CA VAL D 779 0.71 6.56 38.92
C VAL D 779 0.63 7.74 37.94
N LEU D 780 1.63 8.63 38.00
CA LEU D 780 1.78 9.81 37.11
C LEU D 780 1.74 9.36 35.65
N ASP D 781 2.55 8.36 35.30
CA ASP D 781 2.67 7.82 33.91
C ASP D 781 1.31 7.28 33.46
N LYS D 782 0.63 6.52 34.32
CA LYS D 782 -0.70 5.93 34.00
C LYS D 782 -1.72 7.06 33.77
N LEU D 783 -1.69 8.09 34.62
CA LEU D 783 -2.63 9.24 34.53
C LEU D 783 -2.43 9.92 33.17
N LYS D 784 -1.16 10.15 32.80
CA LYS D 784 -0.78 10.80 31.52
C LYS D 784 -1.32 9.94 30.36
N ASN D 785 -1.13 8.63 30.42
CA ASN D 785 -1.55 7.70 29.34
C ASN D 785 -3.05 7.86 29.06
N LYS D 786 -3.89 7.81 30.10
CA LYS D 786 -5.37 7.86 29.93
C LYS D 786 -5.76 9.20 29.29
N TRP D 787 -5.23 10.30 29.83
CA TRP D 787 -5.64 11.66 29.37
C TRP D 787 -5.10 11.90 27.96
N TRP D 788 -3.83 11.59 27.72
CA TRP D 788 -3.12 11.99 26.47
C TRP D 788 -3.64 11.20 25.27
N TYR D 789 -3.72 9.87 25.35
CA TYR D 789 -3.95 9.03 24.14
C TYR D 789 -5.23 8.21 24.25
N ASP D 790 -5.57 7.71 25.45
CA ASP D 790 -6.70 6.77 25.62
C ASP D 790 -8.01 7.48 25.27
N LYS D 791 -8.14 8.77 25.59
CA LYS D 791 -9.33 9.61 25.20
C LYS D 791 -9.78 9.29 23.77
N GLY D 792 -8.84 9.20 22.80
CA GLY D 792 -9.10 8.72 21.43
C GLY D 792 -10.20 9.51 20.73
N GLU D 793 -10.18 10.84 20.86
CA GLU D 793 -11.10 11.74 20.11
C GLU D 793 -10.79 11.61 18.60
N CYS D 794 -9.52 11.49 18.25
CA CYS D 794 -9.05 11.25 16.86
C CYS D 794 -9.07 9.77 16.55
N GLY D 795 -8.64 8.94 17.52
CA GLY D 795 -8.44 7.48 17.34
C GLY D 795 -7.20 7.19 16.52
N ALA D 796 -6.34 8.19 16.32
CA ALA D 796 -5.08 8.08 15.55
C ALA D 796 -5.36 7.48 14.16
N LYS D 797 -6.40 7.97 13.50
CA LYS D 797 -6.87 7.49 12.17
C LYS D 797 -5.74 7.63 11.14
N ASP D 798 -5.52 6.59 10.32
CA ASP D 798 -4.46 6.53 9.29
C ASP D 798 -4.95 5.68 8.12
N LYS D 802 -4.73 3.85 2.29
CA LYS D 802 -5.00 3.58 0.85
C LYS D 802 -6.51 3.80 0.58
N GLU D 803 -6.99 5.02 0.80
CA GLU D 803 -8.42 5.41 0.60
C GLU D 803 -8.72 5.37 -0.90
N LYS D 804 -9.98 5.03 -1.25
CA LYS D 804 -10.46 4.82 -2.64
C LYS D 804 -10.10 6.05 -3.49
N THR D 805 -9.43 5.84 -4.62
CA THR D 805 -8.89 6.90 -5.49
C THR D 805 -10.04 7.61 -6.20
N SER D 806 -9.82 8.89 -6.50
CA SER D 806 -10.80 9.79 -7.16
C SER D 806 -10.45 9.94 -8.64
N ALA D 807 -11.45 9.83 -9.49
CA ALA D 807 -11.37 10.13 -10.94
C ALA D 807 -10.74 11.52 -11.14
N LEU D 808 -9.85 11.65 -12.10
CA LEU D 808 -9.13 12.93 -12.32
C LEU D 808 -10.15 14.02 -12.67
N SER D 809 -10.13 15.14 -11.96
CA SER D 809 -11.03 16.30 -12.20
C SER D 809 -10.35 17.25 -13.15
N LEU D 810 -11.12 18.04 -13.90
CA LEU D 810 -10.61 18.83 -15.04
C LEU D 810 -9.43 19.70 -14.60
N SER D 811 -9.47 20.17 -13.35
CA SER D 811 -8.37 20.91 -12.68
C SER D 811 -7.04 20.17 -12.80
N ASN D 812 -7.00 18.87 -12.52
CA ASN D 812 -5.73 18.09 -12.46
C ASN D 812 -5.06 18.15 -13.83
N VAL D 813 -5.84 18.13 -14.90
CA VAL D 813 -5.31 18.08 -16.28
C VAL D 813 -5.64 19.40 -17.00
N ALA D 814 -5.93 20.47 -16.27
CA ALA D 814 -6.38 21.74 -16.85
C ALA D 814 -5.29 22.32 -17.74
N GLY D 815 -4.04 22.27 -17.30
CA GLY D 815 -2.89 22.86 -18.01
C GLY D 815 -2.79 22.39 -19.44
N VAL D 816 -3.00 21.09 -19.64
CA VAL D 816 -2.84 20.49 -20.98
C VAL D 816 -3.92 21.09 -21.87
N PHE D 817 -5.13 21.32 -21.39
CA PHE D 817 -6.22 21.96 -22.18
C PHE D 817 -5.83 23.39 -22.52
N TYR D 818 -5.28 24.13 -21.57
CA TYR D 818 -4.85 25.53 -21.79
C TYR D 818 -3.79 25.54 -22.90
N ILE D 819 -2.81 24.64 -22.83
CA ILE D 819 -1.72 24.54 -23.84
C ILE D 819 -2.34 24.24 -25.21
N LEU D 820 -3.30 23.32 -25.25
CA LEU D 820 -3.98 22.91 -26.50
C LEU D 820 -4.61 24.15 -27.14
N VAL D 821 -5.41 24.87 -26.37
CA VAL D 821 -6.17 26.04 -26.90
C VAL D 821 -5.17 27.12 -27.29
N GLY D 822 -4.13 27.32 -26.48
CA GLY D 822 -3.04 28.27 -26.78
C GLY D 822 -2.34 27.93 -28.08
N GLY D 823 -2.03 26.65 -28.28
CA GLY D 823 -1.42 26.14 -29.52
C GLY D 823 -2.30 26.41 -30.72
N LEU D 824 -3.60 26.12 -30.61
CA LEU D 824 -4.56 26.33 -31.72
C LEU D 824 -4.61 27.82 -32.04
N GLY D 825 -4.64 28.66 -31.00
CA GLY D 825 -4.55 30.12 -31.14
C GLY D 825 -3.33 30.51 -31.94
N LEU D 826 -2.14 30.13 -31.45
CA LEU D 826 -0.84 30.47 -32.09
C LEU D 826 -0.85 30.00 -33.55
N ALA D 827 -1.36 28.77 -33.78
CA ALA D 827 -1.42 28.12 -35.11
C ALA D 827 -2.18 29.01 -36.09
N MET D 828 -3.40 29.40 -35.70
CA MET D 828 -4.27 30.33 -36.47
C MET D 828 -3.51 31.63 -36.74
N LEU D 829 -2.90 32.21 -35.71
CA LEU D 829 -2.14 33.48 -35.81
C LEU D 829 -1.04 33.32 -36.87
N VAL D 830 -0.31 32.21 -36.84
CA VAL D 830 0.79 31.92 -37.79
C VAL D 830 0.21 31.68 -39.20
N ALA D 831 -0.97 31.06 -39.27
CA ALA D 831 -1.69 30.81 -40.55
C ALA D 831 -2.01 32.15 -41.23
N LEU D 832 -2.47 33.13 -40.45
CA LEU D 832 -2.86 34.49 -40.95
C LEU D 832 -1.60 35.24 -41.40
N ILE D 833 -0.50 35.10 -40.65
CA ILE D 833 0.82 35.68 -40.98
C ILE D 833 1.27 35.14 -42.34
N GLU D 834 1.15 33.82 -42.54
CA GLU D 834 1.51 33.14 -43.81
C GLU D 834 0.59 33.64 -44.94
N PHE D 835 -0.70 33.83 -44.65
CA PHE D 835 -1.73 34.31 -45.59
C PHE D 835 -1.40 35.74 -46.08
N CYS D 836 -1.02 36.62 -45.15
CA CYS D 836 -0.64 38.04 -45.41
C CYS D 836 0.65 38.09 -46.24
N TYR D 837 1.63 37.24 -45.91
CA TYR D 837 2.94 37.13 -46.62
C TYR D 837 2.73 36.66 -48.06
N LYS D 838 1.82 35.70 -48.27
CA LYS D 838 1.49 35.10 -49.59
C LYS D 838 0.92 36.16 -50.55
N SER D 839 0.12 37.10 -50.02
CA SER D 839 -0.50 38.23 -50.77
C SER D 839 0.58 39.16 -51.33
N ARG D 840 1.47 39.64 -50.45
CA ARG D 840 2.63 40.53 -50.79
C ARG D 840 3.84 39.67 -51.15
N GLU E 16 -26.97 24.21 -52.59
CA GLU E 16 -25.74 23.68 -51.91
C GLU E 16 -24.80 24.85 -51.54
N LYS E 17 -24.47 25.70 -52.53
CA LYS E 17 -23.56 26.87 -52.37
C LYS E 17 -24.33 28.04 -51.73
N GLY E 18 -25.47 28.41 -52.32
CA GLY E 18 -26.35 29.52 -51.88
C GLY E 18 -27.01 29.23 -50.53
N VAL E 19 -27.54 28.02 -50.36
CA VAL E 19 -28.19 27.52 -49.12
C VAL E 19 -27.17 27.56 -47.96
N GLN E 20 -25.93 27.12 -48.23
CA GLN E 20 -24.79 27.16 -47.29
C GLN E 20 -24.70 28.53 -46.62
N VAL E 21 -24.73 29.59 -47.43
CA VAL E 21 -24.60 31.02 -46.97
C VAL E 21 -25.79 31.36 -46.07
N LEU E 22 -26.99 30.89 -46.42
CA LEU E 22 -28.25 31.09 -45.65
C LEU E 22 -28.17 30.34 -44.31
N LEU E 23 -27.72 29.08 -44.34
CA LEU E 23 -27.53 28.21 -43.14
C LEU E 23 -26.51 28.86 -42.21
N THR E 24 -25.41 29.37 -42.77
CA THR E 24 -24.32 30.07 -42.06
C THR E 24 -24.91 31.22 -41.24
N THR E 25 -25.60 32.12 -41.92
CA THR E 25 -26.23 33.34 -41.34
C THR E 25 -27.27 32.93 -40.28
N ILE E 26 -28.21 32.07 -40.67
CA ILE E 26 -29.30 31.52 -39.80
C ILE E 26 -28.68 30.93 -38.54
N GLY E 27 -27.67 30.06 -38.71
CA GLY E 27 -26.94 29.39 -37.63
C GLY E 27 -26.15 30.36 -36.77
N ALA E 28 -25.49 31.33 -37.39
CA ALA E 28 -24.62 32.34 -36.73
C ALA E 28 -25.39 33.08 -35.65
N PHE E 29 -26.64 33.43 -35.93
CA PHE E 29 -27.53 34.16 -34.98
C PHE E 29 -28.05 33.17 -33.93
N ALA E 30 -28.35 31.93 -34.33
CA ALA E 30 -28.81 30.88 -33.40
C ALA E 30 -27.71 30.60 -32.38
N ALA E 31 -26.46 30.47 -32.85
CA ALA E 31 -25.29 30.23 -32.00
C ALA E 31 -25.12 31.41 -31.05
N PHE E 32 -25.21 32.62 -31.59
CA PHE E 32 -25.09 33.88 -30.80
C PHE E 32 -26.21 33.90 -29.77
N GLY E 33 -27.42 33.52 -30.20
CA GLY E 33 -28.62 33.50 -29.34
C GLY E 33 -28.41 32.56 -28.16
N LEU E 34 -27.92 31.35 -28.43
CA LEU E 34 -27.68 30.34 -27.38
C LEU E 34 -26.68 30.91 -26.39
N MET E 35 -25.61 31.53 -26.88
CA MET E 35 -24.53 32.06 -26.01
C MET E 35 -25.11 33.17 -25.12
N THR E 36 -25.89 34.08 -25.70
CA THR E 36 -26.46 35.23 -24.94
C THR E 36 -27.46 34.71 -23.92
N ILE E 37 -28.31 33.74 -24.30
CA ILE E 37 -29.27 33.11 -23.35
C ILE E 37 -28.46 32.47 -22.21
N ALA E 38 -27.41 31.72 -22.55
CA ALA E 38 -26.56 31.02 -21.58
C ALA E 38 -25.98 32.03 -20.61
N ILE E 39 -25.28 33.04 -21.12
CA ILE E 39 -24.60 34.06 -20.27
C ILE E 39 -25.64 34.65 -19.31
N SER E 40 -26.77 35.12 -19.84
CA SER E 40 -27.81 35.81 -19.04
C SER E 40 -28.48 34.84 -18.06
N THR E 41 -28.74 33.60 -18.46
CA THR E 41 -29.49 32.62 -17.64
C THR E 41 -28.70 32.27 -16.37
N ASP E 42 -29.39 32.01 -15.28
CA ASP E 42 -28.74 31.72 -13.96
C ASP E 42 -28.90 30.23 -13.63
N TYR E 43 -29.06 29.36 -14.64
CA TYR E 43 -29.31 27.91 -14.42
C TYR E 43 -28.09 27.07 -14.82
N TRP E 44 -26.87 27.63 -14.77
CA TRP E 44 -25.64 26.93 -15.21
C TRP E 44 -25.40 25.66 -14.38
N LEU E 45 -25.55 25.72 -13.06
CA LEU E 45 -25.21 24.55 -12.19
C LEU E 45 -26.21 24.38 -11.04
N TYR E 46 -26.78 23.19 -10.90
CA TYR E 46 -27.64 22.84 -9.75
C TYR E 46 -26.77 22.16 -8.69
N THR E 47 -26.70 22.71 -7.49
CA THR E 47 -25.84 22.17 -6.40
C THR E 47 -26.37 22.55 -5.03
N ARG E 48 -25.89 21.88 -3.99
CA ARG E 48 -26.18 22.24 -2.57
C ARG E 48 -25.24 23.38 -2.16
N ALA E 49 -25.79 24.50 -1.69
CA ALA E 49 -25.00 25.69 -1.30
C ALA E 49 -25.33 26.10 0.14
N LEU E 50 -24.29 26.44 0.92
CA LEU E 50 -24.39 26.93 2.32
C LEU E 50 -25.21 28.23 2.37
N ILE E 51 -25.17 29.02 1.28
CA ILE E 51 -25.89 30.33 1.09
C ILE E 51 -27.22 30.30 1.86
N CYS E 52 -28.06 29.31 1.59
CA CYS E 52 -29.44 29.20 2.13
C CYS E 52 -29.59 27.87 2.87
N ASN E 53 -30.40 27.84 3.92
CA ASN E 53 -30.67 26.65 4.79
C ASN E 53 -32.05 26.09 4.43
N GLY E 79 -26.37 23.93 2.57
CA GLY E 79 -26.88 22.63 2.06
C GLY E 79 -28.24 22.76 1.40
N GLY E 80 -28.43 23.77 0.54
CA GLY E 80 -29.70 24.10 -0.14
C GLY E 80 -29.63 23.81 -1.61
N LEU E 81 -30.66 23.19 -2.19
CA LEU E 81 -30.73 22.97 -3.65
C LEU E 81 -30.80 24.34 -4.35
N THR E 82 -29.78 24.72 -5.11
CA THR E 82 -29.68 26.07 -5.72
C THR E 82 -29.41 25.97 -7.21
N HIS E 83 -30.10 26.76 -8.03
CA HIS E 83 -29.73 26.89 -9.46
C HIS E 83 -28.74 28.04 -9.59
N SER E 84 -27.45 27.76 -9.46
CA SER E 84 -26.38 28.77 -9.66
C SER E 84 -26.19 29.02 -11.15
N GLY E 85 -25.91 30.26 -11.52
CA GLY E 85 -25.64 30.66 -12.91
C GLY E 85 -24.24 31.19 -13.08
N LEU E 86 -23.93 31.58 -14.32
CA LEU E 86 -22.65 32.26 -14.66
C LEU E 86 -22.53 33.54 -13.83
N TRP E 87 -23.60 34.29 -13.65
CA TRP E 87 -23.54 35.63 -13.01
C TRP E 87 -24.16 35.64 -11.62
N ARG E 88 -25.40 35.16 -11.48
CA ARG E 88 -26.13 35.21 -10.18
C ARG E 88 -26.52 33.80 -9.75
N ILE E 89 -26.49 33.54 -8.45
CA ILE E 89 -26.93 32.24 -7.86
C ILE E 89 -28.33 32.44 -7.27
N CYS E 90 -29.29 31.60 -7.66
CA CYS E 90 -30.68 31.68 -7.17
C CYS E 90 -31.01 30.42 -6.38
N CYS E 91 -31.35 30.59 -5.10
CA CYS E 91 -31.62 29.46 -4.18
C CYS E 91 -33.05 28.95 -4.36
N LEU E 92 -33.28 27.67 -4.06
CA LEU E 92 -34.63 27.04 -4.11
C LEU E 92 -34.80 26.12 -2.89
N GLU E 93 -35.99 26.09 -2.30
CA GLU E 93 -36.36 25.17 -1.20
C GLU E 93 -35.38 25.32 -0.01
N GLY E 94 -34.85 26.53 0.22
CA GLY E 94 -33.94 26.85 1.35
C GLY E 94 -34.59 27.80 2.35
N LEU E 95 -33.80 28.74 2.89
CA LEU E 95 -34.26 29.88 3.72
C LEU E 95 -35.31 30.68 2.94
N LYS E 96 -35.00 30.99 1.68
CA LYS E 96 -35.91 31.70 0.75
C LYS E 96 -36.35 30.73 -0.35
N ARG E 97 -37.03 31.25 -1.38
CA ARG E 97 -37.38 30.52 -2.63
C ARG E 97 -37.52 31.55 -3.76
N GLY E 98 -36.63 31.49 -4.75
CA GLY E 98 -36.56 32.45 -5.86
C GLY E 98 -35.60 33.60 -5.60
N VAL E 99 -35.04 33.70 -4.38
CA VAL E 99 -34.04 34.76 -4.03
C VAL E 99 -32.80 34.56 -4.90
N CYS E 100 -32.33 35.62 -5.56
CA CYS E 100 -31.13 35.60 -6.44
C CYS E 100 -30.08 36.58 -5.92
N VAL E 101 -28.88 36.10 -5.60
CA VAL E 101 -27.79 36.96 -5.05
C VAL E 101 -26.59 36.85 -6.01
N LYS E 102 -25.91 37.99 -6.24
CA LYS E 102 -24.63 38.05 -7.02
C LYS E 102 -23.61 37.16 -6.32
N ILE E 103 -22.93 36.29 -7.06
CA ILE E 103 -22.01 35.27 -6.47
C ILE E 103 -20.73 35.99 -6.05
N ASN E 104 -20.10 35.54 -4.96
CA ASN E 104 -18.77 36.01 -4.54
C ASN E 104 -17.72 35.12 -5.20
N HIS E 105 -17.04 35.63 -6.22
CA HIS E 105 -15.99 34.89 -6.97
C HIS E 105 -14.62 35.10 -6.32
N PHE E 106 -14.56 35.96 -5.30
CA PHE E 106 -13.36 36.20 -4.45
C PHE E 106 -13.75 36.05 -2.98
N PRO E 107 -13.87 34.80 -2.47
CA PRO E 107 -13.97 34.56 -1.03
C PRO E 107 -12.61 34.70 -0.31
N GLU E 108 -12.61 34.54 1.02
CA GLU E 108 -11.39 34.58 1.88
C GLU E 108 -10.54 33.32 1.63
N ASP E 109 -9.45 33.45 0.86
CA ASP E 109 -8.61 32.33 0.35
C ASP E 109 -7.20 32.39 0.97
N THR E 110 -6.36 31.41 0.62
CA THR E 110 -4.95 31.28 1.09
C THR E 110 -4.01 32.00 0.10
N ASP E 111 -4.27 31.87 -1.21
CA ASP E 111 -3.48 32.50 -2.31
C ASP E 111 -4.28 33.68 -2.89
N TYR E 112 -3.92 34.91 -2.48
CA TYR E 112 -4.53 36.19 -2.95
C TYR E 112 -3.42 37.24 -3.14
N ASP E 113 -3.42 37.90 -4.31
CA ASP E 113 -2.39 38.90 -4.71
C ASP E 113 -2.86 39.63 -5.97
N HIS E 114 -2.00 40.45 -6.58
CA HIS E 114 -2.20 41.05 -7.93
C HIS E 114 -1.87 40.00 -9.00
N ASP E 115 -0.77 39.26 -8.80
CA ASP E 115 -0.30 38.15 -9.68
C ASP E 115 -0.19 36.86 -8.85
N SER E 116 -1.29 36.08 -8.79
CA SER E 116 -1.37 34.70 -8.24
C SER E 116 -2.23 33.84 -9.16
N ALA E 117 -1.89 32.54 -9.27
CA ALA E 117 -2.59 31.54 -10.10
C ALA E 117 -4.05 31.40 -9.61
N GLU E 118 -4.23 31.17 -8.31
CA GLU E 118 -5.55 31.06 -7.63
C GLU E 118 -6.40 32.29 -7.94
N TYR E 119 -5.80 33.48 -7.82
CA TYR E 119 -6.44 34.81 -8.08
C TYR E 119 -6.77 34.93 -9.58
N LEU E 120 -5.76 34.78 -10.43
CA LEU E 120 -5.86 35.02 -11.90
C LEU E 120 -6.96 34.16 -12.50
N LEU E 121 -7.14 32.94 -11.99
CA LEU E 121 -8.27 32.03 -12.34
C LEU E 121 -9.59 32.72 -11.98
N ARG E 122 -9.77 33.02 -10.69
CA ARG E 122 -11.01 33.61 -10.12
C ARG E 122 -11.36 34.90 -10.88
N VAL E 123 -10.34 35.74 -11.15
CA VAL E 123 -10.48 36.99 -11.96
C VAL E 123 -11.21 36.65 -13.26
N VAL E 124 -10.69 35.65 -13.99
CA VAL E 124 -11.20 35.26 -15.33
C VAL E 124 -12.59 34.63 -15.15
N ARG E 125 -12.78 33.82 -14.11
CA ARG E 125 -14.10 33.21 -13.78
C ARG E 125 -15.10 34.34 -13.56
N ALA E 126 -14.81 35.22 -12.61
CA ALA E 126 -15.70 36.33 -12.20
C ALA E 126 -16.06 37.17 -13.42
N SER E 127 -15.05 37.57 -14.17
CA SER E 127 -15.22 38.44 -15.36
C SER E 127 -16.05 37.70 -16.39
N SER E 128 -15.84 36.39 -16.54
CA SER E 128 -16.48 35.57 -17.59
C SER E 128 -16.21 36.23 -18.95
N ILE E 129 -14.98 36.69 -19.15
CA ILE E 129 -14.57 37.47 -20.36
C ILE E 129 -14.61 36.53 -21.57
N PHE E 130 -14.36 35.24 -21.35
CA PHE E 130 -14.30 34.22 -22.42
C PHE E 130 -15.71 33.91 -22.92
N PRO E 131 -16.69 33.50 -22.08
CA PRO E 131 -18.07 33.37 -22.53
C PRO E 131 -18.49 34.60 -23.34
N ILE E 132 -18.22 35.79 -22.81
CA ILE E 132 -18.62 37.08 -23.45
C ILE E 132 -17.89 37.24 -24.79
N LEU E 133 -16.58 37.01 -24.82
CA LEU E 133 -15.75 37.17 -26.05
C LEU E 133 -16.36 36.32 -27.17
N SER E 134 -16.72 35.08 -26.86
CA SER E 134 -17.38 34.14 -27.79
C SER E 134 -18.55 34.85 -28.48
N ALA E 135 -19.44 35.44 -27.69
CA ALA E 135 -20.67 36.13 -28.16
C ALA E 135 -20.31 37.32 -29.04
N ILE E 136 -19.32 38.12 -28.62
CA ILE E 136 -18.82 39.32 -29.36
C ILE E 136 -18.32 38.87 -30.74
N LEU E 137 -17.51 37.80 -30.76
CA LEU E 137 -16.93 37.23 -32.01
C LEU E 137 -18.06 36.65 -32.88
N LEU E 138 -19.01 35.94 -32.26
CA LEU E 138 -20.20 35.38 -32.94
C LEU E 138 -20.99 36.49 -33.63
N LEU E 139 -21.20 37.60 -32.92
CA LEU E 139 -21.92 38.80 -33.42
C LEU E 139 -21.12 39.44 -34.57
N LEU E 140 -19.83 39.68 -34.33
CA LEU E 140 -18.90 40.29 -35.32
C LEU E 140 -18.80 39.41 -36.56
N GLY E 141 -18.84 38.09 -36.39
CA GLY E 141 -18.97 37.12 -37.49
C GLY E 141 -20.30 37.28 -38.21
N GLY E 142 -21.39 37.43 -37.43
CA GLY E 142 -22.76 37.73 -37.91
C GLY E 142 -22.83 39.00 -38.75
N VAL E 143 -21.96 39.98 -38.47
CA VAL E 143 -21.77 41.23 -39.28
C VAL E 143 -21.03 40.85 -40.57
N CYS E 144 -19.93 40.12 -40.44
CA CYS E 144 -18.98 39.80 -41.54
C CYS E 144 -19.65 38.89 -42.58
N VAL E 145 -20.52 37.98 -42.14
CA VAL E 145 -21.30 37.08 -43.05
C VAL E 145 -22.32 37.92 -43.84
N ALA E 146 -22.91 38.94 -43.20
CA ALA E 146 -23.85 39.90 -43.83
C ALA E 146 -23.10 40.76 -44.85
N ALA E 147 -21.92 41.28 -44.45
CA ALA E 147 -21.01 42.11 -45.28
C ALA E 147 -20.55 41.35 -46.53
N SER E 148 -20.36 40.02 -46.43
CA SER E 148 -19.94 39.13 -47.53
C SER E 148 -20.99 39.10 -48.65
N ARG E 149 -22.28 39.25 -48.30
CA ARG E 149 -23.43 39.27 -49.26
C ARG E 149 -23.33 40.52 -50.14
N VAL E 150 -23.28 41.71 -49.53
CA VAL E 150 -23.30 43.04 -50.22
C VAL E 150 -21.97 43.26 -50.96
N TYR E 151 -20.83 42.95 -50.29
CA TYR E 151 -19.46 43.08 -50.86
C TYR E 151 -18.97 41.68 -51.27
N LYS E 152 -19.37 41.24 -52.46
CA LYS E 152 -18.87 40.01 -53.13
C LYS E 152 -17.43 40.24 -53.62
N SER E 153 -17.06 41.52 -53.84
CA SER E 153 -15.69 41.99 -54.18
C SER E 153 -14.65 41.40 -53.22
N LYS E 154 -14.88 41.58 -51.90
CA LYS E 154 -14.01 41.06 -50.82
C LYS E 154 -14.40 39.60 -50.52
N ARG E 155 -13.61 38.65 -51.04
CA ARG E 155 -13.65 37.21 -50.66
C ARG E 155 -13.18 37.08 -49.20
N ASN E 156 -12.27 37.96 -48.77
CA ASN E 156 -11.69 37.99 -47.39
C ASN E 156 -12.75 38.41 -46.36
N ILE E 157 -13.90 38.95 -46.81
CA ILE E 157 -15.08 39.30 -45.96
C ILE E 157 -15.54 38.04 -45.19
N ILE E 158 -15.83 36.95 -45.91
CA ILE E 158 -16.34 35.68 -45.32
C ILE E 158 -15.20 34.95 -44.59
N LEU E 159 -13.97 35.02 -45.12
CA LEU E 159 -12.75 34.43 -44.50
C LEU E 159 -12.70 34.85 -43.03
N GLY E 160 -12.77 36.16 -42.78
CA GLY E 160 -12.83 36.78 -41.44
C GLY E 160 -13.97 36.21 -40.64
N ALA E 161 -15.18 36.17 -41.21
CA ALA E 161 -16.42 35.66 -40.57
C ALA E 161 -16.15 34.28 -39.98
N GLY E 162 -15.57 33.38 -40.79
CA GLY E 162 -15.18 32.02 -40.36
C GLY E 162 -14.14 32.05 -39.26
N ILE E 163 -13.02 32.73 -39.49
CA ILE E 163 -11.89 32.87 -38.52
C ILE E 163 -12.47 33.30 -37.17
N LEU E 164 -13.36 34.30 -37.17
CA LEU E 164 -14.07 34.79 -35.96
C LEU E 164 -14.85 33.63 -35.32
N PHE E 165 -15.63 32.91 -36.11
CA PHE E 165 -16.52 31.83 -35.63
C PHE E 165 -15.70 30.72 -34.95
N VAL E 166 -14.56 30.33 -35.52
CA VAL E 166 -13.66 29.28 -34.97
C VAL E 166 -13.10 29.79 -33.64
N ALA E 167 -12.57 31.03 -33.65
CA ALA E 167 -12.03 31.73 -32.46
C ALA E 167 -13.09 31.79 -31.37
N ALA E 168 -14.31 32.16 -31.73
CA ALA E 168 -15.49 32.18 -30.83
C ALA E 168 -15.65 30.81 -30.20
N GLY E 169 -15.49 29.75 -31.01
CA GLY E 169 -15.48 28.36 -30.55
C GLY E 169 -14.42 28.14 -29.50
N LEU E 170 -13.15 28.42 -29.84
CA LEU E 170 -11.99 28.24 -28.93
C LEU E 170 -12.31 28.95 -27.62
N SER E 171 -12.66 30.23 -27.70
CA SER E 171 -13.05 31.08 -26.55
C SER E 171 -14.04 30.31 -25.66
N ASN E 172 -15.09 29.75 -26.27
CA ASN E 172 -16.14 28.99 -25.56
C ASN E 172 -15.50 27.89 -24.72
N ILE E 173 -14.57 27.12 -25.31
CA ILE E 173 -13.92 25.95 -24.67
C ILE E 173 -13.16 26.43 -23.43
N ILE E 174 -12.38 27.50 -23.58
CA ILE E 174 -11.68 28.14 -22.41
C ILE E 174 -12.76 28.46 -21.38
N GLY E 175 -13.83 29.13 -21.83
CA GLY E 175 -14.97 29.57 -21.02
C GLY E 175 -15.56 28.42 -20.21
N VAL E 176 -15.72 27.26 -20.83
CA VAL E 176 -16.25 26.05 -20.14
C VAL E 176 -15.18 25.57 -19.15
N ILE E 177 -13.94 25.48 -19.58
CA ILE E 177 -12.82 24.96 -18.74
C ILE E 177 -12.66 25.85 -17.50
N VAL E 178 -12.44 27.15 -17.71
CA VAL E 178 -12.21 28.12 -16.59
C VAL E 178 -13.35 27.99 -15.60
N TYR E 179 -14.58 27.84 -16.09
CA TYR E 179 -15.79 27.76 -15.25
C TYR E 179 -15.72 26.49 -14.39
N ILE E 180 -15.55 25.33 -15.03
CA ILE E 180 -15.56 24.02 -14.31
C ILE E 180 -14.43 24.02 -13.29
N SER E 181 -13.24 24.46 -13.70
CA SER E 181 -12.03 24.48 -12.83
C SER E 181 -12.30 25.35 -11.60
N ALA E 182 -12.87 26.54 -11.82
CA ALA E 182 -13.17 27.51 -10.74
C ALA E 182 -14.21 26.93 -9.79
N ASN E 183 -15.24 26.26 -10.33
CA ASN E 183 -16.33 25.67 -9.50
C ASN E 183 -15.73 24.65 -8.54
N ALA E 184 -14.82 23.81 -9.05
CA ALA E 184 -14.13 22.79 -8.23
C ALA E 184 -13.30 23.49 -7.15
N GLY E 185 -12.59 24.56 -7.52
CA GLY E 185 -11.66 25.32 -6.66
C GLY E 185 -10.21 25.14 -7.08
N LYS E 196 -18.76 13.88 -1.02
CA LYS E 196 -18.67 14.76 -2.23
C LYS E 196 -20.06 15.31 -2.57
N ASN E 197 -20.24 16.64 -2.46
CA ASN E 197 -21.51 17.34 -2.76
C ASN E 197 -21.89 17.07 -4.22
N HIS E 198 -23.12 16.62 -4.48
CA HIS E 198 -23.58 16.30 -5.84
C HIS E 198 -23.74 17.62 -6.62
N TYR E 199 -23.23 17.69 -7.85
CA TYR E 199 -23.46 18.84 -8.75
C TYR E 199 -23.90 18.32 -10.10
N SER E 200 -24.91 18.94 -10.71
CA SER E 200 -25.43 18.56 -12.04
C SER E 200 -25.54 19.81 -12.92
N TYR E 201 -24.89 19.78 -14.08
CA TYR E 201 -24.87 20.93 -15.01
C TYR E 201 -26.29 21.12 -15.53
N GLY E 202 -26.87 22.31 -15.29
CA GLY E 202 -28.22 22.70 -15.76
C GLY E 202 -28.23 23.11 -17.23
N TRP E 203 -29.42 23.32 -17.79
CA TRP E 203 -29.69 23.54 -19.24
C TRP E 203 -28.88 24.72 -19.80
N SER E 204 -28.64 25.77 -19.00
CA SER E 204 -27.92 26.99 -19.42
C SER E 204 -26.51 26.65 -19.94
N PHE E 205 -25.81 25.79 -19.23
CA PHE E 205 -24.46 25.30 -19.60
C PHE E 205 -24.50 24.66 -20.99
N TYR E 206 -25.41 23.70 -21.15
CA TYR E 206 -25.55 22.88 -22.39
C TYR E 206 -25.87 23.76 -23.59
N PHE E 207 -26.53 24.90 -23.37
CA PHE E 207 -26.74 25.95 -24.40
C PHE E 207 -25.36 26.43 -24.88
N GLY E 208 -24.50 26.79 -23.92
CA GLY E 208 -23.10 27.19 -24.18
C GLY E 208 -22.32 26.08 -24.84
N GLY E 209 -22.60 24.83 -24.45
CA GLY E 209 -22.10 23.63 -25.13
C GLY E 209 -22.59 23.56 -26.56
N LEU E 210 -23.90 23.70 -26.77
CA LEU E 210 -24.54 23.67 -28.11
C LEU E 210 -24.06 24.87 -28.93
N SER E 211 -23.85 26.01 -28.27
CA SER E 211 -23.32 27.26 -28.86
C SER E 211 -22.01 26.94 -29.59
N PHE E 212 -21.07 26.28 -28.91
CA PHE E 212 -19.75 25.89 -29.46
C PHE E 212 -19.94 25.02 -30.70
N ILE E 213 -20.76 23.97 -30.58
CA ILE E 213 -20.98 22.98 -31.67
C ILE E 213 -21.42 23.72 -32.93
N LEU E 214 -22.41 24.61 -32.79
CA LEU E 214 -22.88 25.50 -33.88
C LEU E 214 -21.72 26.40 -34.34
N ALA E 215 -21.10 27.11 -33.40
CA ALA E 215 -20.00 28.07 -33.65
C ALA E 215 -18.92 27.40 -34.51
N GLU E 216 -18.60 26.14 -34.21
CA GLU E 216 -17.64 25.34 -35.02
C GLU E 216 -18.24 25.14 -36.41
N VAL E 217 -19.48 24.66 -36.50
CA VAL E 217 -20.16 24.26 -37.75
C VAL E 217 -20.24 25.45 -38.71
N ILE E 218 -20.74 26.58 -38.25
CA ILE E 218 -20.82 27.83 -39.07
C ILE E 218 -19.40 28.21 -39.53
N GLY E 219 -18.40 27.99 -38.68
CA GLY E 219 -16.97 28.16 -39.01
C GLY E 219 -16.56 27.28 -40.18
N VAL E 220 -16.97 26.02 -40.18
CA VAL E 220 -16.71 25.05 -41.30
C VAL E 220 -17.36 25.59 -42.57
N LEU E 221 -18.65 25.94 -42.49
CA LEU E 221 -19.44 26.46 -43.64
C LEU E 221 -18.74 27.70 -44.20
N ALA E 222 -18.36 28.63 -43.32
CA ALA E 222 -17.65 29.88 -43.66
C ALA E 222 -16.39 29.55 -44.47
N VAL E 223 -15.65 28.52 -44.07
CA VAL E 223 -14.41 28.04 -44.74
C VAL E 223 -14.78 27.53 -46.14
N ASN E 224 -15.80 26.65 -46.22
CA ASN E 224 -16.29 26.08 -47.49
C ASN E 224 -16.65 27.21 -48.46
N ILE E 225 -17.40 28.20 -47.99
CA ILE E 225 -17.87 29.39 -48.78
C ILE E 225 -16.65 30.13 -49.33
N TYR E 226 -15.66 30.40 -48.49
CA TYR E 226 -14.41 31.09 -48.86
C TYR E 226 -13.71 30.34 -49.99
N ILE E 227 -13.56 29.03 -49.82
CA ILE E 227 -12.91 28.12 -50.79
C ILE E 227 -13.68 28.12 -52.12
N GLU E 228 -15.02 28.12 -52.05
CA GLU E 228 -15.92 28.21 -53.25
C GLU E 228 -15.69 29.55 -53.96
N ARG E 229 -15.83 30.66 -53.24
CA ARG E 229 -15.68 32.05 -53.76
C ARG E 229 -14.27 32.26 -54.34
N SER E 230 -13.24 31.69 -53.70
CA SER E 230 -11.83 31.75 -54.13
C SER E 230 -11.64 30.90 -55.41
N ARG E 231 -12.32 29.76 -55.51
CA ARG E 231 -12.30 28.89 -56.72
C ARG E 231 -13.02 29.58 -57.88
N GLU E 232 -14.04 30.39 -57.60
CA GLU E 232 -14.78 31.21 -58.61
C GLU E 232 -13.84 32.27 -59.18
N ALA E 233 -13.08 32.95 -58.31
CA ALA E 233 -12.02 33.93 -58.66
C ALA E 233 -10.87 33.22 -59.38
N HIS E 234 -10.53 32.00 -58.93
CA HIS E 234 -9.49 31.12 -59.54
C HIS E 234 -9.92 30.70 -60.96
N CYS E 235 -8.94 30.46 -61.84
CA CYS E 235 -9.12 30.06 -63.26
C CYS E 235 -9.92 31.13 -64.02
N GLU F 16 32.22 -10.51 -54.13
CA GLU F 16 30.93 -10.16 -53.46
C GLU F 16 29.98 -11.37 -53.49
N LYS F 17 29.75 -11.94 -54.69
CA LYS F 17 28.84 -13.10 -54.92
C LYS F 17 29.56 -14.40 -54.53
N GLY F 18 30.76 -14.63 -55.08
CA GLY F 18 31.59 -15.83 -54.84
C GLY F 18 32.12 -15.90 -53.41
N VAL F 19 32.63 -14.76 -52.89
CA VAL F 19 33.15 -14.61 -51.50
C VAL F 19 32.02 -14.93 -50.50
N GLN F 20 30.81 -14.42 -50.76
CA GLN F 20 29.58 -14.67 -49.98
C GLN F 20 29.44 -16.17 -49.69
N VAL F 21 29.57 -17.00 -50.73
CA VAL F 21 29.41 -18.49 -50.67
C VAL F 21 30.51 -19.06 -49.77
N LEU F 22 31.74 -18.54 -49.87
CA LEU F 22 32.91 -18.93 -49.06
C LEU F 22 32.69 -18.55 -47.59
N LEU F 23 32.24 -17.32 -47.34
CA LEU F 23 31.92 -16.78 -45.99
C LEU F 23 30.82 -17.63 -45.35
N THR F 24 29.79 -17.97 -46.13
CA THR F 24 28.64 -18.81 -45.72
C THR F 24 29.16 -20.13 -45.17
N THR F 25 29.93 -20.85 -45.98
CA THR F 25 30.52 -22.19 -45.67
C THR F 25 31.44 -22.06 -44.45
N ILE F 26 32.41 -21.15 -44.51
CA ILE F 26 33.40 -20.85 -43.44
C ILE F 26 32.65 -20.58 -42.13
N GLY F 27 31.65 -19.68 -42.17
CA GLY F 27 30.81 -19.29 -41.03
C GLY F 27 29.96 -20.44 -40.52
N ALA F 28 29.38 -21.23 -41.43
CA ALA F 28 28.45 -22.35 -41.14
C ALA F 28 29.13 -23.35 -40.20
N PHE F 29 30.41 -23.62 -40.44
CA PHE F 29 31.20 -24.59 -39.62
C PHE F 29 31.60 -23.90 -38.31
N ALA F 30 31.93 -22.61 -38.36
CA ALA F 30 32.29 -21.83 -37.17
C ALA F 30 31.09 -21.81 -36.21
N ALA F 31 29.90 -21.53 -36.75
CA ALA F 31 28.64 -21.50 -35.98
C ALA F 31 28.39 -22.88 -35.38
N PHE F 32 28.55 -23.93 -36.20
CA PHE F 32 28.36 -25.34 -35.77
C PHE F 32 29.38 -25.63 -34.67
N GLY F 33 30.63 -25.18 -34.87
CA GLY F 33 31.73 -25.39 -33.92
C GLY F 33 31.40 -24.77 -32.57
N LEU F 34 30.92 -23.53 -32.58
CA LEU F 34 30.58 -22.81 -31.33
C LEU F 34 29.49 -23.60 -30.62
N MET F 35 28.47 -24.06 -31.35
CA MET F 35 27.32 -24.78 -30.74
C MET F 35 27.83 -26.09 -30.12
N THR F 36 28.67 -26.83 -30.83
CA THR F 36 29.18 -28.13 -30.34
C THR F 36 30.08 -27.90 -29.12
N ILE F 37 30.93 -26.88 -29.16
CA ILE F 37 31.79 -26.52 -27.99
C ILE F 37 30.87 -26.19 -26.81
N ALA F 38 29.85 -25.36 -27.06
CA ALA F 38 28.90 -24.91 -26.02
C ALA F 38 28.24 -26.13 -25.40
N ILE F 39 27.61 -26.97 -26.21
CA ILE F 39 26.86 -28.16 -25.72
C ILE F 39 27.81 -28.99 -24.84
N SER F 40 28.99 -29.32 -25.36
CA SER F 40 29.95 -30.20 -24.67
C SER F 40 30.53 -29.52 -23.41
N THR F 41 30.80 -28.22 -23.46
CA THR F 41 31.46 -27.49 -22.35
C THR F 41 30.54 -27.47 -21.12
N ASP F 42 31.12 -27.50 -19.92
CA ASP F 42 30.35 -27.54 -18.65
C ASP F 42 30.46 -26.18 -17.95
N TYR F 43 30.70 -25.09 -18.69
CA TYR F 43 30.91 -23.74 -18.08
C TYR F 43 29.71 -22.82 -18.37
N TRP F 44 28.51 -23.35 -18.59
CA TRP F 44 27.32 -22.54 -18.95
C TRP F 44 26.99 -21.53 -17.86
N LEU F 45 27.01 -21.91 -16.58
CA LEU F 45 26.57 -21.00 -15.49
C LEU F 45 27.45 -21.15 -14.24
N TYR F 46 28.00 -20.03 -13.75
CA TYR F 46 28.74 -19.99 -12.47
C TYR F 46 27.76 -19.59 -11.36
N THR F 47 27.58 -20.43 -10.35
CA THR F 47 26.61 -20.15 -9.25
C THR F 47 27.01 -20.88 -7.97
N ARG F 48 26.42 -20.49 -6.85
CA ARG F 48 26.58 -21.20 -5.55
C ARG F 48 25.62 -22.39 -5.53
N ALA F 49 26.14 -23.61 -5.31
CA ALA F 49 25.32 -24.85 -5.30
C ALA F 49 25.52 -25.61 -3.99
N LEU F 50 24.41 -26.12 -3.43
CA LEU F 50 24.38 -26.95 -2.19
C LEU F 50 25.21 -28.22 -2.39
N ILE F 51 25.28 -28.72 -3.64
CA ILE F 51 26.03 -29.95 -4.09
C ILE F 51 27.28 -30.13 -3.21
N CYS F 52 28.13 -29.12 -3.14
CA CYS F 52 29.45 -29.16 -2.46
C CYS F 52 29.51 -28.06 -1.40
N ASN F 53 30.22 -28.31 -0.30
CA ASN F 53 30.39 -27.38 0.86
C ASN F 53 31.79 -26.76 0.80
N GLY F 79 26.29 -24.14 -1.01
CA GLY F 79 26.83 -22.76 -1.12
C GLY F 79 28.25 -22.73 -1.66
N GLY F 80 28.53 -23.49 -2.72
CA GLY F 80 29.87 -23.66 -3.33
C GLY F 80 29.94 -23.00 -4.70
N LEU F 81 31.02 -22.27 -4.98
CA LEU F 81 31.23 -21.69 -6.33
C LEU F 81 31.38 -22.84 -7.34
N THR F 82 30.43 -23.00 -8.27
CA THR F 82 30.42 -24.16 -9.20
C THR F 82 30.29 -23.68 -10.64
N HIS F 83 31.06 -24.25 -11.57
CA HIS F 83 30.84 -24.01 -13.01
C HIS F 83 29.88 -25.08 -13.52
N SER F 84 28.58 -24.82 -13.45
CA SER F 84 27.54 -25.73 -14.00
C SER F 84 27.50 -25.59 -15.52
N GLY F 85 27.27 -26.71 -16.22
CA GLY F 85 27.14 -26.74 -17.68
C GLY F 85 25.78 -27.18 -18.11
N LEU F 86 25.58 -27.25 -19.43
CA LEU F 86 24.36 -27.80 -20.05
C LEU F 86 24.16 -29.25 -19.59
N TRP F 87 25.24 -30.04 -19.50
CA TRP F 87 25.13 -31.49 -19.23
C TRP F 87 25.61 -31.86 -17.83
N ARG F 88 26.82 -31.45 -17.45
CA ARG F 88 27.43 -31.83 -16.15
C ARG F 88 27.75 -30.58 -15.34
N ILE F 89 27.60 -30.66 -14.01
CA ILE F 89 27.96 -29.55 -13.09
C ILE F 89 29.29 -29.92 -12.43
N CYS F 90 30.28 -29.02 -12.51
CA CYS F 90 31.62 -29.23 -11.91
C CYS F 90 31.86 -28.22 -10.80
N CYS F 91 32.08 -28.71 -9.58
CA CYS F 91 32.23 -27.86 -8.39
C CYS F 91 33.67 -27.32 -8.30
N LEU F 92 33.85 -26.16 -7.67
CA LEU F 92 35.19 -25.56 -7.42
C LEU F 92 35.24 -24.99 -6.00
N GLU F 93 36.37 -25.11 -5.32
CA GLU F 93 36.60 -24.51 -3.98
C GLU F 93 35.52 -24.95 -2.97
N GLY F 94 34.99 -26.17 -3.10
CA GLY F 94 33.98 -26.74 -2.18
C GLY F 94 34.54 -27.93 -1.40
N LEU F 95 33.70 -28.95 -1.19
CA LEU F 95 34.10 -30.28 -0.63
C LEU F 95 35.23 -30.87 -1.49
N LYS F 96 35.05 -30.86 -2.81
CA LYS F 96 36.05 -31.32 -3.79
C LYS F 96 36.59 -30.11 -4.57
N ARG F 97 37.37 -30.35 -5.62
CA ARG F 97 37.84 -29.34 -6.61
C ARG F 97 38.09 -30.05 -7.94
N GLY F 98 37.31 -29.73 -8.96
CA GLY F 98 37.36 -30.38 -10.29
C GLY F 98 36.38 -31.55 -10.41
N VAL F 99 35.71 -31.94 -9.32
CA VAL F 99 34.70 -33.04 -9.35
C VAL F 99 33.53 -32.62 -10.26
N CYS F 100 33.14 -33.48 -11.20
CA CYS F 100 32.03 -33.21 -12.16
C CYS F 100 30.96 -34.29 -12.01
N VAL F 101 29.72 -33.89 -11.70
CA VAL F 101 28.59 -34.83 -11.49
C VAL F 101 27.50 -34.48 -12.50
N LYS F 102 26.86 -35.50 -13.08
CA LYS F 102 25.67 -35.36 -13.97
C LYS F 102 24.56 -34.67 -13.15
N ILE F 103 23.95 -33.63 -13.73
CA ILE F 103 22.97 -32.77 -12.99
C ILE F 103 21.66 -33.55 -12.88
N ASN F 104 20.93 -33.40 -11.79
CA ASN F 104 19.56 -33.94 -11.63
C ASN F 104 18.57 -32.89 -12.14
N HIS F 105 18.00 -33.12 -13.32
CA HIS F 105 17.02 -32.19 -13.95
C HIS F 105 15.60 -32.56 -13.52
N PHE F 106 15.44 -33.65 -12.75
CA PHE F 106 14.17 -34.07 -12.12
C PHE F 106 14.40 -34.30 -10.62
N PRO F 107 14.47 -33.23 -9.80
CA PRO F 107 14.43 -33.36 -8.35
C PRO F 107 13.01 -33.65 -7.83
N GLU F 108 12.86 -33.84 -6.51
CA GLU F 108 11.58 -34.08 -5.80
C GLU F 108 10.74 -32.78 -5.80
N ASP F 109 9.73 -32.70 -6.69
CA ASP F 109 8.93 -31.47 -6.98
C ASP F 109 7.48 -31.68 -6.54
N THR F 110 6.66 -30.63 -6.70
CA THR F 110 5.20 -30.60 -6.36
C THR F 110 4.38 -31.04 -7.58
N ASP F 111 4.75 -30.58 -8.79
CA ASP F 111 4.08 -30.91 -10.08
C ASP F 111 4.95 -31.91 -10.85
N TYR F 112 4.58 -33.19 -10.81
CA TYR F 112 5.23 -34.33 -11.52
C TYR F 112 4.17 -35.28 -12.08
N ASP F 113 4.28 -35.62 -13.36
CA ASP F 113 3.31 -36.48 -14.10
C ASP F 113 3.92 -36.88 -15.46
N HIS F 114 3.12 -37.51 -16.33
CA HIS F 114 3.46 -37.75 -17.76
C HIS F 114 3.22 -36.45 -18.55
N ASP F 115 2.10 -35.78 -18.29
CA ASP F 115 1.70 -34.48 -18.90
C ASP F 115 1.50 -33.43 -17.80
N SER F 116 2.58 -32.71 -17.44
CA SER F 116 2.59 -31.52 -16.54
C SER F 116 3.52 -30.45 -17.13
N ALA F 117 3.18 -29.18 -16.94
CA ALA F 117 3.95 -28.01 -17.42
C ALA F 117 5.34 -28.00 -16.78
N GLU F 118 5.40 -28.11 -15.45
CA GLU F 118 6.65 -28.20 -14.63
C GLU F 118 7.54 -29.33 -15.16
N TYR F 119 6.94 -30.51 -15.41
CA TYR F 119 7.62 -31.72 -15.93
C TYR F 119 8.10 -31.47 -17.36
N LEU F 120 7.17 -31.10 -18.25
CA LEU F 120 7.40 -30.96 -19.71
C LEU F 120 8.56 -29.98 -19.97
N LEU F 121 8.67 -28.94 -19.16
CA LEU F 121 9.82 -27.98 -19.16
C LEU F 121 11.10 -28.77 -18.84
N ARG F 122 11.17 -29.39 -17.67
CA ARG F 122 12.34 -30.12 -17.15
C ARG F 122 12.78 -31.17 -18.17
N VAL F 123 11.82 -31.90 -18.75
CA VAL F 123 12.05 -32.91 -19.82
C VAL F 123 12.89 -32.25 -20.92
N VAL F 124 12.43 -31.11 -21.42
CA VAL F 124 13.07 -30.40 -22.56
C VAL F 124 14.43 -29.84 -22.10
N ARG F 125 14.50 -29.32 -20.88
CA ARG F 125 15.78 -28.84 -20.28
C ARG F 125 16.76 -30.00 -20.25
N ALA F 126 16.40 -31.09 -19.59
CA ALA F 126 17.26 -32.27 -19.38
C ALA F 126 17.75 -32.79 -20.73
N SER F 127 16.81 -32.98 -21.66
CA SER F 127 17.10 -33.51 -23.00
C SER F 127 18.03 -32.54 -23.73
N SER F 128 17.81 -31.23 -23.56
CA SER F 128 18.54 -30.18 -24.31
C SER F 128 18.42 -30.49 -25.81
N ILE F 129 17.22 -30.86 -26.24
CA ILE F 129 16.94 -31.31 -27.63
C ILE F 129 17.07 -30.10 -28.56
N PHE F 130 16.79 -28.89 -28.05
CA PHE F 130 16.82 -27.65 -28.83
C PHE F 130 18.26 -27.23 -29.09
N PRO F 131 19.15 -27.05 -28.08
CA PRO F 131 20.57 -26.84 -28.35
C PRO F 131 21.08 -27.83 -29.41
N ILE F 132 20.78 -29.11 -29.22
CA ILE F 132 21.25 -30.21 -30.13
C ILE F 132 20.66 -30.01 -31.52
N LEU F 133 19.36 -29.75 -31.62
CA LEU F 133 18.65 -29.59 -32.93
C LEU F 133 19.35 -28.51 -33.74
N SER F 134 19.67 -27.39 -33.08
CA SER F 134 20.41 -26.25 -33.68
C SER F 134 21.64 -26.78 -34.41
N ALA F 135 22.46 -27.56 -33.71
CA ALA F 135 23.74 -28.13 -34.22
C ALA F 135 23.48 -29.07 -35.40
N ILE F 136 22.46 -29.92 -35.29
CA ILE F 136 22.06 -30.88 -36.36
C ILE F 136 21.69 -30.09 -37.62
N LEU F 137 20.87 -29.05 -37.46
CA LEU F 137 20.41 -28.17 -38.57
C LEU F 137 21.60 -27.41 -39.14
N LEU F 138 22.48 -26.89 -38.28
CA LEU F 138 23.72 -26.18 -38.68
C LEU F 138 24.59 -27.10 -39.55
N LEU F 139 24.75 -28.36 -39.12
CA LEU F 139 25.53 -29.40 -39.83
C LEU F 139 24.85 -29.72 -41.17
N LEU F 140 23.54 -30.00 -41.14
CA LEU F 140 22.72 -30.33 -42.32
C LEU F 140 22.73 -29.16 -43.31
N GLY F 141 22.74 -27.93 -42.81
CA GLY F 141 22.96 -26.71 -43.62
C GLY F 141 24.37 -26.70 -44.22
N GLY F 142 25.37 -27.06 -43.41
CA GLY F 142 26.78 -27.25 -43.81
C GLY F 142 26.95 -28.26 -44.93
N VAL F 143 26.07 -29.27 -44.99
CA VAL F 143 25.97 -30.27 -46.10
C VAL F 143 25.36 -29.57 -47.32
N CYS F 144 24.24 -28.88 -47.12
CA CYS F 144 23.40 -28.28 -48.20
C CYS F 144 24.15 -27.15 -48.90
N VAL F 145 24.97 -26.39 -48.17
CA VAL F 145 25.82 -25.30 -48.73
C VAL F 145 26.92 -25.93 -49.61
N ALA F 146 27.45 -27.09 -49.19
CA ALA F 146 28.46 -27.87 -49.95
C ALA F 146 27.82 -28.44 -51.23
N ALA F 147 26.62 -29.02 -51.09
CA ALA F 147 25.81 -29.60 -52.18
C ALA F 147 25.46 -28.55 -53.23
N SER F 148 25.25 -27.29 -52.82
CA SER F 148 24.92 -26.13 -53.70
C SER F 148 26.08 -25.84 -54.66
N ARG F 149 27.33 -26.09 -54.24
CA ARG F 149 28.55 -25.88 -55.06
C ARG F 149 28.57 -26.87 -56.24
N VAL F 150 28.48 -28.17 -55.95
CA VAL F 150 28.58 -29.28 -56.95
C VAL F 150 27.32 -29.29 -57.84
N TYR F 151 26.13 -29.16 -57.24
CA TYR F 151 24.82 -29.11 -57.94
C TYR F 151 24.34 -27.66 -58.03
N LYS F 152 24.86 -26.93 -59.03
CA LYS F 152 24.40 -25.56 -59.41
C LYS F 152 23.03 -25.65 -60.09
N SER F 153 22.70 -26.82 -60.65
CA SER F 153 21.37 -27.18 -61.24
C SER F 153 20.24 -26.83 -60.26
N LYS F 154 20.34 -27.34 -59.02
CA LYS F 154 19.36 -27.10 -57.91
C LYS F 154 19.69 -25.77 -57.23
N ARG F 155 18.96 -24.71 -57.56
CA ARG F 155 18.94 -23.41 -56.83
C ARG F 155 18.34 -23.65 -55.44
N ASN F 156 17.39 -24.60 -55.34
CA ASN F 156 16.69 -24.97 -54.08
C ASN F 156 17.64 -25.65 -53.09
N ILE F 157 18.84 -26.07 -53.55
CA ILE F 157 19.93 -26.63 -52.70
C ILE F 157 20.29 -25.63 -51.60
N ILE F 158 20.65 -24.39 -51.99
CA ILE F 158 21.08 -23.31 -51.05
C ILE F 158 19.87 -22.78 -50.27
N LEU F 159 18.70 -22.70 -50.92
CA LEU F 159 17.42 -22.27 -50.29
C LEU F 159 17.23 -23.04 -48.98
N GLY F 160 17.29 -24.38 -49.07
CA GLY F 160 17.23 -25.31 -47.94
C GLY F 160 18.29 -24.97 -46.89
N ALA F 161 19.54 -24.81 -47.32
CA ALA F 161 20.70 -24.49 -46.47
C ALA F 161 20.36 -23.29 -45.57
N GLY F 162 19.85 -22.22 -46.18
CA GLY F 162 19.40 -21.01 -45.47
C GLY F 162 18.27 -21.30 -44.50
N ILE F 163 17.18 -21.89 -45.02
CA ILE F 163 15.97 -22.25 -44.22
C ILE F 163 16.43 -23.01 -42.97
N LEU F 164 17.31 -23.99 -43.14
CA LEU F 164 17.91 -24.78 -42.02
C LEU F 164 18.61 -23.83 -41.05
N PHE F 165 19.45 -22.94 -41.56
CA PHE F 165 20.27 -22.03 -40.72
C PHE F 165 19.38 -21.12 -39.87
N VAL F 166 18.30 -20.58 -40.44
CA VAL F 166 17.34 -19.69 -39.73
C VAL F 166 16.65 -20.52 -38.64
N ALA F 167 16.15 -21.71 -39.00
CA ALA F 167 15.50 -22.67 -38.09
C ALA F 167 16.45 -23.02 -36.95
N ALA F 168 17.72 -23.30 -37.28
CA ALA F 168 18.79 -23.57 -36.30
C ALA F 168 18.88 -22.39 -35.33
N GLY F 169 18.78 -21.17 -35.86
CA GLY F 169 18.71 -19.94 -35.07
C GLY F 169 17.55 -19.98 -34.09
N LEU F 170 16.33 -20.15 -34.62
CA LEU F 170 15.09 -20.19 -33.82
C LEU F 170 15.27 -21.22 -32.70
N SER F 171 15.65 -22.44 -33.07
CA SER F 171 15.95 -23.55 -32.13
C SER F 171 16.82 -23.03 -30.99
N ASN F 172 17.92 -22.36 -31.33
CA ASN F 172 18.90 -21.81 -30.36
C ASN F 172 18.17 -20.95 -29.33
N ILE F 173 17.28 -20.06 -29.80
CA ILE F 173 16.56 -19.06 -28.94
C ILE F 173 15.69 -19.84 -27.95
N ILE F 174 14.93 -20.83 -28.44
CA ILE F 174 14.14 -21.72 -27.54
C ILE F 174 15.12 -22.31 -26.53
N GLY F 175 16.23 -22.86 -27.03
CA GLY F 175 17.30 -23.50 -26.24
C GLY F 175 17.80 -22.61 -25.12
N VAL F 176 18.00 -21.33 -25.41
CA VAL F 176 18.43 -20.34 -24.39
C VAL F 176 17.28 -20.11 -23.40
N ILE F 177 16.08 -19.90 -23.92
CA ILE F 177 14.88 -19.59 -23.09
C ILE F 177 14.62 -20.76 -22.14
N VAL F 178 14.44 -21.96 -22.69
CA VAL F 178 14.10 -23.17 -21.88
C VAL F 178 15.14 -23.31 -20.78
N TYR F 179 16.42 -23.07 -21.10
CA TYR F 179 17.54 -23.22 -20.16
C TYR F 179 17.37 -22.20 -19.01
N ILE F 180 17.23 -20.93 -19.35
CA ILE F 180 17.17 -19.83 -18.33
C ILE F 180 15.94 -20.06 -17.46
N SER F 181 14.80 -20.38 -18.07
CA SER F 181 13.52 -20.60 -17.36
C SER F 181 13.68 -21.76 -16.37
N ALA F 182 14.28 -22.86 -16.83
CA ALA F 182 14.47 -24.07 -16.01
C ALA F 182 15.42 -23.77 -14.84
N ASN F 183 16.49 -23.00 -15.09
CA ASN F 183 17.48 -22.64 -14.04
C ASN F 183 16.78 -21.89 -12.92
N ALA F 184 15.92 -20.94 -13.28
CA ALA F 184 15.13 -20.15 -12.30
C ALA F 184 14.21 -21.09 -11.52
N GLY F 185 13.57 -22.03 -12.21
CA GLY F 185 12.56 -22.96 -11.67
C GLY F 185 11.15 -22.67 -12.16
N LYS F 196 18.95 -13.40 -2.67
CA LYS F 196 18.98 -13.96 -4.06
C LYS F 196 20.40 -14.42 -4.39
N ASN F 197 20.59 -15.73 -4.60
CA ASN F 197 21.89 -16.36 -4.95
C ASN F 197 22.41 -15.73 -6.24
N HIS F 198 23.65 -15.25 -6.26
CA HIS F 198 24.24 -14.59 -7.45
C HIS F 198 24.49 -15.68 -8.52
N TYR F 199 24.10 -15.43 -9.77
CA TYR F 199 24.43 -16.32 -10.90
C TYR F 199 25.00 -15.47 -12.03
N SER F 200 26.06 -15.94 -12.67
CA SER F 200 26.70 -15.25 -13.81
C SER F 200 26.91 -16.23 -14.96
N TYR F 201 26.38 -15.91 -16.14
CA TYR F 201 26.46 -16.78 -17.32
C TYR F 201 27.93 -16.85 -17.73
N GLY F 202 28.50 -18.07 -17.75
CA GLY F 202 29.89 -18.35 -18.16
C GLY F 202 30.05 -18.37 -19.68
N TRP F 203 31.28 -18.46 -20.16
CA TRP F 203 31.69 -18.30 -21.58
C TRP F 203 30.96 -19.29 -22.50
N SER F 204 30.67 -20.50 -22.02
CA SER F 204 30.00 -21.57 -22.80
C SER F 204 28.65 -21.10 -23.35
N PHE F 205 27.86 -20.43 -22.52
CA PHE F 205 26.55 -19.85 -22.88
C PHE F 205 26.71 -18.88 -24.05
N TYR F 206 27.62 -17.92 -23.88
CA TYR F 206 27.87 -16.82 -24.85
C TYR F 206 28.32 -17.37 -26.20
N PHE F 207 28.98 -18.54 -26.21
CA PHE F 207 29.28 -19.30 -27.45
C PHE F 207 27.97 -19.63 -28.16
N GLY F 208 27.02 -20.21 -27.42
CA GLY F 208 25.66 -20.52 -27.90
C GLY F 208 24.95 -19.25 -28.33
N GLY F 209 25.17 -18.15 -27.62
CA GLY F 209 24.72 -16.81 -28.01
C GLY F 209 25.35 -16.39 -29.33
N LEU F 210 26.67 -16.48 -29.44
CA LEU F 210 27.44 -16.13 -30.66
C LEU F 210 27.06 -17.08 -31.80
N SER F 211 26.80 -18.35 -31.47
CA SER F 211 26.33 -19.40 -32.41
C SER F 211 25.09 -18.89 -33.16
N PHE F 212 24.10 -18.41 -32.42
CA PHE F 212 22.83 -17.88 -32.98
C PHE F 212 23.12 -16.73 -33.94
N ILE F 213 23.91 -15.76 -33.48
CA ILE F 213 24.24 -14.52 -34.25
C ILE F 213 24.80 -14.93 -35.61
N LEU F 214 25.79 -15.83 -35.61
CA LEU F 214 26.36 -16.43 -36.84
C LEU F 214 25.27 -17.16 -37.62
N ALA F 215 24.57 -18.08 -36.95
CA ALA F 215 23.51 -18.93 -37.54
C ALA F 215 22.50 -18.06 -38.30
N GLU F 216 22.14 -16.91 -37.73
CA GLU F 216 21.26 -15.91 -38.39
C GLU F 216 21.98 -15.38 -39.63
N VAL F 217 23.22 -14.91 -39.47
CA VAL F 217 24.02 -14.21 -40.52
C VAL F 217 24.20 -15.12 -41.73
N ILE F 218 24.67 -16.35 -41.52
CA ILE F 218 24.85 -17.34 -42.62
C ILE F 218 23.48 -17.58 -43.29
N GLY F 219 22.40 -17.57 -42.52
CA GLY F 219 21.01 -17.63 -43.02
C GLY F 219 20.70 -16.48 -43.97
N VAL F 220 21.11 -15.26 -43.61
CA VAL F 220 20.93 -14.04 -44.46
C VAL F 220 21.71 -14.26 -45.76
N LEU F 221 22.99 -14.63 -45.64
CA LEU F 221 23.90 -14.85 -46.81
C LEU F 221 23.27 -15.89 -47.73
N ALA F 222 22.82 -17.01 -47.15
CA ALA F 222 22.16 -18.13 -47.86
C ALA F 222 20.98 -17.60 -48.68
N VAL F 223 20.19 -16.69 -48.11
CA VAL F 223 19.02 -16.04 -48.76
C VAL F 223 19.52 -15.19 -49.93
N ASN F 224 20.52 -14.34 -49.70
CA ASN F 224 21.14 -13.47 -50.73
C ASN F 224 21.60 -14.33 -51.91
N ILE F 225 22.31 -15.43 -51.63
CA ILE F 225 22.87 -16.37 -52.65
C ILE F 225 21.71 -16.93 -53.48
N TYR F 226 20.65 -17.39 -52.84
CA TYR F 226 19.46 -17.96 -53.49
C TYR F 226 18.85 -16.93 -54.45
N ILE F 227 18.68 -15.70 -53.97
CA ILE F 227 18.10 -14.57 -54.74
C ILE F 227 19.00 -14.25 -55.94
N GLU F 228 20.33 -14.28 -55.75
CA GLU F 228 21.34 -14.08 -56.84
C GLU F 228 21.20 -15.19 -57.89
N ARG F 229 21.28 -16.45 -57.46
CA ARG F 229 21.20 -17.66 -58.33
C ARG F 229 19.86 -17.70 -59.06
N SER F 230 18.76 -17.30 -58.40
CA SER F 230 17.39 -17.23 -58.98
C SER F 230 17.32 -16.10 -60.02
N ARG F 231 17.99 -14.96 -59.76
CA ARG F 231 18.08 -13.82 -60.70
C ARG F 231 18.92 -14.20 -61.93
N GLU F 232 19.92 -15.07 -61.76
CA GLU F 232 20.77 -15.61 -62.86
C GLU F 232 19.89 -16.49 -63.78
N ALA F 233 19.07 -17.36 -63.18
CA ALA F 233 18.06 -18.21 -63.87
C ALA F 233 16.97 -17.32 -64.50
N HIS F 234 16.58 -16.24 -63.79
CA HIS F 234 15.58 -15.23 -64.26
C HIS F 234 16.14 -14.47 -65.47
N CYS F 235 15.25 -14.01 -66.36
CA CYS F 235 15.57 -13.26 -67.61
C CYS F 235 16.45 -14.11 -68.53
#